data_7VL1
#
_entry.id   7VL1
#
_cell.length_a   165.545
_cell.length_b   71.827
_cell.length_c   130.574
_cell.angle_alpha   90.000
_cell.angle_beta   105.140
_cell.angle_gamma   90.000
#
_symmetry.space_group_name_H-M   'C 1 2 1'
#
loop_
_entity.id
_entity.type
_entity.pdbx_description
1 polymer beta-1,2-glucosyltransferase
2 non-polymer 'methyl alpha-D-glucopyranoside'
3 non-polymer 'CALCIUM ION'
4 water water
#
_entity_poly.entity_id   1
_entity_poly.type   'polypeptide(L)'
_entity_poly.pdbx_seq_one_letter_code
;SEKYFVKNGQPHFLISGEVHYFRINPKLWRNHLQLLKQTGADTVSTYIPWDWHEIEEDDFDFEGKTHPARNLIRFIKLCK
EENLDLIVKPGPYILAEYENQGLPSWLLKKLSKNAFALDENGNVISPDLVSYLSDEFLEYTFKWYDKVMPIISKHQKEHY
GPITMMQLCNEIGVFQWLSGKSDYNPKVINLYKEFIIQRYKTIEKLNSVYSTNYNSFDDLKAPSGKIKLRSDYCAYFDFH
LFFREYYNKYISILKNKIRSFGINIKLTHNIPGWIYGNASELPMLISTYSEIMKNHPDIIFGLDHIPEFVSFRNAHSDLA
CNKILEAMQPEAPVWAAEFQAGTREHHVKAYAKDLETFYIASLAHGIKGFNYYMFSQGINPEGKGFYGKTFYFQTALDAA
SNKLALYDSIKKVNRFIRKEQKDLLRTNVNSEICVGFYKPYFFTELISSQLLKEKKLNVEELGLYIDPRFLREEILFNGL
LRGLQTLNYNYDVVDLENCDLKSLTAYKQLWITSAEFMDAETQNLLSEFVLNGGNLILYPAVPTLDNYLNRCEILKNNFG
IEFITKDSSHKVSAFGIEDVFTAFSKKQIYNDTNSKPIAFTQENEICGIRKKIGKGELTILGFAFGYTSDEHLELIDKLV
KLNKIKRELFVSDKDIQFVVRENNKSRYIFFLNYHNERKTFNYRKSSELKKKKSEEISIAPFSYKVIKENK
;
_entity_poly.pdbx_strand_id   A,B
#
loop_
_chem_comp.id
_chem_comp.type
_chem_comp.name
_chem_comp.formula
CA non-polymer 'CALCIUM ION' 'Ca 2'
GYP D-saccharide 'methyl alpha-D-glucopyranoside' 'C7 H14 O6'
#
# COMPACT_ATOMS: atom_id res chain seq x y z
N SER A 1 -23.32 -2.14 31.76
CA SER A 1 -23.10 -3.16 30.67
C SER A 1 -21.67 -3.09 30.09
N GLU A 2 -20.89 -2.02 30.32
CA GLU A 2 -19.53 -1.91 29.70
C GLU A 2 -18.58 -2.90 30.39
N LYS A 3 -17.60 -3.42 29.64
CA LYS A 3 -16.49 -4.23 30.22
C LYS A 3 -15.28 -3.29 30.39
N TYR A 4 -14.66 -3.30 31.56
CA TYR A 4 -13.49 -2.44 31.89
C TYR A 4 -12.70 -3.13 32.99
N PHE A 5 -11.44 -2.74 33.13
CA PHE A 5 -10.58 -3.25 34.22
C PHE A 5 -11.10 -2.60 35.50
N VAL A 6 -10.90 -3.32 36.60
CA VAL A 6 -11.35 -2.94 37.96
C VAL A 6 -10.14 -2.98 38.89
N LYS A 7 -9.92 -1.94 39.68
CA LYS A 7 -8.90 -1.98 40.77
C LYS A 7 -9.63 -1.59 42.05
N ASN A 8 -9.67 -2.51 43.02
CA ASN A 8 -10.20 -2.22 44.38
C ASN A 8 -11.67 -1.83 44.22
N GLY A 9 -12.39 -2.62 43.43
CA GLY A 9 -13.84 -2.50 43.13
C GLY A 9 -14.25 -1.23 42.40
N GLN A 10 -13.33 -0.47 41.78
CA GLN A 10 -13.65 0.76 41.00
C GLN A 10 -13.14 0.58 39.58
N PRO A 11 -13.75 1.26 38.58
CA PRO A 11 -13.21 1.24 37.22
C PRO A 11 -11.75 1.72 37.27
N HIS A 12 -10.86 1.03 36.53
CA HIS A 12 -9.44 1.42 36.42
C HIS A 12 -9.06 1.47 34.94
N PHE A 13 -8.55 2.59 34.45
CA PHE A 13 -8.05 2.64 33.05
C PHE A 13 -6.64 2.05 33.08
N LEU A 14 -6.38 0.91 32.46
CA LEU A 14 -5.00 0.35 32.45
C LEU A 14 -4.15 1.24 31.54
N ILE A 15 -3.18 1.95 32.11
CA ILE A 15 -2.16 2.74 31.36
C ILE A 15 -0.79 2.14 31.67
N SER A 16 -0.25 1.44 30.70
CA SER A 16 1.07 0.81 30.76
C SER A 16 1.99 1.46 29.74
N GLY A 17 3.29 1.36 30.00
CA GLY A 17 4.35 1.71 29.05
C GLY A 17 5.34 0.59 28.91
N GLU A 18 5.76 0.34 27.68
CA GLU A 18 6.78 -0.70 27.38
C GLU A 18 8.16 -0.09 27.62
N VAL A 19 8.96 -0.75 28.44
CA VAL A 19 10.34 -0.36 28.83
C VAL A 19 11.20 -1.64 28.80
N HIS A 20 12.12 -1.80 27.83
CA HIS A 20 12.93 -3.04 27.70
C HIS A 20 14.20 -2.91 28.53
N TYR A 21 14.20 -3.49 29.73
CA TYR A 21 15.34 -3.40 30.68
C TYR A 21 16.61 -3.90 29.97
N PHE A 22 16.49 -4.92 29.10
CA PHE A 22 17.63 -5.58 28.41
C PHE A 22 18.25 -4.67 27.36
N ARG A 23 17.63 -3.54 27.04
CA ARG A 23 18.08 -2.57 26.00
C ARG A 23 18.34 -1.18 26.61
N ILE A 24 18.44 -1.09 27.94
CA ILE A 24 18.67 0.18 28.66
C ILE A 24 19.81 -0.04 29.66
N ASN A 25 20.72 0.94 29.73
CA ASN A 25 21.77 0.95 30.75
C ASN A 25 21.11 0.75 32.11
N PRO A 26 21.44 -0.31 32.88
CA PRO A 26 20.78 -0.51 34.17
C PRO A 26 20.94 0.60 35.21
N LYS A 27 21.96 1.43 35.07
CA LYS A 27 22.11 2.60 35.94
C LYS A 27 20.99 3.62 35.64
N LEU A 28 20.24 3.47 34.55
CA LEU A 28 19.19 4.44 34.17
C LEU A 28 17.79 3.79 34.29
N TRP A 29 17.68 2.51 34.65
CA TRP A 29 16.33 1.86 34.82
C TRP A 29 15.43 2.67 35.75
N ARG A 30 15.93 3.09 36.91
CA ARG A 30 15.08 3.81 37.88
C ARG A 30 14.57 5.11 37.24
N ASN A 31 15.40 5.83 36.51
CA ASN A 31 14.96 7.12 35.90
C ASN A 31 13.85 6.84 34.88
N HIS A 32 14.01 5.82 34.04
CA HIS A 32 12.93 5.45 33.08
C HIS A 32 11.63 5.17 33.85
N LEU A 33 11.70 4.37 34.91
CA LEU A 33 10.46 3.99 35.61
C LEU A 33 9.85 5.24 36.27
N GLN A 34 10.66 6.11 36.87
CA GLN A 34 10.13 7.32 37.55
C GLN A 34 9.43 8.20 36.49
N LEU A 35 10.07 8.43 35.35
CA LEU A 35 9.51 9.32 34.29
C LEU A 35 8.21 8.68 33.73
N LEU A 36 8.13 7.36 33.59
CA LEU A 36 6.88 6.66 33.18
C LEU A 36 5.79 6.88 34.25
N LYS A 37 6.08 6.63 35.53
CA LYS A 37 5.11 6.87 36.62
C LYS A 37 4.62 8.32 36.59
N GLN A 38 5.51 9.28 36.32
CA GLN A 38 5.14 10.72 36.37
C GLN A 38 4.18 11.09 35.21
N THR A 39 4.03 10.27 34.17
CA THR A 39 2.96 10.50 33.16
C THR A 39 1.57 10.07 33.66
N GLY A 40 1.47 9.41 34.82
CA GLY A 40 0.20 8.87 35.36
C GLY A 40 0.01 7.42 34.95
N ALA A 41 0.95 6.81 34.23
CA ALA A 41 0.89 5.35 33.98
C ALA A 41 0.91 4.59 35.32
N ASP A 42 0.22 3.45 35.39
CA ASP A 42 0.19 2.61 36.62
C ASP A 42 1.02 1.32 36.43
N THR A 43 1.35 0.97 35.20
CA THR A 43 1.97 -0.33 34.83
C THR A 43 3.13 -0.11 33.88
N VAL A 44 4.09 -1.02 33.92
CA VAL A 44 5.21 -1.14 32.96
C VAL A 44 5.20 -2.55 32.39
N SER A 45 5.65 -2.67 31.15
CA SER A 45 5.57 -3.91 30.38
C SER A 45 6.92 -4.20 29.69
N THR A 46 7.33 -5.45 29.74
CA THR A 46 8.58 -5.89 29.12
C THR A 46 8.55 -7.36 28.72
N TYR A 47 9.25 -7.65 27.65
CA TYR A 47 9.70 -9.02 27.29
C TYR A 47 10.80 -9.46 28.26
N ILE A 48 10.85 -10.77 28.51
CA ILE A 48 11.99 -11.43 29.19
C ILE A 48 12.58 -12.39 28.15
N PRO A 49 13.63 -11.99 27.42
CA PRO A 49 14.09 -12.77 26.27
C PRO A 49 14.87 -14.01 26.67
N TRP A 50 14.45 -15.13 26.13
CA TRP A 50 15.07 -16.46 26.38
C TRP A 50 16.54 -16.38 25.97
N ASP A 51 16.83 -15.87 24.78
CA ASP A 51 18.23 -15.70 24.30
C ASP A 51 19.07 -14.90 25.29
N TRP A 52 18.52 -13.89 25.94
CA TRP A 52 19.27 -12.95 26.80
C TRP A 52 19.66 -13.65 28.11
N HIS A 53 18.83 -14.59 28.57
CA HIS A 53 18.97 -15.11 29.95
C HIS A 53 19.56 -16.53 29.95
N GLU A 54 19.32 -17.35 28.94
CA GLU A 54 19.95 -18.70 28.83
C GLU A 54 21.12 -18.53 27.86
N ILE A 55 22.22 -18.00 28.40
CA ILE A 55 23.33 -17.43 27.59
C ILE A 55 24.06 -18.54 26.82
N GLU A 56 24.10 -19.75 27.36
CA GLU A 56 24.52 -20.99 26.66
C GLU A 56 23.59 -22.07 27.16
N GLU A 57 23.59 -23.24 26.55
CA GLU A 57 22.64 -24.29 27.01
C GLU A 57 22.89 -24.59 28.49
N ASP A 58 21.84 -24.45 29.31
CA ASP A 58 21.81 -24.74 30.77
C ASP A 58 22.70 -23.78 31.56
N ASP A 59 22.97 -22.58 31.04
CA ASP A 59 23.72 -21.52 31.75
C ASP A 59 22.79 -20.31 31.85
N PHE A 60 22.19 -20.09 33.02
CA PHE A 60 21.13 -19.04 33.19
C PHE A 60 21.68 -17.87 33.99
N ASP A 61 21.32 -16.65 33.60
CA ASP A 61 21.70 -15.44 34.37
C ASP A 61 20.48 -14.54 34.44
N PHE A 62 19.89 -14.36 35.62
CA PHE A 62 18.81 -13.40 35.87
C PHE A 62 19.27 -12.31 36.82
N GLU A 63 20.55 -12.31 37.19
CA GLU A 63 21.06 -11.47 38.32
C GLU A 63 22.10 -10.45 37.85
N GLY A 64 22.41 -10.42 36.56
CA GLY A 64 23.44 -9.50 36.03
C GLY A 64 24.86 -9.99 36.34
N LYS A 65 25.05 -11.31 36.52
CA LYS A 65 26.40 -11.90 36.79
C LYS A 65 27.31 -11.73 35.57
N THR A 66 26.79 -11.84 34.35
CA THR A 66 27.60 -11.87 33.11
C THR A 66 27.40 -10.62 32.27
N HIS A 67 26.32 -9.88 32.46
CA HIS A 67 26.08 -8.56 31.83
C HIS A 67 25.13 -7.85 32.76
N PRO A 68 25.39 -6.59 33.16
CA PRO A 68 24.53 -5.92 34.13
C PRO A 68 23.03 -5.93 33.74
N ALA A 69 22.73 -5.91 32.45
CA ALA A 69 21.33 -5.76 31.98
C ALA A 69 20.64 -7.13 31.95
N ARG A 70 21.30 -8.20 32.41
CA ARG A 70 20.66 -9.53 32.64
C ARG A 70 20.04 -9.59 34.04
N ASN A 71 20.12 -8.50 34.82
CA ASN A 71 19.61 -8.39 36.20
C ASN A 71 18.10 -8.14 36.21
N LEU A 72 17.35 -9.11 35.70
CA LEU A 72 15.87 -9.10 35.76
C LEU A 72 15.42 -8.92 37.19
N ILE A 73 16.07 -9.60 38.16
CA ILE A 73 15.58 -9.55 39.55
C ILE A 73 15.58 -8.11 40.02
N ARG A 74 16.65 -7.38 39.71
CA ARG A 74 16.74 -5.96 40.11
C ARG A 74 15.65 -5.12 39.41
N PHE A 75 15.37 -5.37 38.12
CA PHE A 75 14.34 -4.60 37.42
C PHE A 75 12.98 -4.81 38.09
N ILE A 76 12.65 -6.06 38.44
CA ILE A 76 11.38 -6.36 39.15
C ILE A 76 11.32 -5.57 40.45
N LYS A 77 12.41 -5.59 41.23
CA LYS A 77 12.45 -4.91 42.53
C LYS A 77 12.29 -3.39 42.33
N LEU A 78 12.86 -2.82 41.27
CA LEU A 78 12.76 -1.37 41.00
C LEU A 78 11.30 -1.04 40.63
N CYS A 79 10.63 -1.90 39.86
CA CYS A 79 9.19 -1.62 39.51
C CYS A 79 8.38 -1.48 40.82
N LYS A 80 8.60 -2.40 41.75
CA LYS A 80 7.92 -2.36 43.07
C LYS A 80 8.30 -1.08 43.84
N GLU A 81 9.59 -0.69 43.89
CA GLU A 81 10.05 0.53 44.61
C GLU A 81 9.42 1.77 43.98
N GLU A 82 9.14 1.79 42.68
CA GLU A 82 8.62 2.98 41.96
C GLU A 82 7.11 2.87 41.72
N ASN A 83 6.43 1.97 42.43
CA ASN A 83 4.95 1.88 42.49
C ASN A 83 4.37 1.69 41.09
N LEU A 84 5.00 0.82 40.32
CA LEU A 84 4.45 0.40 39.02
C LEU A 84 4.17 -1.11 39.08
N ASP A 85 2.98 -1.51 38.61
CA ASP A 85 2.70 -2.94 38.35
C ASP A 85 3.45 -3.35 37.08
N LEU A 86 3.68 -4.64 36.90
CA LEU A 86 4.56 -5.16 35.84
C LEU A 86 3.81 -6.24 35.04
N ILE A 87 3.84 -6.10 33.72
CA ILE A 87 3.46 -7.14 32.73
C ILE A 87 4.76 -7.78 32.28
N VAL A 88 4.87 -9.12 32.36
CA VAL A 88 6.08 -9.85 31.88
C VAL A 88 5.69 -10.73 30.69
N LYS A 89 6.61 -10.88 29.73
CA LYS A 89 6.32 -11.58 28.47
C LYS A 89 7.53 -12.45 28.14
N PRO A 90 7.63 -13.68 28.71
CA PRO A 90 8.84 -14.49 28.52
C PRO A 90 8.88 -15.41 27.30
N GLY A 91 7.92 -15.29 26.41
CA GLY A 91 8.03 -16.05 25.16
C GLY A 91 7.38 -17.44 25.28
N PRO A 92 7.88 -18.44 24.52
CA PRO A 92 9.26 -18.46 24.00
C PRO A 92 9.60 -17.46 22.87
N TYR A 93 8.71 -17.27 21.89
CA TYR A 93 8.90 -16.15 20.94
C TYR A 93 8.52 -14.82 21.59
N ILE A 94 9.33 -13.79 21.30
CA ILE A 94 9.02 -12.37 21.63
C ILE A 94 8.94 -11.52 20.37
N LEU A 95 9.51 -11.95 19.26
CA LEU A 95 9.71 -11.13 18.05
C LEU A 95 10.52 -9.90 18.45
N ALA A 96 9.85 -8.78 18.78
CA ALA A 96 10.53 -7.62 19.41
C ALA A 96 11.76 -7.11 18.62
N GLU A 97 11.85 -7.35 17.29
CA GLU A 97 13.05 -6.95 16.50
C GLU A 97 14.33 -7.38 17.23
N TYR A 98 14.29 -8.54 17.87
CA TYR A 98 15.42 -9.17 18.57
C TYR A 98 15.94 -10.30 17.69
N GLU A 99 17.26 -10.47 17.59
CA GLU A 99 17.84 -11.53 16.74
C GLU A 99 17.10 -12.85 17.00
N ASN A 100 16.74 -13.55 15.93
CA ASN A 100 16.11 -14.89 15.98
C ASN A 100 14.76 -14.82 16.68
N GLN A 101 14.14 -13.64 16.70
CA GLN A 101 12.80 -13.44 17.33
C GLN A 101 12.83 -13.80 18.82
N GLY A 102 14.00 -13.80 19.48
CA GLY A 102 14.10 -14.08 20.91
C GLY A 102 14.66 -15.44 21.24
N LEU A 103 14.66 -16.37 20.30
CA LEU A 103 15.12 -17.74 20.59
C LEU A 103 16.65 -17.72 20.67
N PRO A 104 17.25 -18.53 21.57
CA PRO A 104 18.70 -18.57 21.66
C PRO A 104 19.37 -19.06 20.37
N SER A 105 20.46 -18.38 19.97
CA SER A 105 21.36 -18.84 18.87
C SER A 105 21.74 -20.29 19.08
N TRP A 106 22.14 -20.65 20.30
CA TRP A 106 22.62 -22.02 20.60
C TRP A 106 21.49 -23.03 20.32
N LEU A 107 20.24 -22.64 20.62
CA LEU A 107 19.06 -23.54 20.39
C LEU A 107 18.90 -23.76 18.89
N LEU A 108 18.83 -22.69 18.09
CA LEU A 108 18.55 -22.84 16.63
C LEU A 108 19.68 -23.60 15.95
N LYS A 109 20.88 -23.56 16.52
CA LYS A 109 22.03 -24.28 15.91
C LYS A 109 21.90 -25.75 16.26
N LYS A 110 21.40 -26.07 17.44
CA LYS A 110 21.35 -27.46 17.94
C LYS A 110 20.13 -28.24 17.44
N LEU A 111 18.99 -27.58 17.25
CA LEU A 111 17.74 -28.33 16.89
C LEU A 111 17.95 -29.15 15.62
N SER A 112 17.34 -30.33 15.55
CA SER A 112 17.36 -31.14 14.31
C SER A 112 16.27 -30.61 13.39
N LYS A 113 16.33 -31.00 12.10
CA LYS A 113 15.51 -30.44 10.99
C LYS A 113 14.02 -30.56 11.34
N ASN A 114 13.63 -31.63 12.02
CA ASN A 114 12.21 -31.94 12.33
C ASN A 114 11.69 -31.05 13.47
N ALA A 115 12.49 -30.10 13.95
CA ALA A 115 11.97 -29.09 14.90
C ALA A 115 11.39 -27.89 14.18
N PHE A 116 11.67 -27.71 12.87
CA PHE A 116 11.39 -26.46 12.11
C PHE A 116 10.08 -26.59 11.33
N ALA A 117 9.46 -25.47 11.02
CA ALA A 117 8.34 -25.37 10.04
C ALA A 117 8.90 -25.70 8.64
N LEU A 118 8.21 -26.58 7.91
CA LEU A 118 8.69 -27.12 6.61
C LEU A 118 7.65 -26.83 5.53
N ASP A 119 8.09 -26.52 4.32
CA ASP A 119 7.19 -26.38 3.14
C ASP A 119 6.78 -27.81 2.67
N GLU A 120 5.92 -27.94 1.66
CA GLU A 120 5.41 -29.28 1.19
C GLU A 120 6.53 -30.13 0.59
N ASN A 121 7.60 -29.48 0.08
CA ASN A 121 8.79 -30.18 -0.46
C ASN A 121 9.68 -30.66 0.69
N GLY A 122 9.43 -30.22 1.93
CA GLY A 122 10.19 -30.68 3.11
C GLY A 122 11.37 -29.76 3.44
N ASN A 123 11.44 -28.56 2.84
CA ASN A 123 12.55 -27.58 3.08
C ASN A 123 12.15 -26.61 4.21
N VAL A 124 13.14 -26.16 4.99
CA VAL A 124 12.98 -25.22 6.13
C VAL A 124 12.49 -23.87 5.58
N ILE A 125 11.37 -23.38 6.10
CA ILE A 125 10.80 -22.10 5.64
C ILE A 125 11.74 -20.97 6.07
N SER A 126 12.22 -21.01 7.31
CA SER A 126 13.15 -19.99 7.88
C SER A 126 13.96 -20.58 9.02
N PRO A 127 15.29 -20.25 9.10
CA PRO A 127 16.14 -20.81 10.14
C PRO A 127 15.78 -20.35 11.56
N ASP A 128 14.88 -19.37 11.72
CA ASP A 128 14.40 -18.98 13.07
C ASP A 128 12.92 -19.32 13.27
N LEU A 129 12.29 -20.07 12.34
CA LEU A 129 10.87 -20.50 12.47
C LEU A 129 10.74 -21.98 12.86
N VAL A 130 10.44 -22.25 14.14
CA VAL A 130 10.23 -23.62 14.67
C VAL A 130 8.79 -24.05 14.34
N SER A 131 8.55 -25.35 14.43
CA SER A 131 7.19 -25.95 14.43
C SER A 131 6.66 -25.89 15.85
N TYR A 132 5.53 -25.22 16.09
CA TYR A 132 5.07 -24.94 17.49
C TYR A 132 4.99 -26.21 18.32
N LEU A 133 4.52 -27.34 17.78
CA LEU A 133 4.33 -28.55 18.61
C LEU A 133 5.49 -29.52 18.40
N SER A 134 6.60 -29.09 17.79
CA SER A 134 7.85 -29.90 17.76
C SER A 134 8.16 -30.42 19.17
N ASP A 135 8.39 -31.72 19.32
CA ASP A 135 8.76 -32.28 20.64
C ASP A 135 10.05 -31.63 21.17
N GLU A 136 11.02 -31.41 20.31
CA GLU A 136 12.34 -30.86 20.72
C GLU A 136 12.13 -29.42 21.18
N PHE A 137 11.40 -28.63 20.41
CA PHE A 137 11.11 -27.21 20.73
C PHE A 137 10.44 -27.10 22.10
N LEU A 138 9.42 -27.91 22.35
CA LEU A 138 8.68 -27.83 23.63
C LEU A 138 9.56 -28.31 24.80
N GLU A 139 10.44 -29.29 24.60
CA GLU A 139 11.34 -29.75 25.68
C GLU A 139 12.21 -28.57 26.14
N TYR A 140 12.80 -27.84 25.19
CA TYR A 140 13.72 -26.71 25.52
C TYR A 140 12.88 -25.53 26.04
N THR A 141 11.71 -25.31 25.47
CA THR A 141 10.79 -24.26 26.00
C THR A 141 10.48 -24.54 27.46
N PHE A 142 10.23 -25.80 27.80
CA PHE A 142 9.89 -26.19 29.19
C PHE A 142 11.10 -25.97 30.10
N LYS A 143 12.32 -26.25 29.63
CA LYS A 143 13.54 -26.00 30.45
C LYS A 143 13.75 -24.49 30.67
N TRP A 144 13.40 -23.66 29.69
CA TRP A 144 13.40 -22.18 29.86
C TRP A 144 12.33 -21.77 30.89
N TYR A 145 11.11 -22.28 30.76
CA TYR A 145 10.04 -22.03 31.73
C TYR A 145 10.46 -22.48 33.14
N ASP A 146 11.15 -23.61 33.27
CA ASP A 146 11.58 -24.11 34.59
C ASP A 146 12.41 -23.06 35.34
N LYS A 147 13.13 -22.19 34.62
CA LYS A 147 14.01 -21.18 35.26
C LYS A 147 13.30 -19.83 35.40
N VAL A 148 12.56 -19.35 34.40
CA VAL A 148 11.97 -17.99 34.45
C VAL A 148 10.67 -18.03 35.24
N MET A 149 9.90 -19.11 35.16
CA MET A 149 8.55 -19.11 35.80
C MET A 149 8.63 -19.08 37.33
N PRO A 150 9.62 -19.71 38.02
CA PRO A 150 9.66 -19.56 39.48
C PRO A 150 9.89 -18.11 39.90
N ILE A 151 10.66 -17.37 39.12
CA ILE A 151 10.91 -15.93 39.40
C ILE A 151 9.58 -15.17 39.26
N ILE A 152 8.90 -15.34 38.13
CA ILE A 152 7.57 -14.69 37.88
C ILE A 152 6.60 -15.07 39.01
N SER A 153 6.55 -16.34 39.42
CA SER A 153 5.62 -16.79 40.47
C SER A 153 5.91 -16.07 41.78
N LYS A 154 7.18 -16.00 42.16
CA LYS A 154 7.66 -15.40 43.44
C LYS A 154 7.20 -13.94 43.51
N HIS A 155 7.17 -13.25 42.36
CA HIS A 155 7.00 -11.79 42.28
C HIS A 155 5.58 -11.37 41.84
N GLN A 156 4.63 -12.30 41.85
CA GLN A 156 3.20 -11.98 41.58
C GLN A 156 2.60 -11.03 42.63
N LYS A 157 1.60 -10.26 42.23
CA LYS A 157 0.79 -9.37 43.11
C LYS A 157 0.30 -10.13 44.36
N GLU A 158 -0.14 -11.39 44.24
CA GLU A 158 -0.69 -12.12 45.42
C GLU A 158 0.41 -12.37 46.47
N HIS A 159 1.70 -12.32 46.12
CA HIS A 159 2.83 -12.43 47.07
C HIS A 159 3.45 -11.04 47.30
N TYR A 160 2.71 -9.96 47.08
CA TYR A 160 3.11 -8.54 47.31
C TYR A 160 4.19 -8.09 46.31
N GLY A 161 4.38 -8.84 45.21
CA GLY A 161 5.28 -8.44 44.12
C GLY A 161 4.52 -7.53 43.16
N PRO A 162 5.19 -7.01 42.13
CA PRO A 162 4.53 -6.12 41.19
C PRO A 162 3.85 -6.78 39.98
N ILE A 163 4.06 -8.08 39.76
CA ILE A 163 3.60 -8.69 38.49
C ILE A 163 2.09 -8.96 38.52
N THR A 164 1.37 -8.39 37.55
CA THR A 164 -0.12 -8.49 37.46
C THR A 164 -0.57 -9.28 36.25
N MET A 165 0.26 -9.43 35.22
CA MET A 165 -0.20 -10.06 33.95
C MET A 165 1.01 -10.69 33.29
N MET A 166 0.79 -11.73 32.52
CA MET A 166 1.86 -12.38 31.73
C MET A 166 1.30 -12.74 30.36
N GLN A 167 2.06 -12.42 29.33
CA GLN A 167 1.72 -12.79 27.95
C GLN A 167 2.31 -14.17 27.65
N LEU A 168 1.50 -15.04 27.03
CA LEU A 168 2.01 -16.33 26.53
C LEU A 168 2.53 -16.18 25.10
N CYS A 169 3.81 -16.52 24.87
CA CYS A 169 4.45 -16.45 23.54
C CYS A 169 4.18 -15.07 22.95
N ASN A 170 4.06 -14.93 21.63
CA ASN A 170 3.89 -13.60 21.01
C ASN A 170 3.27 -13.76 19.62
N GLU A 171 2.09 -13.19 19.44
CA GLU A 171 1.39 -13.15 18.11
C GLU A 171 1.44 -14.52 17.41
N ILE A 172 0.88 -15.54 18.03
CA ILE A 172 0.88 -16.91 17.45
C ILE A 172 0.39 -16.87 15.99
N GLY A 173 1.20 -17.49 15.13
CA GLY A 173 0.96 -17.59 13.68
C GLY A 173 1.48 -16.41 12.89
N VAL A 174 2.02 -15.35 13.50
CA VAL A 174 2.42 -14.14 12.72
C VAL A 174 3.41 -14.56 11.62
N PHE A 175 4.09 -15.72 11.73
CA PHE A 175 5.04 -16.24 10.67
C PHE A 175 4.39 -17.12 9.60
N GLN A 176 3.45 -17.98 9.91
CA GLN A 176 2.61 -18.62 8.86
C GLN A 176 1.83 -17.55 8.03
N TRP A 177 1.64 -16.35 8.63
CA TRP A 177 1.06 -15.19 7.91
C TRP A 177 2.12 -14.47 7.04
N LEU A 178 3.22 -13.94 7.60
CA LEU A 178 4.20 -13.05 6.90
C LEU A 178 5.05 -13.83 5.88
N SER A 179 4.78 -15.13 5.69
CA SER A 179 5.21 -15.90 4.48
C SER A 179 4.00 -16.52 3.75
N GLY A 180 2.86 -16.65 4.43
CA GLY A 180 1.70 -17.36 3.86
C GLY A 180 2.07 -18.78 3.49
N LYS A 181 3.37 -19.08 3.40
CA LYS A 181 3.85 -20.48 3.46
C LYS A 181 3.34 -21.02 4.79
N SER A 182 2.54 -22.08 4.75
CA SER A 182 2.00 -22.82 5.91
C SER A 182 2.90 -23.99 6.31
N ASP A 183 2.76 -24.54 7.52
CA ASP A 183 3.69 -25.53 8.11
C ASP A 183 3.28 -26.97 7.76
N TYR A 184 4.09 -27.66 6.94
CA TYR A 184 3.85 -29.06 6.50
C TYR A 184 4.78 -30.06 7.24
N ASN A 185 5.34 -29.66 8.39
CA ASN A 185 6.05 -30.54 9.35
C ASN A 185 5.24 -31.81 9.63
N PRO A 186 5.86 -33.01 9.74
CA PRO A 186 5.11 -34.26 9.89
C PRO A 186 4.35 -34.44 11.21
N LYS A 187 4.78 -33.81 12.30
CA LYS A 187 4.01 -33.79 13.56
C LYS A 187 2.67 -33.09 13.29
N VAL A 188 2.71 -32.04 12.46
CA VAL A 188 1.55 -31.20 12.08
C VAL A 188 0.64 -32.02 11.14
N ILE A 189 1.21 -32.59 10.08
CA ILE A 189 0.41 -33.37 9.09
C ILE A 189 -0.22 -34.59 9.79
N ASN A 190 0.47 -35.26 10.72
CA ASN A 190 -0.15 -36.37 11.50
C ASN A 190 -1.29 -35.86 12.40
N LEU A 191 -1.15 -34.70 13.05
CA LEU A 191 -2.26 -34.18 13.89
C LEU A 191 -3.47 -33.87 12.97
N TYR A 192 -3.21 -33.33 11.80
CA TYR A 192 -4.26 -33.01 10.80
C TYR A 192 -5.01 -34.31 10.42
N LYS A 193 -4.26 -35.38 10.17
CA LYS A 193 -4.90 -36.69 9.80
C LYS A 193 -5.78 -37.17 10.96
N GLU A 194 -5.32 -37.08 12.21
CA GLU A 194 -6.14 -37.44 13.40
C GLU A 194 -7.39 -36.57 13.42
N PHE A 195 -7.25 -35.27 13.18
CA PHE A 195 -8.38 -34.30 13.19
C PHE A 195 -9.44 -34.75 12.17
N ILE A 196 -9.01 -35.10 10.96
CA ILE A 196 -9.95 -35.47 9.88
C ILE A 196 -10.68 -36.77 10.26
N ILE A 197 -9.98 -37.75 10.82
CA ILE A 197 -10.59 -39.05 11.17
C ILE A 197 -11.63 -38.80 12.27
N GLN A 198 -11.28 -37.97 13.25
CA GLN A 198 -12.20 -37.63 14.36
C GLN A 198 -13.42 -36.88 13.80
N ARG A 199 -13.23 -36.00 12.82
CA ARG A 199 -14.34 -35.18 12.30
C ARG A 199 -15.29 -36.07 11.49
N TYR A 200 -14.82 -36.98 10.64
CA TYR A 200 -15.67 -37.68 9.63
C TYR A 200 -15.96 -39.15 9.97
N LYS A 201 -15.13 -39.81 10.76
CA LYS A 201 -15.32 -41.20 11.30
C LYS A 201 -15.02 -42.25 10.23
N THR A 202 -15.55 -42.09 9.03
CA THR A 202 -15.38 -43.07 7.91
C THR A 202 -14.99 -42.34 6.64
N ILE A 203 -14.25 -43.02 5.79
CA ILE A 203 -13.83 -42.42 4.52
C ILE A 203 -15.08 -42.17 3.66
N GLU A 204 -16.12 -42.98 3.81
CA GLU A 204 -17.36 -42.80 3.04
C GLU A 204 -18.04 -41.47 3.38
N LYS A 205 -18.05 -41.10 4.67
CA LYS A 205 -18.63 -39.82 5.14
C LYS A 205 -17.79 -38.67 4.59
N LEU A 206 -16.47 -38.74 4.66
CA LEU A 206 -15.60 -37.67 4.10
C LEU A 206 -15.88 -37.56 2.59
N ASN A 207 -15.96 -38.69 1.87
CA ASN A 207 -16.15 -38.69 0.40
C ASN A 207 -17.50 -38.04 0.06
N SER A 208 -18.54 -38.26 0.87
CA SER A 208 -19.89 -37.71 0.62
C SER A 208 -19.85 -36.19 0.75
N VAL A 209 -19.00 -35.64 1.62
CA VAL A 209 -18.99 -34.17 1.84
C VAL A 209 -18.09 -33.52 0.79
N TYR A 210 -16.93 -34.09 0.53
CA TYR A 210 -15.92 -33.51 -0.38
C TYR A 210 -16.24 -33.80 -1.86
N SER A 211 -17.04 -34.84 -2.14
CA SER A 211 -17.23 -35.46 -3.48
C SER A 211 -15.90 -36.04 -4.00
N THR A 212 -15.17 -36.75 -3.14
CA THR A 212 -13.91 -37.45 -3.48
C THR A 212 -14.18 -38.96 -3.55
N ASN A 213 -13.19 -39.74 -4.00
CA ASN A 213 -13.32 -41.21 -4.18
C ASN A 213 -12.20 -41.93 -3.45
N TYR A 214 -11.82 -41.54 -2.23
CA TYR A 214 -10.71 -42.21 -1.52
C TYR A 214 -11.16 -43.61 -1.10
N ASN A 215 -10.23 -44.57 -1.12
CA ASN A 215 -10.52 -45.93 -0.62
C ASN A 215 -10.30 -46.01 0.90
N SER A 216 -9.43 -45.18 1.47
CA SER A 216 -9.23 -45.15 2.93
C SER A 216 -8.64 -43.80 3.37
N PHE A 217 -8.63 -43.54 4.67
CA PHE A 217 -8.03 -42.31 5.20
C PHE A 217 -6.53 -42.26 4.90
N ASP A 218 -5.87 -43.39 4.65
CA ASP A 218 -4.43 -43.44 4.29
C ASP A 218 -4.19 -42.77 2.94
N ASP A 219 -5.19 -42.68 2.06
CA ASP A 219 -5.08 -42.03 0.72
C ASP A 219 -5.15 -40.50 0.81
N LEU A 220 -5.69 -39.95 1.90
CA LEU A 220 -5.93 -38.48 2.08
C LEU A 220 -4.58 -37.84 2.44
N LYS A 221 -4.14 -36.84 1.68
CA LYS A 221 -2.89 -36.10 1.94
C LYS A 221 -3.24 -34.66 2.36
N ALA A 222 -2.33 -33.96 3.03
CA ALA A 222 -2.57 -32.55 3.44
C ALA A 222 -2.74 -31.78 2.15
N PRO A 223 -3.74 -30.87 2.03
CA PRO A 223 -3.86 -30.08 0.80
C PRO A 223 -2.65 -29.18 0.57
N SER A 224 -2.27 -29.03 -0.70
CA SER A 224 -1.20 -28.11 -1.18
C SER A 224 -1.55 -27.73 -2.62
N GLY A 225 -0.87 -26.73 -3.16
CA GLY A 225 -1.16 -26.27 -4.53
C GLY A 225 -2.49 -25.55 -4.64
N LYS A 226 -2.80 -25.11 -5.83
CA LYS A 226 -3.96 -24.23 -6.07
C LYS A 226 -5.25 -25.05 -5.95
N ILE A 227 -6.33 -24.39 -5.53
CA ILE A 227 -7.68 -24.98 -5.50
C ILE A 227 -8.23 -24.95 -6.93
N LYS A 228 -8.49 -26.14 -7.49
CA LYS A 228 -9.02 -26.25 -8.89
C LYS A 228 -10.44 -26.83 -8.89
N LEU A 229 -10.79 -27.59 -7.86
CA LEU A 229 -12.05 -28.35 -7.69
C LEU A 229 -12.72 -27.97 -6.35
N ARG A 230 -14.02 -28.13 -6.26
CA ARG A 230 -14.76 -27.89 -4.99
C ARG A 230 -14.20 -28.83 -3.90
N SER A 231 -13.75 -30.02 -4.28
CA SER A 231 -13.15 -30.96 -3.29
C SER A 231 -11.85 -30.38 -2.71
N ASP A 232 -11.08 -29.61 -3.49
CA ASP A 232 -9.83 -28.98 -2.99
C ASP A 232 -10.21 -27.91 -1.97
N TYR A 233 -11.26 -27.12 -2.27
CA TYR A 233 -11.79 -26.06 -1.38
C TYR A 233 -12.19 -26.67 -0.03
N CYS A 234 -12.94 -27.78 -0.04
CA CYS A 234 -13.39 -28.53 1.18
C CYS A 234 -12.15 -28.93 1.99
N ALA A 235 -11.12 -29.47 1.33
CA ALA A 235 -9.95 -29.99 2.06
C ALA A 235 -9.24 -28.81 2.72
N TYR A 236 -9.09 -27.71 2.00
CA TYR A 236 -8.42 -26.53 2.60
C TYR A 236 -9.29 -25.94 3.71
N PHE A 237 -10.62 -25.97 3.57
CA PHE A 237 -11.49 -25.40 4.62
C PHE A 237 -11.20 -26.15 5.92
N ASP A 238 -11.22 -27.48 5.88
CA ASP A 238 -10.93 -28.29 7.08
C ASP A 238 -9.49 -28.03 7.56
N PHE A 239 -8.56 -27.76 6.65
CA PHE A 239 -7.15 -27.53 7.04
C PHE A 239 -7.08 -26.22 7.84
N HIS A 240 -7.87 -25.19 7.47
CA HIS A 240 -8.00 -23.94 8.27
C HIS A 240 -8.59 -24.26 9.64
N LEU A 241 -9.64 -25.08 9.69
CA LEU A 241 -10.29 -25.47 10.98
C LEU A 241 -9.23 -26.17 11.84
N PHE A 242 -8.42 -27.01 11.22
CA PHE A 242 -7.37 -27.78 11.93
C PHE A 242 -6.33 -26.79 12.52
N PHE A 243 -5.90 -25.80 11.76
CA PHE A 243 -4.90 -24.83 12.29
C PHE A 243 -5.44 -24.08 13.51
N ARG A 244 -6.73 -23.77 13.55
CA ARG A 244 -7.30 -23.14 14.75
C ARG A 244 -7.20 -24.07 15.96
N GLU A 245 -7.42 -25.37 15.75
CA GLU A 245 -7.30 -26.34 16.87
C GLU A 245 -5.83 -26.46 17.26
N TYR A 246 -4.93 -26.47 16.27
CA TYR A 246 -3.46 -26.58 16.47
C TYR A 246 -2.95 -25.42 17.33
N TYR A 247 -3.31 -24.18 17.02
CA TYR A 247 -2.88 -23.01 17.86
C TYR A 247 -3.46 -23.14 19.27
N ASN A 248 -4.69 -23.65 19.41
CA ASN A 248 -5.30 -23.86 20.74
C ASN A 248 -4.51 -24.93 21.51
N LYS A 249 -4.06 -25.99 20.83
CA LYS A 249 -3.23 -27.02 21.51
C LYS A 249 -1.92 -26.39 22.01
N TYR A 250 -1.28 -25.56 21.19
CA TYR A 250 0.02 -24.90 21.56
C TYR A 250 -0.22 -24.05 22.81
N ILE A 251 -1.19 -23.14 22.78
CA ILE A 251 -1.34 -22.19 23.92
C ILE A 251 -1.80 -22.98 25.16
N SER A 252 -2.57 -24.06 25.00
CA SER A 252 -3.07 -24.94 26.07
C SER A 252 -1.87 -25.61 26.78
N ILE A 253 -0.90 -26.05 25.99
CA ILE A 253 0.30 -26.71 26.56
C ILE A 253 1.08 -25.65 27.37
N LEU A 254 1.28 -24.45 26.83
CA LEU A 254 2.03 -23.40 27.59
C LEU A 254 1.26 -23.05 28.87
N LYS A 255 -0.06 -22.89 28.78
CA LYS A 255 -0.87 -22.47 29.95
C LYS A 255 -0.80 -23.54 31.05
N ASN A 256 -0.92 -24.81 30.66
CA ASN A 256 -0.94 -25.89 31.68
C ASN A 256 0.43 -25.92 32.40
N LYS A 257 1.52 -25.70 31.66
CA LYS A 257 2.90 -25.66 32.25
C LYS A 257 3.02 -24.49 33.21
N ILE A 258 2.64 -23.30 32.77
CA ILE A 258 2.70 -22.07 33.62
C ILE A 258 1.91 -22.25 34.91
N ARG A 259 0.70 -22.76 34.83
CA ARG A 259 -0.16 -22.86 36.04
C ARG A 259 0.50 -23.79 37.07
N SER A 260 1.36 -24.74 36.63
CA SER A 260 1.97 -25.73 37.56
C SER A 260 2.99 -25.04 38.48
N PHE A 261 3.40 -23.78 38.20
CA PHE A 261 4.33 -23.01 39.06
C PHE A 261 3.58 -22.18 40.09
N GLY A 262 2.27 -22.29 40.19
CA GLY A 262 1.50 -21.48 41.15
C GLY A 262 1.30 -20.08 40.64
N ILE A 263 1.35 -19.88 39.32
CA ILE A 263 1.14 -18.55 38.68
C ILE A 263 -0.36 -18.39 38.47
N ASN A 264 -0.98 -17.49 39.23
CA ASN A 264 -2.45 -17.28 39.16
C ASN A 264 -2.81 -15.93 38.54
N ILE A 265 -1.84 -15.13 38.11
CA ILE A 265 -2.10 -13.80 37.48
C ILE A 265 -2.84 -13.97 36.14
N LYS A 266 -3.31 -12.84 35.63
CA LYS A 266 -4.04 -12.79 34.36
C LYS A 266 -3.08 -13.14 33.23
N LEU A 267 -3.51 -14.04 32.36
CA LEU A 267 -2.75 -14.44 31.16
C LEU A 267 -3.30 -13.70 29.93
N THR A 268 -2.39 -13.30 29.04
CA THR A 268 -2.72 -12.49 27.85
C THR A 268 -2.15 -13.09 26.56
N HIS A 269 -2.68 -12.63 25.44
CA HIS A 269 -2.07 -12.84 24.11
C HIS A 269 -2.34 -11.59 23.29
N ASN A 270 -1.58 -11.43 22.24
CA ASN A 270 -1.55 -10.16 21.46
C ASN A 270 -1.83 -10.47 19.98
N ILE A 271 -2.66 -9.64 19.37
CA ILE A 271 -3.19 -9.83 18.00
C ILE A 271 -2.41 -8.96 17.01
N PRO A 272 -1.72 -9.59 16.04
CA PRO A 272 -1.06 -8.91 14.94
C PRO A 272 -2.06 -8.57 13.83
N GLY A 273 -1.62 -7.77 12.86
CA GLY A 273 -2.37 -7.62 11.60
C GLY A 273 -2.27 -6.26 10.97
N TRP A 274 -1.77 -5.25 11.66
CA TRP A 274 -1.55 -3.97 10.96
C TRP A 274 -0.30 -4.15 10.09
N ILE A 275 -0.32 -3.57 8.91
CA ILE A 275 0.90 -3.41 8.09
C ILE A 275 0.69 -2.18 7.19
N TYR A 276 1.75 -1.38 7.03
CA TYR A 276 1.70 -0.14 6.21
C TYR A 276 0.62 0.82 6.70
N GLY A 277 0.23 0.75 7.99
CA GLY A 277 -0.72 1.71 8.57
C GLY A 277 -2.18 1.39 8.32
N ASN A 278 -2.55 0.21 7.84
N ASN A 278 -2.44 0.13 7.89
CA ASN A 278 -3.99 -0.17 7.94
CA ASN A 278 -3.76 -0.43 7.51
C ASN A 278 -4.04 -1.64 8.37
C ASN A 278 -3.99 -1.72 8.34
N ALA A 279 -5.23 -2.01 8.78
CA ALA A 279 -5.48 -3.26 9.54
C ALA A 279 -6.57 -4.08 8.86
N SER A 280 -6.79 -3.91 7.55
CA SER A 280 -7.88 -4.66 6.85
C SER A 280 -7.63 -6.18 6.90
N GLU A 281 -6.40 -6.66 7.13
CA GLU A 281 -6.10 -8.11 7.25
C GLU A 281 -6.21 -8.56 8.72
N LEU A 282 -6.22 -7.65 9.68
CA LEU A 282 -6.21 -8.08 11.11
C LEU A 282 -7.38 -9.04 11.39
N PRO A 283 -8.61 -8.81 10.85
CA PRO A 283 -9.73 -9.73 11.10
C PRO A 283 -9.44 -11.19 10.69
N MET A 284 -8.68 -11.37 9.62
CA MET A 284 -8.21 -12.74 9.28
C MET A 284 -7.34 -13.29 10.42
N LEU A 285 -6.40 -12.50 10.95
CA LEU A 285 -5.50 -13.02 12.03
C LEU A 285 -6.32 -13.30 13.29
N ILE A 286 -7.23 -12.40 13.68
CA ILE A 286 -8.00 -12.67 14.91
C ILE A 286 -8.83 -13.94 14.72
N SER A 287 -9.26 -14.26 13.50
CA SER A 287 -10.08 -15.48 13.23
C SER A 287 -9.25 -16.74 13.49
N THR A 288 -7.92 -16.66 13.40
CA THR A 288 -7.03 -17.83 13.67
C THR A 288 -7.07 -18.19 15.17
N TYR A 289 -7.57 -17.31 16.02
CA TYR A 289 -7.63 -17.49 17.49
C TYR A 289 -9.04 -17.96 17.92
N SER A 290 -9.92 -18.31 16.96
CA SER A 290 -11.33 -18.61 17.29
C SER A 290 -11.41 -19.75 18.33
N GLU A 291 -10.60 -20.81 18.20
CA GLU A 291 -10.69 -21.98 19.13
C GLU A 291 -10.00 -21.67 20.45
N ILE A 292 -8.94 -20.85 20.47
CA ILE A 292 -8.39 -20.38 21.76
C ILE A 292 -9.45 -19.60 22.51
N MET A 293 -10.11 -18.62 21.88
CA MET A 293 -11.05 -17.75 22.61
C MET A 293 -12.26 -18.55 23.14
N LYS A 294 -12.71 -19.59 22.42
CA LYS A 294 -13.80 -20.49 22.88
C LYS A 294 -13.34 -21.29 24.11
N ASN A 295 -12.08 -21.75 24.16
CA ASN A 295 -11.63 -22.74 25.16
C ASN A 295 -11.02 -22.07 26.38
N HIS A 296 -10.59 -20.81 26.29
CA HIS A 296 -9.82 -20.14 27.36
C HIS A 296 -10.48 -18.81 27.69
N PRO A 297 -11.55 -18.82 28.51
CA PRO A 297 -12.18 -17.59 28.97
C PRO A 297 -11.22 -16.77 29.86
N ASP A 298 -10.17 -17.39 30.36
CA ASP A 298 -9.25 -16.71 31.31
C ASP A 298 -8.07 -16.06 30.55
N ILE A 299 -7.92 -16.22 29.24
CA ILE A 299 -6.80 -15.55 28.51
C ILE A 299 -7.36 -14.32 27.83
N ILE A 300 -6.84 -13.14 28.16
CA ILE A 300 -7.38 -11.89 27.57
C ILE A 300 -6.51 -11.56 26.34
N PHE A 301 -7.13 -11.45 25.17
CA PHE A 301 -6.44 -10.99 23.96
C PHE A 301 -6.51 -9.48 23.89
N GLY A 302 -5.39 -8.84 23.59
CA GLY A 302 -5.35 -7.38 23.29
C GLY A 302 -4.81 -7.13 21.90
N LEU A 303 -5.09 -5.96 21.37
CA LEU A 303 -4.68 -5.56 20.00
C LEU A 303 -3.29 -4.95 19.95
N ASP A 304 -2.57 -5.21 18.84
CA ASP A 304 -1.28 -4.55 18.54
C ASP A 304 -1.57 -3.50 17.47
N HIS A 305 -1.82 -2.25 17.88
CA HIS A 305 -2.21 -1.15 16.96
C HIS A 305 -0.96 -0.44 16.43
N ILE A 306 -0.77 -0.43 15.12
CA ILE A 306 0.37 0.23 14.44
C ILE A 306 -0.16 1.12 13.31
N PRO A 307 -0.81 2.25 13.63
CA PRO A 307 -1.36 3.10 12.59
C PRO A 307 -0.36 3.83 11.68
N GLU A 308 0.79 4.20 12.22
CA GLU A 308 1.91 4.91 11.52
C GLU A 308 1.60 6.40 11.25
N PHE A 309 0.36 6.74 10.88
CA PHE A 309 -0.12 8.11 10.66
C PHE A 309 -1.60 8.12 11.04
N VAL A 310 -2.25 9.28 11.03
CA VAL A 310 -3.65 9.35 11.48
C VAL A 310 -4.41 10.27 10.55
N SER A 311 -5.10 9.68 9.57
CA SER A 311 -5.79 10.46 8.54
C SER A 311 -7.02 9.68 8.06
N PHE A 312 -7.76 10.24 7.12
CA PHE A 312 -8.92 9.54 6.53
C PHE A 312 -8.46 8.23 5.88
N ARG A 313 -7.21 8.17 5.39
CA ARG A 313 -6.71 6.95 4.71
C ARG A 313 -6.79 5.75 5.67
N ASN A 314 -6.63 5.93 6.98
CA ASN A 314 -6.69 4.76 7.90
C ASN A 314 -7.63 4.97 9.09
N ALA A 315 -8.49 5.99 9.10
CA ALA A 315 -9.31 6.33 10.28
C ALA A 315 -10.21 5.19 10.77
N HIS A 316 -10.67 4.32 9.85
CA HIS A 316 -11.66 3.25 10.11
C HIS A 316 -10.96 1.99 10.63
N SER A 317 -9.63 1.84 10.45
CA SER A 317 -8.96 0.59 10.87
C SER A 317 -9.16 0.34 12.38
N ASP A 318 -8.85 1.30 13.26
CA ASP A 318 -8.82 1.01 14.71
C ASP A 318 -10.22 0.73 15.21
N LEU A 319 -11.24 1.46 14.75
CA LEU A 319 -12.60 1.23 15.26
C LEU A 319 -13.07 -0.16 14.83
N ALA A 320 -12.92 -0.50 13.57
CA ALA A 320 -13.38 -1.82 13.04
C ALA A 320 -12.65 -2.94 13.80
N CYS A 321 -11.34 -2.78 14.07
CA CYS A 321 -10.61 -3.77 14.89
C CYS A 321 -11.11 -3.85 16.34
N ASN A 322 -11.36 -2.74 17.01
CA ASN A 322 -11.89 -2.71 18.40
C ASN A 322 -13.23 -3.44 18.41
N LYS A 323 -14.11 -3.14 17.44
CA LYS A 323 -15.47 -3.75 17.38
C LYS A 323 -15.38 -5.24 17.13
N ILE A 324 -14.45 -5.69 16.28
CA ILE A 324 -14.32 -7.13 15.95
C ILE A 324 -13.72 -7.88 17.14
N LEU A 325 -12.80 -7.29 17.89
CA LEU A 325 -12.32 -7.96 19.14
C LEU A 325 -13.49 -8.10 20.12
N GLU A 326 -14.29 -7.05 20.29
CA GLU A 326 -15.43 -7.11 21.21
C GLU A 326 -16.36 -8.25 20.75
N ALA A 327 -16.57 -8.43 19.46
CA ALA A 327 -17.46 -9.49 18.96
C ALA A 327 -16.94 -10.88 19.35
N MET A 328 -15.64 -11.07 19.29
CA MET A 328 -15.04 -12.41 19.54
C MET A 328 -14.73 -12.58 21.02
N GLN A 329 -14.68 -11.49 21.78
CA GLN A 329 -14.29 -11.53 23.21
C GLN A 329 -15.18 -10.58 23.99
N PRO A 330 -16.51 -10.84 24.02
CA PRO A 330 -17.47 -9.90 24.63
C PRO A 330 -17.42 -9.77 26.15
N GLU A 331 -16.76 -10.72 26.84
CA GLU A 331 -16.73 -10.72 28.32
C GLU A 331 -15.44 -10.10 28.86
N ALA A 332 -14.58 -9.55 28.02
CA ALA A 332 -13.39 -8.84 28.54
C ALA A 332 -13.29 -7.45 27.92
N PRO A 333 -12.62 -6.52 28.60
CA PRO A 333 -12.42 -5.19 28.05
C PRO A 333 -11.64 -5.26 26.74
N VAL A 334 -11.91 -4.30 25.86
CA VAL A 334 -11.13 -4.10 24.63
C VAL A 334 -9.89 -3.29 25.01
N TRP A 335 -8.69 -3.81 24.80
CA TRP A 335 -7.42 -3.15 25.24
C TRP A 335 -6.37 -3.31 24.14
N ALA A 336 -5.38 -2.43 24.09
CA ALA A 336 -4.24 -2.57 23.16
C ALA A 336 -3.03 -3.07 23.94
N ALA A 337 -2.63 -4.32 23.72
CA ALA A 337 -1.38 -4.91 24.29
C ALA A 337 -0.14 -4.15 23.81
N GLU A 338 -0.21 -3.61 22.61
CA GLU A 338 0.86 -2.79 22.01
C GLU A 338 0.17 -1.61 21.33
N PHE A 339 0.46 -0.39 21.79
CA PHE A 339 -0.30 0.81 21.40
C PHE A 339 0.72 1.82 20.92
N GLN A 340 0.78 2.03 19.61
CA GLN A 340 1.97 2.68 18.98
C GLN A 340 2.40 3.95 19.72
N ALA A 341 3.68 3.97 20.08
CA ALA A 341 4.44 5.12 20.58
C ALA A 341 5.81 5.09 19.87
N GLY A 342 6.12 6.17 19.15
CA GLY A 342 7.31 6.19 18.30
C GLY A 342 7.13 5.19 17.17
N THR A 343 8.22 4.82 16.52
CA THR A 343 8.20 3.98 15.32
C THR A 343 9.28 2.90 15.40
N ARG A 344 8.92 1.71 14.96
CA ARG A 344 9.89 0.59 14.85
C ARG A 344 10.86 0.79 13.69
N GLU A 345 10.56 1.68 12.72
CA GLU A 345 11.29 1.81 11.43
C GLU A 345 11.72 3.25 11.25
N HIS A 346 13.03 3.53 11.20
CA HIS A 346 13.55 4.92 11.08
C HIS A 346 12.90 5.70 9.92
N HIS A 347 12.64 5.02 8.82
CA HIS A 347 12.14 5.63 7.55
C HIS A 347 10.61 5.79 7.60
N VAL A 348 9.96 5.35 8.67
CA VAL A 348 8.49 5.41 8.77
C VAL A 348 8.18 6.27 9.98
N LYS A 349 8.03 7.56 9.79
CA LYS A 349 7.99 8.53 10.91
C LYS A 349 6.70 8.35 11.72
N ALA A 350 6.78 8.58 13.03
CA ALA A 350 5.67 8.61 14.00
C ALA A 350 5.66 9.97 14.66
N TYR A 351 4.76 10.86 14.24
CA TYR A 351 4.68 12.24 14.75
C TYR A 351 3.85 12.27 16.02
N ALA A 352 4.34 12.96 17.06
CA ALA A 352 3.61 13.14 18.33
C ALA A 352 2.22 13.70 18.03
N LYS A 353 2.10 14.67 17.12
CA LYS A 353 0.77 15.29 16.86
C LYS A 353 -0.16 14.33 16.10
N ASP A 354 0.34 13.34 15.38
CA ASP A 354 -0.54 12.25 14.87
C ASP A 354 -0.94 11.31 16.03
N LEU A 355 0.04 10.80 16.77
CA LEU A 355 -0.27 9.74 17.77
C LEU A 355 -1.20 10.30 18.88
N GLU A 356 -1.02 11.55 19.30
CA GLU A 356 -1.91 12.16 20.32
C GLU A 356 -3.37 12.06 19.84
N THR A 357 -3.64 12.39 18.58
CA THR A 357 -4.99 12.25 18.00
C THR A 357 -5.39 10.78 18.00
N PHE A 358 -4.50 9.86 17.61
CA PHE A 358 -4.82 8.42 17.65
C PHE A 358 -5.24 7.99 19.06
N TYR A 359 -4.55 8.49 20.08
CA TYR A 359 -4.86 8.11 21.48
C TYR A 359 -6.29 8.54 21.84
N ILE A 360 -6.68 9.77 21.48
CA ILE A 360 -8.02 10.31 21.82
C ILE A 360 -9.07 9.59 20.96
N ALA A 361 -8.75 9.35 19.69
CA ALA A 361 -9.67 8.60 18.80
C ALA A 361 -9.93 7.22 19.39
N SER A 362 -8.89 6.57 19.94
CA SER A 362 -9.01 5.23 20.55
C SER A 362 -10.00 5.26 21.73
N LEU A 363 -9.95 6.32 22.54
CA LEU A 363 -10.96 6.53 23.62
C LEU A 363 -12.35 6.64 23.00
N ALA A 364 -12.55 7.50 22.00
CA ALA A 364 -13.85 7.64 21.32
C ALA A 364 -14.31 6.26 20.84
N HIS A 365 -13.37 5.48 20.35
CA HIS A 365 -13.59 4.17 19.67
C HIS A 365 -13.62 3.01 20.70
N GLY A 366 -13.77 3.31 21.99
CA GLY A 366 -14.10 2.35 23.04
C GLY A 366 -12.93 1.60 23.65
N ILE A 367 -11.70 2.05 23.48
CA ILE A 367 -10.57 1.34 24.13
C ILE A 367 -10.65 1.56 25.66
N LYS A 368 -10.28 0.54 26.43
CA LYS A 368 -10.45 0.55 27.92
C LYS A 368 -9.11 0.46 28.63
N GLY A 369 -8.02 0.25 27.89
CA GLY A 369 -6.67 0.12 28.46
C GLY A 369 -5.66 0.05 27.32
N PHE A 370 -4.41 0.35 27.59
CA PHE A 370 -3.37 0.23 26.56
C PHE A 370 -1.99 0.28 27.18
N ASN A 371 -1.05 -0.19 26.37
CA ASN A 371 0.38 -0.29 26.72
C ASN A 371 1.15 0.44 25.63
N TYR A 372 1.60 1.64 25.92
CA TYR A 372 2.37 2.43 24.93
C TYR A 372 3.61 1.61 24.53
N TYR A 373 3.77 1.36 23.24
CA TYR A 373 4.81 0.46 22.66
C TYR A 373 5.44 1.22 21.50
N MET A 374 6.60 1.88 21.68
CA MET A 374 7.50 1.82 22.82
C MET A 374 7.45 3.13 23.61
N PHE A 375 7.25 3.06 24.91
CA PHE A 375 7.37 4.26 25.77
C PHE A 375 8.84 4.69 25.80
N SER A 376 9.77 3.76 26.07
CA SER A 376 11.22 4.02 26.08
C SER A 376 11.87 3.37 24.87
N GLN A 377 12.67 4.14 24.14
CA GLN A 377 13.67 3.63 23.19
C GLN A 377 14.65 2.69 23.89
N GLY A 378 15.23 1.80 23.12
CA GLY A 378 16.32 0.93 23.58
C GLY A 378 17.48 0.99 22.63
N ILE A 379 18.63 0.55 23.11
CA ILE A 379 19.84 0.27 22.31
C ILE A 379 20.12 -1.21 22.49
N ASN A 380 20.21 -1.97 21.41
CA ASN A 380 20.52 -3.42 21.52
C ASN A 380 21.94 -3.60 22.04
N PRO A 381 22.15 -4.38 23.12
CA PRO A 381 23.53 -4.69 23.55
C PRO A 381 23.98 -5.84 22.64
N GLU A 382 25.29 -6.07 22.57
CA GLU A 382 25.89 -7.39 22.16
C GLU A 382 25.33 -7.81 20.79
N GLY A 383 25.10 -6.88 19.86
CA GLY A 383 24.60 -7.19 18.50
C GLY A 383 23.20 -7.83 18.45
N LYS A 384 22.35 -7.69 19.46
CA LYS A 384 21.05 -8.43 19.52
C LYS A 384 19.95 -7.85 18.61
N GLY A 385 20.19 -6.72 17.96
CA GLY A 385 19.14 -6.05 17.15
C GLY A 385 18.91 -6.82 15.87
N PHE A 386 17.68 -7.16 15.52
CA PHE A 386 17.44 -7.87 14.23
C PHE A 386 17.92 -6.99 13.06
N TYR A 387 17.59 -5.69 13.08
CA TYR A 387 17.66 -4.81 11.88
C TYR A 387 18.64 -3.62 12.04
N GLY A 388 19.34 -3.49 13.15
CA GLY A 388 20.22 -2.35 13.44
C GLY A 388 20.40 -2.21 14.93
N LYS A 389 21.17 -1.22 15.37
CA LYS A 389 21.56 -1.11 16.81
C LYS A 389 20.43 -0.48 17.65
N THR A 390 19.65 0.43 17.08
CA THR A 390 18.67 1.23 17.85
C THR A 390 17.31 0.55 17.76
N PHE A 391 16.64 0.41 18.91
CA PHE A 391 15.27 -0.15 18.99
C PHE A 391 14.26 0.97 19.24
N TYR A 392 13.53 1.33 18.17
CA TYR A 392 12.49 2.37 18.12
C TYR A 392 13.08 3.78 18.11
N PHE A 393 12.28 4.70 17.54
CA PHE A 393 12.63 6.12 17.36
C PHE A 393 11.41 6.94 17.73
N GLN A 394 11.61 8.21 18.10
CA GLN A 394 10.47 9.16 18.30
C GLN A 394 9.55 8.64 19.39
N THR A 395 10.12 8.01 20.40
CA THR A 395 9.39 7.48 21.56
C THR A 395 9.12 8.57 22.60
N ALA A 396 8.62 8.20 23.78
CA ALA A 396 8.38 9.18 24.89
C ALA A 396 9.72 9.55 25.53
N LEU A 397 10.57 8.56 25.80
CA LEU A 397 11.94 8.73 26.34
C LEU A 397 12.93 8.14 25.34
N ASP A 398 14.09 8.78 25.16
CA ASP A 398 15.20 8.13 24.42
C ASP A 398 15.81 7.08 25.33
N ALA A 399 16.76 6.31 24.83
CA ALA A 399 17.37 5.18 25.58
C ALA A 399 18.05 5.74 26.85
N ALA A 400 18.56 6.96 26.79
CA ALA A 400 19.27 7.63 27.92
C ALA A 400 18.30 8.18 28.97
N SER A 401 16.98 8.14 28.71
CA SER A 401 15.87 8.61 29.57
C SER A 401 15.56 10.10 29.36
N ASN A 402 16.12 10.75 28.33
CA ASN A 402 15.71 12.15 27.98
C ASN A 402 14.23 12.16 27.54
N LYS A 403 13.45 13.14 27.98
CA LYS A 403 12.10 13.34 27.41
C LYS A 403 12.19 13.81 25.96
N LEU A 404 11.41 13.19 25.10
CA LEU A 404 11.21 13.58 23.68
C LEU A 404 9.80 14.18 23.51
N ALA A 405 9.47 14.64 22.30
CA ALA A 405 8.22 15.39 22.07
C ALA A 405 7.01 14.54 22.48
N LEU A 406 7.02 13.23 22.27
CA LEU A 406 5.79 12.43 22.53
C LEU A 406 5.48 12.41 24.04
N TYR A 407 6.47 12.61 24.92
CA TYR A 407 6.27 12.53 26.39
C TYR A 407 5.11 13.45 26.83
N ASP A 408 5.10 14.71 26.36
CA ASP A 408 4.07 15.68 26.80
C ASP A 408 2.71 15.29 26.18
N SER A 409 2.67 14.67 25.01
CA SER A 409 1.39 14.21 24.40
C SER A 409 0.78 13.13 25.29
N ILE A 410 1.61 12.17 25.68
CA ILE A 410 1.15 11.04 26.56
C ILE A 410 0.74 11.60 27.94
N LYS A 411 1.47 12.58 28.48
CA LYS A 411 1.10 13.10 29.81
C LYS A 411 -0.28 13.77 29.69
N LYS A 412 -0.53 14.51 28.61
CA LYS A 412 -1.79 15.24 28.38
C LYS A 412 -2.95 14.24 28.31
N VAL A 413 -2.79 13.22 27.48
CA VAL A 413 -3.87 12.21 27.30
C VAL A 413 -4.13 11.47 28.62
N ASN A 414 -3.08 11.05 29.28
CA ASN A 414 -3.17 10.33 30.56
C ASN A 414 -3.84 11.21 31.62
N ARG A 415 -3.57 12.50 31.61
CA ARG A 415 -4.20 13.41 32.61
C ARG A 415 -5.72 13.44 32.42
N PHE A 416 -6.18 13.50 31.17
CA PHE A 416 -7.62 13.51 30.84
C PHE A 416 -8.18 12.17 31.29
N ILE A 417 -7.50 11.09 30.94
CA ILE A 417 -7.99 9.72 31.33
C ILE A 417 -8.14 9.58 32.87
N ARG A 418 -7.14 10.01 33.63
CA ARG A 418 -7.22 9.87 35.12
C ARG A 418 -8.34 10.76 35.68
N LYS A 419 -8.53 11.95 35.15
CA LYS A 419 -9.60 12.87 35.62
C LYS A 419 -10.98 12.24 35.36
N GLU A 420 -11.15 11.52 34.24
CA GLU A 420 -12.48 11.15 33.72
C GLU A 420 -12.77 9.64 33.83
N GLN A 421 -11.78 8.81 34.17
CA GLN A 421 -11.91 7.35 33.95
C GLN A 421 -13.15 6.79 34.66
N LYS A 422 -13.48 7.31 35.85
CA LYS A 422 -14.62 6.75 36.63
C LYS A 422 -15.92 6.79 35.82
N ASP A 423 -16.18 7.88 35.13
CA ASP A 423 -17.37 7.97 34.23
C ASP A 423 -17.06 7.41 32.85
N LEU A 424 -15.95 7.83 32.23
CA LEU A 424 -15.63 7.45 30.83
C LEU A 424 -15.64 5.92 30.66
N LEU A 425 -15.15 5.13 31.61
CA LEU A 425 -15.09 3.66 31.41
C LEU A 425 -16.49 3.08 31.40
N ARG A 426 -17.43 3.75 32.04
CA ARG A 426 -18.84 3.26 32.13
C ARG A 426 -19.70 3.78 30.98
N THR A 427 -19.16 4.62 30.10
CA THR A 427 -19.96 5.17 28.98
C THR A 427 -20.16 4.12 27.88
N ASN A 428 -21.30 4.18 27.22
CA ASN A 428 -21.54 3.41 25.97
C ASN A 428 -21.87 4.40 24.84
N VAL A 429 -21.82 3.92 23.61
CA VAL A 429 -22.39 4.61 22.43
C VAL A 429 -23.71 3.88 22.15
N ASN A 430 -24.69 4.62 21.69
CA ASN A 430 -26.04 4.09 21.39
C ASN A 430 -26.04 3.48 19.97
N SER A 431 -25.75 2.21 19.82
CA SER A 431 -25.69 1.58 18.47
C SER A 431 -27.05 0.99 18.11
N GLU A 432 -27.69 1.51 17.08
CA GLU A 432 -28.99 0.94 16.59
C GLU A 432 -28.72 0.00 15.41
N ILE A 433 -27.48 -0.09 14.94
CA ILE A 433 -27.06 -0.96 13.81
C ILE A 433 -26.13 -2.05 14.36
N CYS A 434 -26.37 -3.28 13.96
CA CYS A 434 -25.51 -4.44 14.25
C CYS A 434 -24.98 -4.96 12.94
N VAL A 435 -23.71 -5.22 12.82
CA VAL A 435 -23.10 -5.79 11.58
C VAL A 435 -22.64 -7.21 11.92
N GLY A 436 -23.03 -8.20 11.12
CA GLY A 436 -22.67 -9.59 11.41
C GLY A 436 -21.25 -9.91 11.01
N PHE A 437 -20.55 -10.65 11.87
CA PHE A 437 -19.20 -11.19 11.60
C PHE A 437 -19.33 -12.69 11.37
N TYR A 438 -19.15 -13.14 10.13
CA TYR A 438 -19.29 -14.54 9.69
C TYR A 438 -17.88 -15.10 9.55
N LYS A 439 -17.40 -15.76 10.59
CA LYS A 439 -15.96 -16.13 10.67
C LYS A 439 -15.48 -16.94 9.48
N PRO A 440 -16.25 -17.92 8.93
CA PRO A 440 -15.70 -18.72 7.84
C PRO A 440 -15.21 -17.94 6.61
N TYR A 441 -15.75 -16.75 6.36
CA TYR A 441 -15.27 -15.90 5.23
C TYR A 441 -13.83 -15.44 5.48
N PHE A 442 -13.38 -15.49 6.72
CA PHE A 442 -12.05 -15.01 7.16
C PHE A 442 -11.04 -16.16 7.16
N PHE A 443 -11.51 -17.40 7.04
CA PHE A 443 -10.62 -18.57 7.21
C PHE A 443 -9.88 -18.89 5.91
N THR A 444 -8.95 -18.02 5.51
CA THR A 444 -8.28 -18.12 4.19
C THR A 444 -6.78 -17.84 4.29
N GLU A 445 -6.15 -17.83 5.47
CA GLU A 445 -4.74 -17.40 5.56
C GLU A 445 -3.82 -18.40 4.84
N LEU A 446 -4.28 -19.63 4.55
CA LEU A 446 -3.47 -20.65 3.80
C LEU A 446 -3.63 -20.43 2.28
N ILE A 447 -4.65 -19.69 1.82
CA ILE A 447 -5.04 -19.73 0.36
C ILE A 447 -5.26 -18.33 -0.24
N SER A 448 -5.60 -17.31 0.55
CA SER A 448 -5.94 -15.97 0.01
C SER A 448 -5.71 -14.92 1.08
N SER A 449 -4.70 -14.06 0.88
CA SER A 449 -4.42 -12.98 1.84
C SER A 449 -3.58 -11.92 1.13
N GLN A 450 -3.48 -10.75 1.73
CA GLN A 450 -2.57 -9.69 1.23
C GLN A 450 -1.11 -10.17 1.27
N LEU A 451 -0.73 -11.08 2.15
CA LEU A 451 0.69 -11.46 2.36
C LEU A 451 1.03 -12.76 1.60
N LEU A 452 0.06 -13.65 1.33
CA LEU A 452 0.37 -15.02 0.82
C LEU A 452 1.03 -14.90 -0.56
N LYS A 453 2.04 -15.75 -0.83
CA LYS A 453 2.90 -15.73 -2.06
C LYS A 453 2.05 -16.01 -3.32
N GLU A 454 1.41 -17.17 -3.27
CA GLU A 454 0.67 -17.83 -4.38
C GLU A 454 -0.82 -17.56 -4.09
N LYS A 455 -1.59 -16.92 -4.97
CA LYS A 455 -3.08 -16.95 -4.85
C LYS A 455 -3.58 -18.38 -5.11
N LYS A 456 -4.03 -19.10 -4.08
CA LYS A 456 -4.50 -20.51 -4.22
C LYS A 456 -6.00 -20.59 -4.45
N LEU A 457 -6.78 -19.55 -4.15
CA LEU A 457 -8.24 -19.57 -4.27
C LEU A 457 -8.63 -18.62 -5.41
N ASN A 458 -9.29 -19.20 -6.42
CA ASN A 458 -9.87 -18.49 -7.59
C ASN A 458 -11.30 -18.97 -7.68
N VAL A 459 -12.24 -18.21 -7.12
CA VAL A 459 -13.62 -18.74 -6.93
C VAL A 459 -14.25 -19.05 -8.30
N GLU A 460 -13.82 -18.37 -9.35
CA GLU A 460 -14.47 -18.54 -10.68
C GLU A 460 -14.28 -20.00 -11.14
N GLU A 461 -13.16 -20.63 -10.78
CA GLU A 461 -12.89 -22.04 -11.17
C GLU A 461 -13.85 -22.99 -10.45
N LEU A 462 -14.45 -22.54 -9.35
CA LEU A 462 -15.44 -23.30 -8.55
C LEU A 462 -16.86 -22.97 -9.00
N GLY A 463 -17.06 -22.16 -10.05
CA GLY A 463 -18.40 -21.77 -10.50
C GLY A 463 -19.04 -20.75 -9.55
N LEU A 464 -18.19 -20.02 -8.82
CA LEU A 464 -18.65 -18.93 -7.90
C LEU A 464 -18.18 -17.60 -8.50
N TYR A 465 -18.72 -16.46 -8.01
CA TYR A 465 -18.25 -15.13 -8.46
C TYR A 465 -17.96 -14.21 -7.27
N ILE A 466 -18.37 -14.54 -6.05
CA ILE A 466 -18.12 -13.65 -4.89
C ILE A 466 -16.99 -14.19 -4.01
N ASP A 467 -15.79 -13.59 -4.10
CA ASP A 467 -14.61 -14.07 -3.35
C ASP A 467 -14.76 -13.60 -1.89
N PRO A 468 -14.53 -14.48 -0.90
CA PRO A 468 -14.79 -14.14 0.50
C PRO A 468 -13.79 -13.08 1.01
N ARG A 469 -12.56 -13.07 0.51
CA ARG A 469 -11.57 -12.04 0.93
C ARG A 469 -11.96 -10.69 0.31
N PHE A 470 -12.30 -10.64 -0.99
CA PHE A 470 -12.83 -9.39 -1.59
C PHE A 470 -14.02 -8.90 -0.77
N LEU A 471 -14.98 -9.79 -0.45
CA LEU A 471 -16.19 -9.37 0.30
C LEU A 471 -15.76 -8.76 1.65
N ARG A 472 -14.91 -9.45 2.40
CA ARG A 472 -14.67 -9.06 3.80
C ARG A 472 -13.72 -7.85 3.83
N GLU A 473 -12.88 -7.66 2.84
CA GLU A 473 -11.96 -6.48 2.83
C GLU A 473 -12.66 -5.28 2.21
N GLU A 474 -13.23 -5.40 1.00
CA GLU A 474 -13.69 -4.22 0.24
C GLU A 474 -15.19 -3.95 0.51
N ILE A 475 -16.06 -4.97 0.60
CA ILE A 475 -17.49 -4.70 0.85
C ILE A 475 -17.74 -4.41 2.34
N LEU A 476 -17.10 -5.16 3.24
CA LEU A 476 -17.27 -5.00 4.71
C LEU A 476 -16.26 -3.99 5.28
N PHE A 477 -14.97 -4.30 5.35
CA PHE A 477 -14.02 -3.50 6.18
C PHE A 477 -13.82 -2.10 5.58
N ASN A 478 -13.44 -2.02 4.33
CA ASN A 478 -13.18 -0.71 3.69
C ASN A 478 -14.47 -0.09 3.15
N GLY A 479 -15.57 -0.83 3.19
CA GLY A 479 -16.85 -0.45 2.57
C GLY A 479 -17.85 -0.05 3.61
N LEU A 480 -18.65 -0.99 4.08
CA LEU A 480 -19.72 -0.74 5.06
C LEU A 480 -19.15 -0.12 6.35
N LEU A 481 -18.14 -0.74 6.95
CA LEU A 481 -17.71 -0.22 8.28
C LEU A 481 -17.11 1.19 8.07
N ARG A 482 -16.28 1.38 7.06
CA ARG A 482 -15.72 2.72 6.72
C ARG A 482 -16.86 3.71 6.50
N GLY A 483 -17.87 3.32 5.74
CA GLY A 483 -19.01 4.18 5.37
C GLY A 483 -19.78 4.61 6.61
N LEU A 484 -20.10 3.67 7.50
CA LEU A 484 -20.90 4.00 8.72
C LEU A 484 -20.09 4.97 9.59
N GLN A 485 -18.81 4.68 9.81
CA GLN A 485 -17.96 5.59 10.59
C GLN A 485 -17.91 6.99 9.95
N THR A 486 -17.78 7.08 8.63
CA THR A 486 -17.66 8.36 7.93
C THR A 486 -18.96 9.14 8.09
N LEU A 487 -20.09 8.45 8.01
CA LEU A 487 -21.46 9.05 8.17
C LEU A 487 -21.81 9.29 9.64
N ASN A 488 -20.99 8.87 10.59
CA ASN A 488 -21.24 9.04 12.04
C ASN A 488 -22.50 8.29 12.44
N TYR A 489 -22.65 7.06 11.96
CA TYR A 489 -23.67 6.16 12.50
C TYR A 489 -22.96 5.09 13.34
N ASN A 490 -23.30 5.01 14.62
CA ASN A 490 -22.73 3.99 15.55
C ASN A 490 -23.15 2.59 15.08
N TYR A 491 -22.24 1.63 15.11
CA TYR A 491 -22.54 0.20 14.89
C TYR A 491 -21.82 -0.63 15.92
N ASP A 492 -22.44 -1.79 16.20
CA ASP A 492 -21.79 -2.91 16.91
C ASP A 492 -21.52 -4.05 15.93
N VAL A 493 -20.58 -4.92 16.26
CA VAL A 493 -20.30 -6.16 15.48
C VAL A 493 -20.69 -7.36 16.34
N VAL A 494 -21.39 -8.35 15.76
CA VAL A 494 -21.72 -9.57 16.55
C VAL A 494 -21.22 -10.79 15.80
N ASP A 495 -20.56 -11.72 16.51
CA ASP A 495 -20.17 -13.03 15.96
C ASP A 495 -21.41 -13.89 15.76
N LEU A 496 -21.67 -14.30 14.53
CA LEU A 496 -22.88 -15.06 14.19
C LEU A 496 -22.79 -16.50 14.73
N GLU A 497 -21.62 -16.99 15.13
CA GLU A 497 -21.44 -18.40 15.64
C GLU A 497 -22.12 -18.54 17.03
N ASN A 498 -23.07 -19.47 17.18
CA ASN A 498 -23.76 -19.74 18.49
C ASN A 498 -24.39 -18.45 19.02
N CYS A 499 -24.80 -17.60 18.11
CA CYS A 499 -25.32 -16.28 18.45
C CYS A 499 -26.71 -16.44 19.07
N ASP A 500 -26.94 -15.84 20.23
CA ASP A 500 -28.27 -15.85 20.88
C ASP A 500 -29.18 -14.88 20.11
N LEU A 501 -30.37 -15.30 19.68
CA LEU A 501 -31.33 -14.39 18.99
C LEU A 501 -31.62 -13.18 19.88
N LYS A 502 -31.66 -13.38 21.19
CA LYS A 502 -32.07 -12.30 22.13
C LYS A 502 -31.01 -11.19 22.12
N SER A 503 -29.75 -11.45 21.79
CA SER A 503 -28.74 -10.37 21.67
C SER A 503 -29.11 -9.45 20.49
N LEU A 504 -29.62 -10.01 19.39
CA LEU A 504 -29.82 -9.26 18.10
C LEU A 504 -31.06 -8.38 18.15
N THR A 505 -32.02 -8.63 19.05
CA THR A 505 -33.38 -8.01 19.02
C THR A 505 -33.31 -6.54 19.47
N ALA A 506 -32.28 -6.13 20.21
CA ALA A 506 -32.04 -4.75 20.69
C ALA A 506 -31.81 -3.76 19.53
N TYR A 507 -31.33 -4.20 18.38
CA TYR A 507 -30.94 -3.32 17.24
C TYR A 507 -32.15 -3.00 16.35
N LYS A 508 -32.16 -1.83 15.72
CA LYS A 508 -33.16 -1.47 14.69
C LYS A 508 -32.83 -2.17 13.36
N GLN A 509 -31.56 -2.39 13.06
CA GLN A 509 -31.16 -3.09 11.81
C GLN A 509 -29.99 -4.04 12.07
N LEU A 510 -30.05 -5.21 11.44
CA LEU A 510 -28.92 -6.16 11.29
C LEU A 510 -28.47 -6.18 9.83
N TRP A 511 -27.19 -5.91 9.59
CA TRP A 511 -26.56 -5.86 8.26
C TRP A 511 -25.67 -7.08 8.05
N ILE A 512 -25.94 -7.82 6.98
CA ILE A 512 -25.21 -9.10 6.70
C ILE A 512 -24.61 -8.95 5.31
N THR A 513 -23.28 -8.96 5.24
CA THR A 513 -22.58 -8.97 3.95
C THR A 513 -22.33 -10.44 3.62
N SER A 514 -23.03 -10.96 2.60
CA SER A 514 -23.09 -12.42 2.32
C SER A 514 -22.43 -12.78 0.98
N ALA A 515 -21.71 -13.88 0.96
CA ALA A 515 -21.24 -14.55 -0.26
C ALA A 515 -22.30 -15.57 -0.69
N GLU A 516 -21.96 -16.43 -1.64
CA GLU A 516 -22.94 -17.40 -2.15
C GLU A 516 -23.04 -18.59 -1.17
N PHE A 517 -22.18 -18.63 -0.16
CA PHE A 517 -22.16 -19.76 0.80
C PHE A 517 -22.33 -19.24 2.23
N MET A 518 -23.01 -20.01 3.05
CA MET A 518 -23.32 -19.72 4.47
C MET A 518 -23.87 -21.00 5.12
N ASP A 519 -23.40 -21.36 6.32
CA ASP A 519 -23.78 -22.64 6.97
C ASP A 519 -25.26 -22.62 7.35
N ALA A 520 -25.83 -23.82 7.48
CA ALA A 520 -27.25 -23.99 7.80
C ALA A 520 -27.59 -23.27 9.11
N GLU A 521 -26.75 -23.38 10.15
CA GLU A 521 -26.99 -22.73 11.46
C GLU A 521 -27.22 -21.22 11.26
N THR A 522 -26.37 -20.57 10.45
CA THR A 522 -26.47 -19.08 10.29
C THR A 522 -27.70 -18.77 9.40
N GLN A 523 -27.93 -19.55 8.36
CA GLN A 523 -29.13 -19.34 7.49
C GLN A 523 -30.40 -19.47 8.33
N ASN A 524 -30.43 -20.43 9.26
CA ASN A 524 -31.56 -20.65 10.20
C ASN A 524 -31.70 -19.43 11.13
N LEU A 525 -30.60 -19.00 11.76
CA LEU A 525 -30.56 -17.86 12.70
C LEU A 525 -31.15 -16.61 12.01
N LEU A 526 -30.69 -16.30 10.81
CA LEU A 526 -31.15 -15.05 10.12
C LEU A 526 -32.65 -15.18 9.78
N SER A 527 -33.11 -16.38 9.40
CA SER A 527 -34.54 -16.68 9.11
C SER A 527 -35.39 -16.37 10.34
N GLU A 528 -35.02 -16.92 11.48
CA GLU A 528 -35.73 -16.69 12.76
C GLU A 528 -35.68 -15.21 13.10
N PHE A 529 -34.54 -14.55 12.87
CA PHE A 529 -34.37 -13.14 13.23
C PHE A 529 -35.49 -12.33 12.59
N VAL A 530 -35.68 -12.51 11.28
CA VAL A 530 -36.67 -11.71 10.50
C VAL A 530 -38.09 -12.16 10.90
N LEU A 531 -38.34 -13.47 10.95
CA LEU A 531 -39.74 -13.94 11.21
C LEU A 531 -40.25 -13.35 12.51
N ASN A 532 -39.37 -13.25 13.50
CA ASN A 532 -39.74 -12.82 14.87
C ASN A 532 -39.80 -11.30 15.03
N GLY A 533 -39.48 -10.50 14.01
CA GLY A 533 -39.60 -9.05 14.12
C GLY A 533 -38.34 -8.29 13.74
N GLY A 534 -37.25 -8.95 13.39
CA GLY A 534 -36.01 -8.25 13.03
C GLY A 534 -36.07 -7.56 11.68
N ASN A 535 -35.31 -6.47 11.50
CA ASN A 535 -35.09 -5.80 10.19
C ASN A 535 -33.71 -6.17 9.64
N LEU A 536 -33.65 -6.87 8.52
CA LEU A 536 -32.38 -7.40 7.98
C LEU A 536 -32.08 -6.69 6.67
N ILE A 537 -30.83 -6.23 6.53
CA ILE A 537 -30.25 -5.73 5.27
C ILE A 537 -29.22 -6.77 4.82
N LEU A 538 -29.38 -7.30 3.63
CA LEU A 538 -28.58 -8.45 3.14
C LEU A 538 -28.14 -8.19 1.70
N TYR A 539 -26.84 -8.27 1.46
CA TYR A 539 -26.21 -8.07 0.14
C TYR A 539 -24.80 -8.61 0.21
N PRO A 540 -24.13 -8.89 -0.92
CA PRO A 540 -24.69 -8.81 -2.30
C PRO A 540 -25.42 -10.04 -2.84
N ALA A 541 -25.55 -11.05 -2.01
CA ALA A 541 -26.13 -12.34 -2.45
C ALA A 541 -26.99 -12.94 -1.36
N VAL A 542 -28.16 -13.46 -1.75
CA VAL A 542 -28.78 -14.58 -1.01
C VAL A 542 -27.87 -15.79 -1.22
N PRO A 543 -27.35 -16.39 -0.14
CA PRO A 543 -26.50 -17.59 -0.26
C PRO A 543 -27.36 -18.79 -0.69
N THR A 544 -26.78 -19.77 -1.38
CA THR A 544 -27.50 -21.02 -1.77
C THR A 544 -26.66 -22.25 -1.48
N LEU A 545 -25.52 -22.09 -0.82
CA LEU A 545 -24.55 -23.20 -0.56
C LEU A 545 -24.14 -23.10 0.91
N ASP A 546 -23.61 -24.20 1.44
CA ASP A 546 -23.08 -24.29 2.82
C ASP A 546 -21.54 -24.09 2.75
N ASN A 547 -20.82 -24.28 3.86
CA ASN A 547 -19.37 -23.99 3.95
C ASN A 547 -18.56 -24.95 3.08
N TYR A 548 -19.13 -26.11 2.68
CA TYR A 548 -18.44 -27.09 1.79
C TYR A 548 -18.97 -26.96 0.35
N LEU A 549 -19.72 -25.88 0.06
CA LEU A 549 -20.22 -25.52 -1.29
C LEU A 549 -21.23 -26.60 -1.75
N ASN A 550 -21.86 -27.27 -0.80
CA ASN A 550 -23.01 -28.18 -1.09
C ASN A 550 -24.30 -27.38 -0.92
N ARG A 551 -25.36 -27.81 -1.63
CA ARG A 551 -26.65 -27.09 -1.65
C ARG A 551 -27.17 -26.76 -0.24
N CYS A 552 -27.55 -25.51 0.01
CA CYS A 552 -28.25 -25.13 1.27
C CYS A 552 -29.09 -23.87 1.03
N GLU A 553 -30.40 -24.02 0.87
CA GLU A 553 -31.27 -22.94 0.35
C GLU A 553 -32.24 -22.51 1.44
N ILE A 554 -31.85 -22.74 2.69
CA ILE A 554 -32.71 -22.51 3.86
C ILE A 554 -33.22 -21.05 3.88
N LEU A 555 -32.30 -20.07 3.83
CA LEU A 555 -32.67 -18.66 3.94
C LEU A 555 -33.49 -18.26 2.72
N LYS A 556 -33.08 -18.66 1.52
CA LYS A 556 -33.80 -18.33 0.28
C LYS A 556 -35.26 -18.80 0.38
N ASN A 557 -35.45 -20.01 0.85
CA ASN A 557 -36.82 -20.63 0.95
C ASN A 557 -37.62 -19.96 2.06
N ASN A 558 -36.99 -19.67 3.20
CA ASN A 558 -37.70 -19.09 4.37
C ASN A 558 -38.12 -17.65 4.06
N PHE A 559 -37.42 -16.95 3.16
CA PHE A 559 -37.73 -15.56 2.75
C PHE A 559 -38.59 -15.50 1.49
N GLY A 560 -38.92 -16.64 0.87
CA GLY A 560 -39.86 -16.64 -0.26
C GLY A 560 -39.28 -15.95 -1.47
N ILE A 561 -37.96 -16.11 -1.67
CA ILE A 561 -37.16 -15.40 -2.71
C ILE A 561 -36.99 -16.35 -3.88
N GLU A 562 -37.20 -15.83 -5.06
CA GLU A 562 -36.83 -16.51 -6.32
C GLU A 562 -35.86 -15.57 -7.05
N PHE A 563 -34.76 -16.08 -7.58
CA PHE A 563 -33.83 -15.22 -8.36
C PHE A 563 -33.16 -16.02 -9.45
N ILE A 564 -32.65 -15.29 -10.45
CA ILE A 564 -31.74 -15.83 -11.48
C ILE A 564 -30.52 -14.92 -11.46
N THR A 565 -29.32 -15.44 -11.76
CA THR A 565 -28.08 -14.64 -11.82
C THR A 565 -27.82 -14.25 -13.28
N LYS A 566 -27.77 -12.95 -13.56
CA LYS A 566 -27.63 -12.43 -14.95
C LYS A 566 -26.48 -11.41 -15.02
N ASP A 567 -25.79 -11.36 -16.15
CA ASP A 567 -24.77 -10.31 -16.46
C ASP A 567 -25.46 -9.01 -16.89
N SER A 568 -24.93 -7.87 -16.41
CA SER A 568 -25.31 -6.51 -16.84
C SER A 568 -24.15 -5.54 -16.54
N SER A 569 -24.28 -4.31 -17.03
CA SER A 569 -23.41 -3.16 -16.70
C SER A 569 -23.12 -3.18 -15.19
N HIS A 570 -21.93 -2.78 -14.79
CA HIS A 570 -21.58 -2.57 -13.35
C HIS A 570 -22.51 -1.56 -12.70
N LYS A 571 -23.08 -0.60 -13.44
CA LYS A 571 -23.92 0.47 -12.85
C LYS A 571 -25.37 0.01 -12.64
N VAL A 572 -25.93 0.29 -11.46
CA VAL A 572 -27.36 0.09 -11.13
C VAL A 572 -27.94 1.39 -10.61
N SER A 573 -29.27 1.43 -10.53
CA SER A 573 -29.97 2.47 -9.73
C SER A 573 -30.52 1.80 -8.49
N ALA A 574 -30.47 2.48 -7.38
CA ALA A 574 -31.00 1.97 -6.08
C ALA A 574 -31.63 3.12 -5.29
N PHE A 575 -32.89 2.97 -4.88
CA PHE A 575 -33.64 3.98 -4.07
C PHE A 575 -33.58 5.34 -4.78
N GLY A 576 -33.58 5.34 -6.10
CA GLY A 576 -33.57 6.59 -6.91
C GLY A 576 -32.20 7.21 -7.09
N ILE A 577 -31.14 6.60 -6.55
CA ILE A 577 -29.73 7.00 -6.83
C ILE A 577 -29.29 6.34 -8.14
N GLU A 578 -28.99 7.13 -9.15
CA GLU A 578 -28.53 6.61 -10.46
C GLU A 578 -27.01 6.36 -10.45
N ASP A 579 -26.53 5.43 -11.30
CA ASP A 579 -25.09 5.25 -11.60
C ASP A 579 -24.33 4.86 -10.32
N VAL A 580 -24.93 3.96 -9.54
CA VAL A 580 -24.24 3.29 -8.39
C VAL A 580 -23.33 2.25 -9.04
N PHE A 581 -22.01 2.42 -8.96
CA PHE A 581 -21.04 1.47 -9.52
C PHE A 581 -20.95 0.25 -8.60
N THR A 582 -21.20 -0.95 -9.12
CA THR A 582 -21.17 -2.21 -8.38
C THR A 582 -19.99 -3.07 -8.85
N ALA A 583 -19.54 -3.97 -7.98
CA ALA A 583 -18.25 -4.67 -8.18
C ALA A 583 -18.35 -5.70 -9.29
N PHE A 584 -19.50 -6.33 -9.51
CA PHE A 584 -19.68 -7.46 -10.46
C PHE A 584 -20.64 -7.15 -11.61
N SER A 585 -20.34 -7.70 -12.77
CA SER A 585 -21.29 -7.80 -13.91
C SER A 585 -22.46 -8.71 -13.52
N LYS A 586 -22.19 -9.85 -12.93
CA LYS A 586 -23.25 -10.78 -12.46
C LYS A 586 -24.04 -10.15 -11.32
N LYS A 587 -25.35 -10.22 -11.37
CA LYS A 587 -26.24 -9.76 -10.27
C LYS A 587 -27.37 -10.75 -10.03
N GLN A 588 -27.93 -10.73 -8.82
CA GLN A 588 -29.18 -11.49 -8.55
C GLN A 588 -30.35 -10.64 -9.05
N ILE A 589 -31.20 -11.25 -9.89
CA ILE A 589 -32.43 -10.63 -10.41
C ILE A 589 -33.62 -11.32 -9.73
N TYR A 590 -34.35 -10.59 -8.89
CA TYR A 590 -35.41 -11.11 -8.00
C TYR A 590 -36.78 -11.04 -8.66
N ASN A 591 -37.62 -12.05 -8.49
CA ASN A 591 -39.00 -11.78 -8.98
C ASN A 591 -39.72 -11.00 -7.86
N ASP A 592 -40.64 -10.16 -8.32
CA ASP A 592 -41.28 -9.02 -7.64
C ASP A 592 -42.39 -9.44 -6.64
N THR A 593 -42.57 -10.72 -6.39
CA THR A 593 -43.72 -11.25 -5.67
C THR A 593 -43.76 -10.70 -4.25
N ASN A 594 -44.88 -10.08 -3.86
CA ASN A 594 -45.13 -9.71 -2.44
C ASN A 594 -43.93 -8.87 -1.96
N SER A 595 -43.46 -7.97 -2.83
CA SER A 595 -42.25 -7.15 -2.52
C SER A 595 -42.36 -5.80 -3.19
N LYS A 596 -41.54 -4.85 -2.78
CA LYS A 596 -41.37 -3.54 -3.46
C LYS A 596 -40.00 -3.54 -4.13
N PRO A 597 -39.91 -3.47 -5.47
CA PRO A 597 -38.63 -3.38 -6.17
C PRO A 597 -37.99 -1.99 -5.96
N ILE A 598 -36.74 -1.99 -5.49
CA ILE A 598 -36.06 -0.71 -5.10
C ILE A 598 -34.68 -0.60 -5.75
N ALA A 599 -34.24 -1.52 -6.61
CA ALA A 599 -32.99 -1.37 -7.38
C ALA A 599 -33.11 -2.06 -8.73
N PHE A 600 -32.53 -1.44 -9.74
CA PHE A 600 -32.72 -1.81 -11.16
C PHE A 600 -31.40 -1.80 -11.92
N THR A 601 -31.23 -2.78 -12.80
CA THR A 601 -30.07 -2.86 -13.71
C THR A 601 -30.26 -1.84 -14.85
N GLN A 602 -29.27 -1.74 -15.74
CA GLN A 602 -29.34 -0.89 -16.95
C GLN A 602 -30.53 -1.33 -17.83
N GLU A 603 -30.91 -2.61 -17.82
CA GLU A 603 -32.06 -3.15 -18.61
C GLU A 603 -33.33 -3.11 -17.78
N ASN A 604 -33.32 -2.36 -16.67
CA ASN A 604 -34.44 -2.16 -15.69
C ASN A 604 -34.90 -3.50 -15.09
N GLU A 605 -34.03 -4.50 -15.01
CA GLU A 605 -34.36 -5.75 -14.27
C GLU A 605 -34.15 -5.51 -12.78
N ILE A 606 -34.93 -6.22 -11.96
CA ILE A 606 -35.02 -5.96 -10.50
C ILE A 606 -33.80 -6.60 -9.85
N CYS A 607 -32.93 -5.80 -9.22
CA CYS A 607 -31.73 -6.34 -8.53
C CYS A 607 -31.73 -5.90 -7.06
N GLY A 608 -32.89 -5.52 -6.51
CA GLY A 608 -33.07 -5.31 -5.06
C GLY A 608 -34.53 -5.20 -4.74
N ILE A 609 -34.95 -5.73 -3.59
CA ILE A 609 -36.37 -5.68 -3.16
C ILE A 609 -36.45 -5.48 -1.66
N ARG A 610 -37.61 -5.02 -1.21
CA ARG A 610 -37.94 -4.89 0.21
C ARG A 610 -39.25 -5.65 0.42
N LYS A 611 -39.33 -6.35 1.53
CA LYS A 611 -40.56 -7.10 1.85
C LYS A 611 -40.72 -7.24 3.36
N LYS A 612 -41.97 -7.52 3.73
CA LYS A 612 -42.42 -7.79 5.11
C LYS A 612 -42.58 -9.28 5.21
N ILE A 613 -41.92 -9.91 6.17
CA ILE A 613 -41.94 -11.38 6.41
C ILE A 613 -42.19 -11.64 7.88
N GLY A 614 -43.30 -12.30 8.21
CA GLY A 614 -43.78 -12.39 9.59
C GLY A 614 -43.86 -11.01 10.18
N LYS A 615 -43.18 -10.77 11.28
CA LYS A 615 -43.23 -9.47 12.00
C LYS A 615 -42.06 -8.58 11.58
N GLY A 616 -41.19 -9.09 10.71
CA GLY A 616 -39.91 -8.43 10.35
C GLY A 616 -39.91 -7.86 8.95
N GLU A 617 -38.74 -7.32 8.55
CA GLU A 617 -38.51 -6.61 7.28
C GLU A 617 -37.24 -7.16 6.68
N LEU A 618 -37.23 -7.30 5.35
CA LEU A 618 -36.05 -7.76 4.60
C LEU A 618 -35.78 -6.76 3.48
N THR A 619 -34.53 -6.30 3.39
CA THR A 619 -34.04 -5.58 2.22
C THR A 619 -32.91 -6.42 1.60
N ILE A 620 -33.04 -6.89 0.36
CA ILE A 620 -32.00 -7.67 -0.36
C ILE A 620 -31.52 -6.84 -1.53
N LEU A 621 -30.19 -6.67 -1.67
CA LEU A 621 -29.58 -6.04 -2.86
C LEU A 621 -28.74 -7.11 -3.51
N GLY A 622 -29.01 -7.41 -4.79
CA GLY A 622 -28.30 -8.46 -5.52
C GLY A 622 -27.09 -7.91 -6.25
N PHE A 623 -26.36 -7.01 -5.62
CA PHE A 623 -25.16 -6.39 -6.19
C PHE A 623 -24.26 -5.96 -5.04
N ALA A 624 -22.98 -5.75 -5.33
CA ALA A 624 -21.91 -5.46 -4.33
C ALA A 624 -21.41 -4.02 -4.48
N PHE A 625 -21.37 -3.31 -3.37
CA PHE A 625 -20.72 -1.99 -3.30
C PHE A 625 -20.01 -1.91 -1.98
N GLY A 626 -18.85 -1.26 -2.00
CA GLY A 626 -18.15 -0.84 -0.78
C GLY A 626 -18.25 0.66 -0.63
N TYR A 627 -17.11 1.35 -0.55
CA TYR A 627 -17.09 2.83 -0.47
C TYR A 627 -15.95 3.33 -1.39
N THR A 628 -16.28 3.48 -2.67
CA THR A 628 -15.35 3.91 -3.74
C THR A 628 -15.95 5.03 -4.56
N SER A 629 -17.06 5.61 -4.12
CA SER A 629 -17.76 6.72 -4.79
C SER A 629 -18.67 7.42 -3.80
N ASP A 630 -19.08 8.64 -4.12
CA ASP A 630 -20.09 9.37 -3.32
C ASP A 630 -21.44 8.62 -3.36
N GLU A 631 -21.81 7.96 -4.47
CA GLU A 631 -23.12 7.27 -4.56
C GLU A 631 -23.19 6.19 -3.47
N HIS A 632 -22.06 5.57 -3.12
CA HIS A 632 -22.01 4.53 -2.07
C HIS A 632 -22.37 5.10 -0.70
N LEU A 633 -21.87 6.27 -0.31
CA LEU A 633 -22.30 6.88 0.96
C LEU A 633 -23.78 7.26 0.87
N GLU A 634 -24.27 7.77 -0.28
CA GLU A 634 -25.70 8.13 -0.38
C GLU A 634 -26.54 6.85 -0.16
N LEU A 635 -26.10 5.73 -0.72
CA LEU A 635 -26.86 4.45 -0.60
C LEU A 635 -26.84 3.96 0.85
N ILE A 636 -25.69 3.99 1.53
CA ILE A 636 -25.64 3.54 2.95
C ILE A 636 -26.59 4.43 3.77
N ASP A 637 -26.57 5.74 3.52
CA ASP A 637 -27.42 6.71 4.26
C ASP A 637 -28.90 6.36 4.04
N LYS A 638 -29.29 6.08 2.80
CA LYS A 638 -30.70 5.73 2.45
C LYS A 638 -31.10 4.46 3.22
N LEU A 639 -30.24 3.45 3.21
CA LEU A 639 -30.55 2.15 3.86
C LEU A 639 -30.72 2.41 5.36
N VAL A 640 -29.80 3.11 6.01
CA VAL A 640 -29.95 3.40 7.46
C VAL A 640 -31.28 4.12 7.72
N LYS A 641 -31.65 5.07 6.88
CA LYS A 641 -32.87 5.89 7.11
C LYS A 641 -34.14 5.04 6.90
N LEU A 642 -34.05 3.87 6.28
CA LEU A 642 -35.24 3.01 6.07
C LEU A 642 -35.91 2.72 7.42
N ASN A 643 -35.16 2.69 8.53
CA ASN A 643 -35.70 2.44 9.88
C ASN A 643 -35.52 3.68 10.76
N LYS A 644 -35.37 4.84 10.13
CA LYS A 644 -35.51 6.15 10.82
C LYS A 644 -34.40 6.27 11.88
N ILE A 645 -33.24 5.70 11.64
CA ILE A 645 -32.07 5.86 12.54
C ILE A 645 -31.52 7.26 12.33
N LYS A 646 -31.19 7.96 13.41
CA LYS A 646 -30.67 9.34 13.32
C LYS A 646 -29.29 9.40 13.96
N ARG A 647 -28.44 10.27 13.43
CA ARG A 647 -27.17 10.61 14.11
C ARG A 647 -27.51 11.29 15.44
N GLU A 648 -26.57 11.29 16.38
CA GLU A 648 -26.73 11.94 17.71
C GLU A 648 -26.61 13.46 17.57
N LEU A 649 -25.84 13.94 16.59
CA LEU A 649 -25.60 15.39 16.41
C LEU A 649 -25.93 15.80 14.98
N PHE A 650 -26.42 17.02 14.79
CA PHE A 650 -26.34 17.76 13.51
C PHE A 650 -25.00 18.47 13.54
N VAL A 651 -24.12 18.19 12.58
CA VAL A 651 -22.78 18.83 12.44
C VAL A 651 -22.70 19.46 11.05
N SER A 652 -22.31 20.72 10.96
CA SER A 652 -22.38 21.53 9.70
C SER A 652 -21.32 21.12 8.66
N ASP A 653 -20.29 20.37 9.06
CA ASP A 653 -19.22 19.89 8.17
C ASP A 653 -19.31 18.37 8.19
N LYS A 654 -19.73 17.77 7.08
CA LYS A 654 -19.97 16.31 7.02
C LYS A 654 -18.63 15.56 7.13
N ASP A 655 -17.49 16.22 6.97
CA ASP A 655 -16.16 15.56 7.03
C ASP A 655 -15.62 15.54 8.47
N ILE A 656 -16.31 16.15 9.45
CA ILE A 656 -15.97 15.98 10.89
C ILE A 656 -16.55 14.63 11.35
N GLN A 657 -15.72 13.81 11.98
CA GLN A 657 -16.15 12.62 12.70
C GLN A 657 -16.44 12.96 14.14
N PHE A 658 -17.46 12.31 14.68
CA PHE A 658 -17.79 12.48 16.12
C PHE A 658 -18.27 11.15 16.69
N VAL A 659 -18.07 11.03 17.99
CA VAL A 659 -18.66 9.95 18.82
C VAL A 659 -19.22 10.58 20.08
N VAL A 660 -20.48 10.28 20.39
CA VAL A 660 -21.07 10.61 21.71
C VAL A 660 -21.02 9.38 22.59
N ARG A 661 -20.33 9.47 23.71
CA ARG A 661 -20.31 8.40 24.75
C ARG A 661 -21.04 8.91 25.98
N GLU A 662 -21.97 8.13 26.53
CA GLU A 662 -22.69 8.64 27.71
C GLU A 662 -23.08 7.50 28.67
N ASN A 663 -23.18 7.85 29.96
CA ASN A 663 -23.83 7.01 31.00
C ASN A 663 -24.91 7.87 31.66
N ASN A 664 -25.33 7.54 32.88
CA ASN A 664 -26.42 8.31 33.53
C ASN A 664 -25.86 9.68 33.98
N LYS A 665 -24.62 9.74 34.45
CA LYS A 665 -24.00 10.98 35.00
C LYS A 665 -23.49 11.93 33.90
N SER A 666 -22.88 11.41 32.83
CA SER A 666 -21.91 12.17 32.00
C SER A 666 -22.13 11.89 30.51
N ARG A 667 -21.86 12.90 29.70
CA ARG A 667 -21.84 12.76 28.22
C ARG A 667 -20.49 13.33 27.74
N TYR A 668 -19.76 12.58 26.93
CA TYR A 668 -18.52 13.03 26.28
C TYR A 668 -18.79 13.11 24.79
N ILE A 669 -18.51 14.27 24.21
CA ILE A 669 -18.53 14.41 22.74
C ILE A 669 -17.08 14.47 22.28
N PHE A 670 -16.69 13.50 21.47
CA PHE A 670 -15.36 13.45 20.80
C PHE A 670 -15.52 13.94 19.35
N PHE A 671 -14.83 15.01 18.97
CA PHE A 671 -14.74 15.44 17.55
C PHE A 671 -13.35 15.10 17.02
N LEU A 672 -13.29 14.50 15.84
CA LEU A 672 -12.06 14.01 15.20
C LEU A 672 -11.99 14.59 13.79
N ASN A 673 -10.92 15.35 13.53
CA ASN A 673 -10.61 15.91 12.22
C ASN A 673 -9.48 15.07 11.60
N TYR A 674 -9.79 14.14 10.72
CA TYR A 674 -8.83 13.23 10.06
C TYR A 674 -8.25 13.85 8.77
N HIS A 675 -8.41 15.17 8.58
CA HIS A 675 -8.15 15.85 7.28
C HIS A 675 -7.15 16.99 7.45
N ASN A 676 -6.38 17.28 6.40
CA ASN A 676 -5.37 18.37 6.47
C ASN A 676 -6.06 19.67 6.09
N GLU A 677 -6.90 20.14 6.99
CA GLU A 677 -7.66 21.41 6.82
C GLU A 677 -8.01 21.90 8.20
N ARG A 678 -7.82 23.19 8.51
CA ARG A 678 -8.40 23.80 9.72
C ARG A 678 -9.90 23.97 9.46
N LYS A 679 -10.73 23.33 10.28
CA LYS A 679 -12.19 23.31 10.05
C LYS A 679 -12.89 24.12 11.13
N THR A 680 -13.74 25.05 10.69
CA THR A 680 -14.65 25.78 11.58
C THR A 680 -16.06 25.27 11.24
N PHE A 681 -16.79 24.79 12.24
CA PHE A 681 -18.13 24.22 12.05
C PHE A 681 -18.99 24.52 13.26
N ASN A 682 -20.26 24.18 13.13
CA ASN A 682 -21.23 24.29 14.23
C ASN A 682 -21.96 22.97 14.40
N TYR A 683 -22.47 22.72 15.60
CA TYR A 683 -23.20 21.48 15.88
C TYR A 683 -24.31 21.71 16.93
N ARG A 684 -25.25 20.77 16.96
CA ARG A 684 -26.23 20.68 18.07
C ARG A 684 -26.71 19.25 18.19
N LYS A 685 -27.28 18.92 19.36
CA LYS A 685 -27.85 17.58 19.66
C LYS A 685 -29.10 17.39 18.81
N SER A 686 -29.27 16.20 18.24
CA SER A 686 -30.39 15.93 17.29
C SER A 686 -31.74 16.19 17.97
N SER A 687 -31.82 16.05 19.30
CA SER A 687 -33.02 16.41 20.11
C SER A 687 -32.62 17.05 21.44
N LYS A 693 -27.25 29.45 19.25
CA LYS A 693 -27.82 28.28 19.96
C LYS A 693 -27.02 27.02 19.61
N SER A 694 -26.76 26.75 18.33
CA SER A 694 -25.69 25.81 17.92
C SER A 694 -24.34 26.31 18.46
N GLU A 695 -23.46 25.40 18.88
CA GLU A 695 -22.08 25.72 19.35
C GLU A 695 -21.13 25.79 18.14
N GLU A 696 -20.17 26.72 18.14
CA GLU A 696 -19.12 26.83 17.09
C GLU A 696 -17.80 26.25 17.61
N ILE A 697 -17.12 25.48 16.76
CA ILE A 697 -15.83 24.83 17.06
C ILE A 697 -14.87 25.08 15.89
N SER A 698 -13.59 25.38 16.18
CA SER A 698 -12.49 25.37 15.21
C SER A 698 -11.53 24.26 15.63
N ILE A 699 -11.19 23.41 14.68
CA ILE A 699 -10.30 22.24 14.92
C ILE A 699 -9.16 22.29 13.89
N ALA A 700 -7.94 22.09 14.39
CA ALA A 700 -6.70 22.02 13.59
C ALA A 700 -6.73 20.77 12.73
N PRO A 701 -5.88 20.74 11.69
CA PRO A 701 -5.63 19.54 10.90
C PRO A 701 -5.24 18.36 11.82
N PHE A 702 -5.77 17.18 11.51
CA PHE A 702 -5.35 15.91 12.14
C PHE A 702 -5.45 16.03 13.66
N SER A 703 -6.50 16.68 14.16
CA SER A 703 -6.65 17.04 15.59
C SER A 703 -8.01 16.59 16.13
N TYR A 704 -8.31 17.00 17.37
CA TYR A 704 -9.44 16.46 18.14
C TYR A 704 -9.92 17.54 19.09
N LYS A 705 -11.19 17.43 19.48
CA LYS A 705 -11.72 18.16 20.65
C LYS A 705 -12.53 17.20 21.48
N VAL A 706 -12.51 17.37 22.80
CA VAL A 706 -13.41 16.59 23.69
C VAL A 706 -14.23 17.56 24.55
N ILE A 707 -15.56 17.41 24.53
CA ILE A 707 -16.49 18.24 25.36
C ILE A 707 -17.12 17.34 26.42
N LYS A 708 -17.12 17.73 27.69
CA LYS A 708 -17.84 16.93 28.71
C LYS A 708 -19.08 17.69 29.15
N GLU A 709 -20.21 17.01 29.22
CA GLU A 709 -21.49 17.57 29.74
C GLU A 709 -21.90 16.81 30.99
N ASN A 710 -22.25 17.54 32.04
CA ASN A 710 -22.80 16.94 33.28
C ASN A 710 -24.31 16.75 33.04
N LYS A 711 -24.80 15.49 33.03
CA LYS A 711 -26.21 15.02 32.84
C LYS A 711 -26.40 14.46 31.42
N SER B 1 21.79 26.21 -19.90
CA SER B 1 21.76 24.75 -20.20
C SER B 1 20.38 24.12 -19.93
N GLU B 2 19.47 24.80 -19.22
CA GLU B 2 18.15 24.22 -18.84
C GLU B 2 17.24 24.17 -20.05
N LYS B 3 16.28 23.23 -20.01
CA LYS B 3 15.23 23.08 -21.04
C LYS B 3 13.95 23.62 -20.45
N TYR B 4 13.23 24.47 -21.19
CA TYR B 4 12.03 25.15 -20.66
C TYR B 4 11.18 25.55 -21.85
N PHE B 5 9.90 25.70 -21.60
CA PHE B 5 8.96 26.23 -22.61
C PHE B 5 9.29 27.70 -22.84
N VAL B 6 8.90 28.19 -24.01
CA VAL B 6 9.19 29.60 -24.40
C VAL B 6 7.89 30.25 -24.89
N LYS B 7 7.76 31.54 -24.60
CA LYS B 7 6.64 32.40 -25.11
C LYS B 7 7.22 33.77 -25.39
N ASN B 8 6.97 34.29 -26.60
CA ASN B 8 7.49 35.63 -26.97
C ASN B 8 9.02 35.68 -26.73
N GLY B 9 9.71 34.58 -27.04
CA GLY B 9 11.17 34.50 -26.99
C GLY B 9 11.75 34.56 -25.59
N GLN B 10 10.94 34.36 -24.55
CA GLN B 10 11.38 34.42 -23.13
C GLN B 10 10.95 33.11 -22.46
N PRO B 11 11.62 32.70 -21.37
CA PRO B 11 11.19 31.51 -20.63
C PRO B 11 9.72 31.67 -20.22
N HIS B 12 8.96 30.62 -20.37
CA HIS B 12 7.51 30.58 -20.06
C HIS B 12 7.21 29.37 -19.20
N PHE B 13 6.63 29.57 -18.01
CA PHE B 13 6.22 28.40 -17.19
C PHE B 13 4.86 27.99 -17.74
N LEU B 14 4.75 26.82 -18.32
CA LEU B 14 3.46 26.35 -18.88
C LEU B 14 2.53 26.05 -17.69
N ILE B 15 1.45 26.83 -17.52
CA ILE B 15 0.40 26.57 -16.50
C ILE B 15 -0.91 26.28 -17.24
N SER B 16 -1.28 25.02 -17.28
CA SER B 16 -2.53 24.56 -17.93
C SER B 16 -3.47 24.00 -16.85
N GLY B 17 -4.77 24.04 -17.12
CA GLY B 17 -5.80 23.40 -16.30
C GLY B 17 -6.67 22.51 -17.18
N GLU B 18 -6.99 21.31 -16.70
CA GLU B 18 -7.80 20.35 -17.49
C GLU B 18 -9.26 20.68 -17.21
N VAL B 19 -10.01 20.90 -18.28
CA VAL B 19 -11.44 21.28 -18.24
C VAL B 19 -12.14 20.49 -19.35
N HIS B 20 -12.95 19.52 -18.99
CA HIS B 20 -13.60 18.60 -19.96
C HIS B 20 -14.94 19.23 -20.38
N TYR B 21 -14.96 19.87 -21.55
CA TYR B 21 -16.17 20.53 -22.10
C TYR B 21 -17.33 19.52 -22.16
N PHE B 22 -17.05 18.25 -22.51
CA PHE B 22 -18.05 17.20 -22.77
C PHE B 22 -18.72 16.78 -21.44
N ARG B 23 -18.16 17.19 -20.29
CA ARG B 23 -18.68 16.92 -18.92
C ARG B 23 -19.15 18.17 -18.20
N ILE B 24 -19.38 19.29 -18.90
CA ILE B 24 -19.76 20.56 -18.24
C ILE B 24 -20.93 21.16 -19.04
N ASN B 25 -21.95 21.62 -18.34
CA ASN B 25 -23.04 22.37 -18.99
C ASN B 25 -22.47 23.48 -19.88
N PRO B 26 -22.80 23.54 -21.20
CA PRO B 26 -22.20 24.56 -22.06
C PRO B 26 -22.55 26.01 -21.71
N LYS B 27 -23.64 26.21 -20.95
CA LYS B 27 -23.98 27.57 -20.47
C LYS B 27 -22.88 28.05 -19.52
N LEU B 28 -22.09 27.13 -18.97
CA LEU B 28 -21.07 27.46 -17.95
C LEU B 28 -19.63 27.32 -18.50
N TRP B 29 -19.45 27.00 -19.77
CA TRP B 29 -18.10 26.88 -20.39
C TRP B 29 -17.34 28.20 -20.22
N ARG B 30 -17.98 29.32 -20.54
CA ARG B 30 -17.25 30.61 -20.44
C ARG B 30 -16.82 30.86 -19.00
N ASN B 31 -17.70 30.60 -18.01
CA ASN B 31 -17.40 30.89 -16.58
C ASN B 31 -16.21 30.02 -16.11
N HIS B 32 -16.17 28.76 -16.50
CA HIS B 32 -15.01 27.87 -16.16
C HIS B 32 -13.71 28.47 -16.72
N LEU B 33 -13.71 28.87 -17.99
CA LEU B 33 -12.52 29.40 -18.70
C LEU B 33 -12.09 30.71 -18.04
N GLN B 34 -13.05 31.58 -17.70
CA GLN B 34 -12.71 32.89 -17.10
C GLN B 34 -12.07 32.64 -15.72
N LEU B 35 -12.65 31.74 -14.94
CA LEU B 35 -12.13 31.42 -13.60
C LEU B 35 -10.74 30.77 -13.72
N LEU B 36 -10.48 29.98 -14.76
CA LEU B 36 -9.15 29.36 -14.96
C LEU B 36 -8.14 30.48 -15.29
N LYS B 37 -8.50 31.36 -16.20
CA LYS B 37 -7.60 32.47 -16.58
C LYS B 37 -7.28 33.33 -15.35
N GLN B 38 -8.25 33.53 -14.47
CA GLN B 38 -8.13 34.46 -13.31
C GLN B 38 -7.17 33.86 -12.27
N THR B 39 -6.79 32.56 -12.37
CA THR B 39 -5.74 32.00 -11.51
C THR B 39 -4.34 32.32 -12.05
N GLY B 40 -4.20 32.89 -13.25
CA GLY B 40 -2.89 33.11 -13.88
C GLY B 40 -2.51 31.97 -14.83
N ALA B 41 -3.34 30.93 -14.95
CA ALA B 41 -3.15 29.85 -15.95
C ALA B 41 -3.16 30.48 -17.35
N ASP B 42 -2.34 29.96 -18.25
CA ASP B 42 -2.25 30.46 -19.64
C ASP B 42 -2.90 29.50 -20.64
N THR B 43 -3.09 28.22 -20.28
CA THR B 43 -3.52 27.16 -21.19
C THR B 43 -4.64 26.34 -20.52
N VAL B 44 -5.48 25.77 -21.37
CA VAL B 44 -6.56 24.82 -20.96
C VAL B 44 -6.38 23.56 -21.78
N SER B 45 -6.70 22.39 -21.22
CA SER B 45 -6.42 21.07 -21.82
C SER B 45 -7.68 20.22 -21.74
N THR B 46 -7.94 19.45 -22.79
CA THR B 46 -9.12 18.55 -22.78
C THR B 46 -8.91 17.42 -23.77
N TYR B 47 -9.51 16.27 -23.47
CA TYR B 47 -9.79 15.22 -24.48
C TYR B 47 -10.90 15.67 -25.41
N ILE B 48 -10.85 15.10 -26.61
CA ILE B 48 -11.93 15.20 -27.62
C ILE B 48 -12.35 13.76 -27.87
N PRO B 49 -13.37 13.24 -27.18
CA PRO B 49 -13.65 11.82 -27.22
C PRO B 49 -14.30 11.38 -28.53
N TRP B 50 -13.73 10.36 -29.13
CA TRP B 50 -14.22 9.78 -30.40
C TRP B 50 -15.68 9.34 -30.23
N ASP B 51 -15.98 8.61 -29.16
CA ASP B 51 -17.34 8.12 -28.83
C ASP B 51 -18.34 9.29 -28.77
N TRP B 52 -17.91 10.45 -28.27
CA TRP B 52 -18.81 11.60 -27.99
C TRP B 52 -19.20 12.32 -29.29
N HIS B 53 -18.35 12.26 -30.33
CA HIS B 53 -18.50 13.07 -31.57
C HIS B 53 -18.87 12.20 -32.77
N GLU B 54 -18.39 10.96 -32.90
CA GLU B 54 -18.89 10.06 -33.96
C GLU B 54 -20.04 9.26 -33.34
N ILE B 55 -21.23 9.85 -33.32
CA ILE B 55 -22.36 9.36 -32.48
C ILE B 55 -22.96 8.05 -33.00
N GLU B 56 -22.91 7.87 -34.31
CA GLU B 56 -23.14 6.57 -34.99
C GLU B 56 -22.12 6.46 -36.11
N GLU B 57 -21.95 5.31 -36.75
CA GLU B 57 -20.94 5.19 -37.82
C GLU B 57 -21.16 6.26 -38.90
N ASP B 58 -20.10 7.01 -39.20
CA ASP B 58 -20.06 8.09 -40.22
C ASP B 58 -21.10 9.18 -39.92
N ASP B 59 -21.50 9.38 -38.68
CA ASP B 59 -22.38 10.52 -38.30
C ASP B 59 -21.63 11.31 -37.23
N PHE B 60 -21.13 12.48 -37.60
CA PHE B 60 -20.23 13.30 -36.74
C PHE B 60 -20.94 14.57 -36.28
N ASP B 61 -20.82 14.89 -35.00
CA ASP B 61 -21.39 16.14 -34.44
C ASP B 61 -20.29 16.83 -33.65
N PHE B 62 -19.77 17.92 -34.20
CA PHE B 62 -18.81 18.82 -33.50
C PHE B 62 -19.43 20.17 -33.16
N GLU B 63 -20.74 20.37 -33.39
CA GLU B 63 -21.39 21.70 -33.40
C GLU B 63 -22.57 21.72 -32.43
N GLY B 64 -22.80 20.65 -31.68
CA GLY B 64 -23.93 20.62 -30.73
C GLY B 64 -25.27 20.44 -31.41
N LYS B 65 -25.27 19.82 -32.58
CA LYS B 65 -26.55 19.55 -33.30
C LYS B 65 -27.43 18.60 -32.46
N THR B 66 -26.85 17.58 -31.80
CA THR B 66 -27.57 16.45 -31.16
C THR B 66 -27.50 16.53 -29.63
N HIS B 67 -26.53 17.28 -29.09
CA HIS B 67 -26.39 17.52 -27.63
C HIS B 67 -25.54 18.78 -27.52
N PRO B 68 -25.90 19.77 -26.68
CA PRO B 68 -25.17 21.02 -26.70
C PRO B 68 -23.68 20.85 -26.34
N ALA B 69 -23.34 19.85 -25.52
CA ALA B 69 -21.94 19.64 -25.07
C ALA B 69 -21.12 18.92 -26.15
N ARG B 70 -21.69 18.64 -27.34
CA ARG B 70 -20.92 18.15 -28.52
C ARG B 70 -20.40 19.33 -29.36
N ASN B 71 -20.66 20.55 -28.94
CA ASN B 71 -20.21 21.80 -29.62
C ASN B 71 -18.73 22.10 -29.33
N LEU B 72 -17.85 21.21 -29.80
CA LEU B 72 -16.37 21.38 -29.76
C LEU B 72 -15.97 22.73 -30.36
N ILE B 73 -16.57 23.10 -31.48
CA ILE B 73 -16.21 24.34 -32.24
C ILE B 73 -16.44 25.55 -31.35
N ARG B 74 -17.58 25.61 -30.67
CA ARG B 74 -17.88 26.71 -29.73
C ARG B 74 -16.85 26.73 -28.59
N PHE B 75 -16.50 25.57 -28.04
CA PHE B 75 -15.54 25.55 -26.91
C PHE B 75 -14.18 26.09 -27.38
N ILE B 76 -13.71 25.69 -28.56
CA ILE B 76 -12.40 26.20 -29.11
C ILE B 76 -12.50 27.72 -29.22
N LYS B 77 -13.64 28.22 -29.72
CA LYS B 77 -13.85 29.68 -29.94
C LYS B 77 -13.82 30.42 -28.61
N LEU B 78 -14.38 29.81 -27.55
CA LEU B 78 -14.42 30.41 -26.21
C LEU B 78 -13.00 30.46 -25.64
N CYS B 79 -12.21 29.41 -25.88
CA CYS B 79 -10.81 29.40 -25.37
C CYS B 79 -10.11 30.65 -25.92
N LYS B 80 -10.25 30.91 -27.22
CA LYS B 80 -9.62 32.08 -27.87
C LYS B 80 -10.22 33.38 -27.32
N GLU B 81 -11.55 33.48 -27.23
CA GLU B 81 -12.18 34.70 -26.65
C GLU B 81 -11.65 34.99 -25.23
N GLU B 82 -11.33 33.96 -24.42
CA GLU B 82 -10.95 34.11 -23.00
C GLU B 82 -9.42 34.08 -22.85
N ASN B 83 -8.71 34.17 -23.96
CA ASN B 83 -7.25 34.42 -23.97
C ASN B 83 -6.52 33.23 -23.30
N LEU B 84 -6.96 32.01 -23.62
CA LEU B 84 -6.27 30.77 -23.18
C LEU B 84 -5.78 30.03 -24.41
N ASP B 85 -4.57 29.51 -24.37
CA ASP B 85 -4.11 28.50 -25.35
C ASP B 85 -4.83 27.18 -25.02
N LEU B 86 -4.85 26.23 -25.97
CA LEU B 86 -5.59 24.96 -25.82
C LEU B 86 -4.70 23.78 -26.19
N ILE B 87 -4.71 22.76 -25.34
CA ILE B 87 -4.11 21.42 -25.62
C ILE B 87 -5.28 20.50 -25.92
N VAL B 88 -5.24 19.83 -27.06
CA VAL B 88 -6.31 18.88 -27.47
C VAL B 88 -5.77 17.45 -27.49
N LYS B 89 -6.62 16.49 -27.10
CA LYS B 89 -6.20 15.09 -26.95
C LYS B 89 -7.32 14.22 -27.54
N PRO B 90 -7.26 13.95 -28.86
CA PRO B 90 -8.36 13.27 -29.55
C PRO B 90 -8.23 11.74 -29.63
N GLY B 91 -7.29 11.15 -28.91
CA GLY B 91 -7.25 9.69 -28.80
C GLY B 91 -6.48 9.06 -29.96
N PRO B 92 -6.88 7.85 -30.42
CA PRO B 92 -8.22 7.30 -30.16
C PRO B 92 -8.59 6.87 -28.74
N TYR B 93 -7.67 6.34 -27.93
CA TYR B 93 -7.95 6.07 -26.51
C TYR B 93 -7.79 7.35 -25.72
N ILE B 94 -8.71 7.61 -24.80
CA ILE B 94 -8.55 8.72 -23.83
C ILE B 94 -8.51 8.20 -22.40
N LEU B 95 -8.97 6.99 -22.14
CA LEU B 95 -9.19 6.51 -20.74
C LEU B 95 -10.12 7.50 -20.02
N ALA B 96 -9.65 8.30 -19.08
CA ALA B 96 -10.44 9.45 -18.55
C ALA B 96 -11.70 8.97 -17.82
N GLU B 97 -11.76 7.73 -17.34
CA GLU B 97 -12.97 7.10 -16.71
C GLU B 97 -14.18 7.32 -17.64
N TYR B 98 -13.96 7.30 -18.96
CA TYR B 98 -15.02 7.41 -19.98
C TYR B 98 -15.38 6.01 -20.45
N GLU B 99 -16.66 5.73 -20.65
CA GLU B 99 -17.14 4.40 -21.08
C GLU B 99 -16.31 3.93 -22.27
N ASN B 100 -15.86 2.69 -22.22
CA ASN B 100 -15.11 2.06 -23.33
C ASN B 100 -13.79 2.81 -23.56
N GLN B 101 -13.32 3.56 -22.56
CA GLN B 101 -12.04 4.29 -22.58
C GLN B 101 -12.01 5.25 -23.77
N GLY B 102 -13.19 5.64 -24.26
CA GLY B 102 -13.34 6.68 -25.28
C GLY B 102 -13.70 6.14 -26.65
N LEU B 103 -13.57 4.82 -26.88
CA LEU B 103 -13.91 4.22 -28.18
C LEU B 103 -15.43 4.19 -28.33
N PRO B 104 -15.98 4.40 -29.55
CA PRO B 104 -17.42 4.30 -29.76
C PRO B 104 -18.03 2.93 -29.49
N SER B 105 -19.19 2.91 -28.85
CA SER B 105 -19.91 1.63 -28.61
C SER B 105 -20.18 0.96 -29.96
N TRP B 106 -20.57 1.74 -30.99
CA TRP B 106 -20.94 1.18 -32.32
C TRP B 106 -19.69 0.52 -32.93
N LEU B 107 -18.50 1.06 -32.68
CA LEU B 107 -17.23 0.50 -33.23
C LEU B 107 -16.97 -0.83 -32.56
N LEU B 108 -17.03 -0.89 -31.23
CA LEU B 108 -16.73 -2.14 -30.48
C LEU B 108 -17.74 -3.24 -30.81
N LYS B 109 -18.96 -2.89 -31.21
CA LYS B 109 -19.99 -3.91 -31.54
C LYS B 109 -19.71 -4.48 -32.94
N LYS B 110 -19.14 -3.67 -33.82
CA LYS B 110 -18.96 -3.93 -35.27
C LYS B 110 -17.62 -4.62 -35.54
N LEU B 111 -16.55 -4.34 -34.80
CA LEU B 111 -15.20 -4.87 -35.13
C LEU B 111 -15.26 -6.41 -35.14
N SER B 112 -14.60 -7.03 -36.10
CA SER B 112 -14.38 -8.50 -36.13
C SER B 112 -13.47 -8.89 -34.96
N LYS B 113 -13.49 -10.15 -34.56
CA LYS B 113 -12.72 -10.66 -33.41
C LYS B 113 -11.21 -10.38 -33.60
N ASN B 114 -10.70 -10.44 -34.82
CA ASN B 114 -9.25 -10.27 -35.10
C ASN B 114 -8.83 -8.81 -34.91
N ALA B 115 -9.75 -7.90 -34.59
CA ALA B 115 -9.39 -6.50 -34.28
C ALA B 115 -9.04 -6.33 -32.81
N PHE B 116 -9.34 -7.32 -31.95
CA PHE B 116 -9.19 -7.27 -30.47
C PHE B 116 -7.86 -7.86 -30.04
N ALA B 117 -7.38 -7.41 -28.88
CA ALA B 117 -6.25 -8.04 -28.17
C ALA B 117 -6.71 -9.41 -27.69
N LEU B 118 -5.88 -10.44 -27.94
CA LEU B 118 -6.27 -11.83 -27.64
C LEU B 118 -5.28 -12.45 -26.64
N ASP B 119 -5.77 -13.35 -25.79
CA ASP B 119 -4.96 -14.15 -24.84
C ASP B 119 -4.30 -15.29 -25.66
N GLU B 120 -3.48 -16.10 -25.02
CA GLU B 120 -2.66 -17.12 -25.73
C GLU B 120 -3.57 -18.16 -26.40
N ASN B 121 -4.82 -18.28 -25.93
CA ASN B 121 -5.83 -19.24 -26.46
C ASN B 121 -6.68 -18.61 -27.58
N GLY B 122 -6.48 -17.34 -27.93
CA GLY B 122 -7.25 -16.65 -28.98
C GLY B 122 -8.58 -16.10 -28.49
N ASN B 123 -8.74 -15.95 -27.17
CA ASN B 123 -9.97 -15.36 -26.58
C ASN B 123 -9.76 -13.86 -26.42
N VAL B 124 -10.82 -13.07 -26.63
CA VAL B 124 -10.80 -11.59 -26.46
C VAL B 124 -10.47 -11.26 -25.01
N ILE B 125 -9.47 -10.42 -24.76
CA ILE B 125 -9.04 -10.08 -23.39
C ILE B 125 -10.13 -9.23 -22.72
N SER B 126 -10.64 -8.23 -23.43
CA SER B 126 -11.64 -7.27 -22.91
C SER B 126 -12.40 -6.64 -24.06
N PRO B 127 -13.73 -6.49 -23.94
CA PRO B 127 -14.54 -5.97 -25.04
C PRO B 127 -14.22 -4.53 -25.45
N ASP B 128 -13.41 -3.81 -24.66
CA ASP B 128 -13.01 -2.43 -25.04
C ASP B 128 -11.50 -2.36 -25.38
N LEU B 129 -10.81 -3.50 -25.51
CA LEU B 129 -9.34 -3.54 -25.76
C LEU B 129 -9.05 -4.05 -27.17
N VAL B 130 -8.73 -3.11 -28.04
CA VAL B 130 -8.36 -3.41 -29.43
C VAL B 130 -6.87 -3.77 -29.46
N SER B 131 -6.48 -4.35 -30.56
CA SER B 131 -5.06 -4.57 -30.91
C SER B 131 -4.57 -3.27 -31.60
N TYR B 132 -3.53 -2.63 -31.08
CA TYR B 132 -3.10 -1.29 -31.58
C TYR B 132 -2.86 -1.34 -33.10
N LEU B 133 -2.23 -2.40 -33.64
CA LEU B 133 -1.92 -2.47 -35.09
C LEU B 133 -2.98 -3.28 -35.89
N SER B 134 -4.18 -3.47 -35.36
CA SER B 134 -5.30 -4.08 -36.14
C SER B 134 -5.60 -3.20 -37.35
N ASP B 135 -5.72 -3.80 -38.55
CA ASP B 135 -6.00 -3.03 -39.78
C ASP B 135 -7.36 -2.35 -39.64
N GLU B 136 -8.36 -3.05 -39.11
CA GLU B 136 -9.74 -2.52 -38.98
C GLU B 136 -9.75 -1.40 -37.93
N PHE B 137 -9.02 -1.55 -36.82
CA PHE B 137 -8.94 -0.51 -35.78
C PHE B 137 -8.33 0.75 -36.39
N LEU B 138 -7.21 0.60 -37.10
CA LEU B 138 -6.53 1.79 -37.67
C LEU B 138 -7.36 2.41 -38.80
N GLU B 139 -8.13 1.61 -39.53
CA GLU B 139 -8.98 2.20 -40.61
C GLU B 139 -10.02 3.13 -39.97
N TYR B 140 -10.67 2.69 -38.89
CA TYR B 140 -11.70 3.49 -38.18
C TYR B 140 -11.03 4.67 -37.47
N THR B 141 -9.87 4.49 -36.85
CA THR B 141 -9.10 5.62 -36.24
C THR B 141 -8.81 6.68 -37.30
N PHE B 142 -8.35 6.26 -38.49
CA PHE B 142 -8.04 7.16 -39.63
C PHE B 142 -9.33 7.91 -40.04
N LYS B 143 -10.50 7.26 -40.05
CA LYS B 143 -11.74 7.97 -40.43
C LYS B 143 -12.13 9.00 -39.36
N TRP B 144 -11.83 8.72 -38.09
CA TRP B 144 -12.03 9.69 -36.99
C TRP B 144 -11.06 10.85 -37.21
N TYR B 145 -9.78 10.57 -37.41
CA TYR B 145 -8.75 11.62 -37.64
C TYR B 145 -9.17 12.49 -38.84
N ASP B 146 -9.77 11.88 -39.87
CA ASP B 146 -10.16 12.62 -41.12
C ASP B 146 -11.23 13.68 -40.80
N LYS B 147 -12.01 13.52 -39.74
CA LYS B 147 -13.01 14.54 -39.33
C LYS B 147 -12.46 15.49 -38.26
N VAL B 148 -11.75 15.00 -37.23
CA VAL B 148 -11.35 15.87 -36.10
C VAL B 148 -10.08 16.64 -36.47
N MET B 149 -9.16 16.06 -37.25
CA MET B 149 -7.84 16.68 -37.52
C MET B 149 -7.98 17.93 -38.39
N PRO B 150 -8.89 18.03 -39.39
CA PRO B 150 -9.05 19.30 -40.08
C PRO B 150 -9.53 20.42 -39.15
N ILE B 151 -10.36 20.09 -38.14
CA ILE B 151 -10.81 21.11 -37.15
C ILE B 151 -9.63 21.58 -36.30
N ILE B 152 -8.83 20.64 -35.80
CA ILE B 152 -7.62 20.97 -35.01
C ILE B 152 -6.66 21.81 -35.85
N SER B 153 -6.41 21.40 -37.09
CA SER B 153 -5.50 22.11 -38.02
C SER B 153 -5.92 23.57 -38.20
N LYS B 154 -7.20 23.82 -38.44
CA LYS B 154 -7.74 25.17 -38.70
C LYS B 154 -7.54 26.06 -37.46
N HIS B 155 -7.50 25.48 -36.25
CA HIS B 155 -7.51 26.24 -34.98
C HIS B 155 -6.13 26.32 -34.29
N GLN B 156 -5.05 25.97 -34.99
CA GLN B 156 -3.67 26.15 -34.50
C GLN B 156 -3.35 27.64 -34.29
N LYS B 157 -2.48 27.95 -33.34
CA LYS B 157 -1.93 29.31 -33.07
C LYS B 157 -1.49 29.98 -34.38
N GLU B 158 -0.84 29.20 -35.26
CA GLU B 158 -0.34 29.58 -36.62
C GLU B 158 -1.44 30.35 -37.36
N HIS B 159 -2.69 29.92 -37.20
CA HIS B 159 -3.89 30.50 -37.83
C HIS B 159 -4.72 31.31 -36.80
N TYR B 160 -4.06 32.00 -35.85
CA TYR B 160 -4.58 32.77 -34.67
C TYR B 160 -5.78 32.09 -33.99
N GLY B 161 -5.88 30.75 -34.09
CA GLY B 161 -6.63 29.91 -33.13
C GLY B 161 -5.82 29.66 -31.86
N PRO B 162 -6.40 28.98 -30.86
CA PRO B 162 -5.73 28.79 -29.58
C PRO B 162 -4.88 27.51 -29.43
N ILE B 163 -4.91 26.59 -30.40
CA ILE B 163 -4.35 25.21 -30.21
C ILE B 163 -2.83 25.27 -30.34
N THR B 164 -2.10 24.91 -29.27
CA THR B 164 -0.62 24.92 -29.22
C THR B 164 0.00 23.52 -29.07
N MET B 165 -0.74 22.51 -28.61
CA MET B 165 -0.15 21.15 -28.45
C MET B 165 -1.24 20.11 -28.61
N MET B 166 -0.85 18.92 -28.97
CA MET B 166 -1.78 17.81 -29.11
C MET B 166 -1.14 16.53 -28.57
N GLN B 167 -1.92 15.77 -27.78
CA GLN B 167 -1.51 14.43 -27.31
C GLN B 167 -1.95 13.35 -28.30
N LEU B 168 -1.06 12.42 -28.63
CA LEU B 168 -1.38 11.23 -29.44
C LEU B 168 -1.86 10.11 -28.50
N CYS B 169 -3.08 9.61 -28.71
CA CYS B 169 -3.68 8.49 -27.94
C CYS B 169 -3.56 8.83 -26.46
N ASN B 170 -3.31 7.84 -25.60
CA ASN B 170 -3.24 8.05 -24.14
C ASN B 170 -2.56 6.86 -23.47
N GLU B 171 -1.45 7.11 -22.81
CA GLU B 171 -0.73 6.10 -21.98
C GLU B 171 -0.62 4.78 -22.76
N ILE B 172 0.03 4.82 -23.92
CA ILE B 172 0.22 3.63 -24.79
C ILE B 172 0.82 2.49 -23.95
N GLY B 173 0.23 1.30 -24.05
CA GLY B 173 0.65 0.10 -23.29
C GLY B 173 0.03 0.01 -21.90
N VAL B 174 -0.75 1.00 -21.45
CA VAL B 174 -1.26 1.03 -20.06
C VAL B 174 -2.07 -0.25 -19.75
N PHE B 175 -2.83 -0.79 -20.70
CA PHE B 175 -3.70 -1.97 -20.46
C PHE B 175 -2.83 -3.21 -20.18
N GLN B 176 -1.66 -3.30 -20.81
CA GLN B 176 -0.71 -4.45 -20.59
C GLN B 176 -0.05 -4.30 -19.22
N TRP B 177 0.21 -3.07 -18.80
CA TRP B 177 0.69 -2.83 -17.41
C TRP B 177 -0.35 -3.25 -16.36
N LEU B 178 -1.57 -2.70 -16.43
CA LEU B 178 -2.58 -2.91 -15.35
C LEU B 178 -2.93 -4.41 -15.23
N SER B 179 -2.95 -5.15 -16.33
CA SER B 179 -3.38 -6.58 -16.35
C SER B 179 -2.18 -7.52 -16.18
N GLY B 180 -0.97 -7.08 -16.54
CA GLY B 180 0.19 -7.97 -16.68
C GLY B 180 0.04 -8.91 -17.89
N LYS B 181 -0.93 -8.67 -18.79
CA LYS B 181 -1.20 -9.59 -19.93
C LYS B 181 -0.74 -8.94 -21.24
N SER B 182 -0.04 -9.69 -22.09
CA SER B 182 0.35 -9.26 -23.44
C SER B 182 -0.72 -9.65 -24.45
N ASP B 183 -0.73 -8.91 -25.56
CA ASP B 183 -1.60 -9.14 -26.72
C ASP B 183 -0.94 -10.26 -27.53
N TYR B 184 -1.64 -11.40 -27.66
CA TYR B 184 -1.21 -12.55 -28.50
C TYR B 184 -2.01 -12.62 -29.82
N ASN B 185 -2.65 -11.51 -30.24
CA ASN B 185 -3.29 -11.42 -31.58
C ASN B 185 -2.29 -11.93 -32.61
N PRO B 186 -2.67 -12.88 -33.51
CA PRO B 186 -1.71 -13.43 -34.45
C PRO B 186 -0.95 -12.38 -35.28
N LYS B 187 -1.54 -11.21 -35.50
CA LYS B 187 -0.88 -10.14 -36.26
C LYS B 187 0.28 -9.58 -35.44
N VAL B 188 0.05 -9.41 -34.15
CA VAL B 188 1.12 -9.00 -33.19
C VAL B 188 2.24 -10.05 -33.17
N ILE B 189 1.87 -11.33 -33.09
CA ILE B 189 2.87 -12.44 -32.96
C ILE B 189 3.67 -12.52 -34.26
N ASN B 190 3.03 -12.29 -35.41
CA ASN B 190 3.76 -12.27 -36.70
C ASN B 190 4.78 -11.13 -36.67
N LEU B 191 4.42 -9.96 -36.16
CA LEU B 191 5.38 -8.84 -36.01
C LEU B 191 6.49 -9.21 -35.03
N TYR B 192 6.19 -9.90 -33.93
CA TYR B 192 7.21 -10.41 -32.99
C TYR B 192 8.18 -11.35 -33.74
N LYS B 193 7.67 -12.28 -34.56
CA LYS B 193 8.55 -13.24 -35.29
C LYS B 193 9.47 -12.45 -36.22
N GLU B 194 8.96 -11.47 -36.96
CA GLU B 194 9.77 -10.60 -37.86
C GLU B 194 10.84 -9.85 -37.05
N PHE B 195 10.48 -9.33 -35.87
CA PHE B 195 11.44 -8.68 -34.95
C PHE B 195 12.59 -9.67 -34.62
N ILE B 196 12.25 -10.91 -34.28
CA ILE B 196 13.25 -11.93 -33.84
C ILE B 196 14.13 -12.32 -35.05
N ILE B 197 13.53 -12.58 -36.20
CA ILE B 197 14.29 -12.93 -37.44
C ILE B 197 15.25 -11.76 -37.75
N GLN B 198 14.77 -10.51 -37.65
CA GLN B 198 15.56 -9.30 -37.94
C GLN B 198 16.75 -9.26 -36.97
N ARG B 199 16.52 -9.62 -35.71
CA ARG B 199 17.54 -9.43 -34.63
C ARG B 199 18.62 -10.51 -34.75
N TYR B 200 18.25 -11.76 -35.00
CA TYR B 200 19.20 -12.91 -34.91
C TYR B 200 19.63 -13.44 -36.29
N LYS B 201 18.84 -13.20 -37.34
CA LYS B 201 19.10 -13.61 -38.75
C LYS B 201 18.86 -15.10 -38.98
N THR B 202 19.49 -15.97 -38.20
CA THR B 202 19.42 -17.44 -38.37
C THR B 202 18.95 -18.09 -37.07
N ILE B 203 18.23 -19.24 -37.18
CA ILE B 203 17.84 -20.06 -36.00
C ILE B 203 19.09 -20.50 -35.23
N GLU B 204 20.25 -20.67 -35.88
CA GLU B 204 21.48 -21.12 -35.18
C GLU B 204 21.94 -20.03 -34.20
N LYS B 205 21.88 -18.76 -34.62
CA LYS B 205 22.31 -17.62 -33.78
C LYS B 205 21.33 -17.51 -32.61
N LEU B 206 20.04 -17.60 -32.84
CA LEU B 206 19.07 -17.52 -31.72
C LEU B 206 19.32 -18.68 -30.76
N ASN B 207 19.45 -19.91 -31.26
CA ASN B 207 19.76 -21.10 -30.42
C ASN B 207 21.01 -20.86 -29.58
N SER B 208 22.07 -20.27 -30.15
CA SER B 208 23.34 -20.05 -29.42
C SER B 208 23.10 -19.06 -28.27
N VAL B 209 22.23 -18.07 -28.44
CA VAL B 209 21.99 -17.04 -27.38
C VAL B 209 21.02 -17.61 -26.36
N TYR B 210 19.92 -18.25 -26.77
CA TYR B 210 18.87 -18.69 -25.82
C TYR B 210 19.20 -20.07 -25.21
N SER B 211 20.15 -20.82 -25.78
CA SER B 211 20.35 -22.27 -25.48
C SER B 211 19.11 -23.08 -25.80
N THR B 212 18.47 -22.82 -26.95
CA THR B 212 17.28 -23.54 -27.44
C THR B 212 17.70 -24.54 -28.52
N ASN B 213 16.75 -25.39 -28.93
CA ASN B 213 17.03 -26.63 -29.70
C ASN B 213 16.12 -26.65 -30.92
N TYR B 214 15.80 -25.46 -31.41
CA TYR B 214 14.89 -25.27 -32.58
C TYR B 214 15.63 -25.71 -33.85
N ASN B 215 14.90 -26.31 -34.80
CA ASN B 215 15.42 -26.69 -36.14
C ASN B 215 15.19 -25.54 -37.15
N SER B 216 14.24 -24.65 -36.87
CA SER B 216 13.92 -23.48 -37.70
C SER B 216 13.10 -22.46 -36.88
N PHE B 217 12.88 -21.26 -37.44
CA PHE B 217 12.06 -20.16 -36.85
C PHE B 217 10.60 -20.61 -36.72
N ASP B 218 10.19 -21.56 -37.55
CA ASP B 218 8.83 -22.15 -37.50
C ASP B 218 8.61 -22.78 -36.11
N ASP B 219 9.64 -23.35 -35.48
CA ASP B 219 9.51 -24.02 -34.15
C ASP B 219 9.20 -23.00 -33.03
N LEU B 220 9.53 -21.73 -33.24
CA LEU B 220 9.57 -20.65 -32.21
C LEU B 220 8.14 -20.18 -31.86
N LYS B 221 7.76 -20.23 -30.59
CA LYS B 221 6.42 -19.78 -30.11
C LYS B 221 6.63 -18.58 -29.17
N ALA B 222 5.71 -17.62 -29.16
CA ALA B 222 5.78 -16.43 -28.26
C ALA B 222 5.81 -16.96 -26.83
N PRO B 223 6.60 -16.35 -25.91
CA PRO B 223 6.67 -16.81 -24.53
C PRO B 223 5.34 -16.54 -23.81
N SER B 224 5.00 -17.43 -22.87
CA SER B 224 3.79 -17.34 -22.01
C SER B 224 4.07 -18.16 -20.75
N GLY B 225 3.28 -17.94 -19.71
CA GLY B 225 3.41 -18.66 -18.43
C GLY B 225 4.66 -18.27 -17.67
N LYS B 226 4.90 -18.97 -16.57
CA LYS B 226 5.99 -18.66 -15.62
C LYS B 226 7.33 -19.00 -16.27
N ILE B 227 8.36 -18.21 -15.95
CA ILE B 227 9.76 -18.46 -16.39
C ILE B 227 10.33 -19.57 -15.49
N LYS B 228 10.67 -20.70 -16.10
CA LYS B 228 11.20 -21.90 -15.41
C LYS B 228 12.67 -22.11 -15.78
N LEU B 229 13.04 -21.76 -17.01
CA LEU B 229 14.38 -21.99 -17.60
C LEU B 229 15.01 -20.66 -18.01
N ARG B 230 16.34 -20.62 -18.07
CA ARG B 230 17.09 -19.45 -18.59
C ARG B 230 16.67 -19.17 -20.03
N SER B 231 16.33 -20.17 -20.82
CA SER B 231 15.85 -19.92 -22.20
C SER B 231 14.48 -19.17 -22.22
N ASP B 232 13.60 -19.41 -21.25
CA ASP B 232 12.31 -18.68 -21.09
C ASP B 232 12.61 -17.24 -20.71
N TYR B 233 13.58 -17.00 -19.82
CA TYR B 233 13.98 -15.63 -19.45
C TYR B 233 14.43 -14.87 -20.71
N CYS B 234 15.32 -15.48 -21.50
CA CYS B 234 15.78 -14.88 -22.78
C CYS B 234 14.59 -14.51 -23.68
N ALA B 235 13.67 -15.44 -23.87
CA ALA B 235 12.55 -15.26 -24.82
C ALA B 235 11.70 -14.11 -24.28
N TYR B 236 11.44 -14.07 -22.97
CA TYR B 236 10.59 -12.98 -22.41
C TYR B 236 11.33 -11.65 -22.52
N PHE B 237 12.66 -11.64 -22.41
CA PHE B 237 13.42 -10.36 -22.46
C PHE B 237 13.22 -9.73 -23.84
N ASP B 238 13.38 -10.53 -24.91
CA ASP B 238 13.17 -10.03 -26.29
C ASP B 238 11.70 -9.71 -26.55
N PHE B 239 10.76 -10.36 -25.84
CA PHE B 239 9.32 -10.06 -25.98
C PHE B 239 9.11 -8.64 -25.45
N HIS B 240 9.77 -8.30 -24.33
CA HIS B 240 9.70 -6.90 -23.82
C HIS B 240 10.32 -5.94 -24.86
N LEU B 241 11.50 -6.24 -25.41
CA LEU B 241 12.14 -5.35 -26.43
C LEU B 241 11.13 -5.17 -27.59
N PHE B 242 10.51 -6.26 -28.03
CA PHE B 242 9.53 -6.27 -29.14
C PHE B 242 8.41 -5.25 -28.85
N PHE B 243 7.81 -5.30 -27.65
CA PHE B 243 6.66 -4.40 -27.35
C PHE B 243 7.12 -2.94 -27.41
N ARG B 244 8.31 -2.61 -26.93
CA ARG B 244 8.85 -1.23 -27.06
C ARG B 244 8.93 -0.81 -28.54
N GLU B 245 9.38 -1.67 -29.45
CA GLU B 245 9.31 -1.37 -30.90
C GLU B 245 7.85 -1.29 -31.40
N TYR B 246 6.97 -2.16 -30.92
CA TYR B 246 5.55 -2.23 -31.36
C TYR B 246 4.85 -0.91 -31.02
N TYR B 247 5.13 -0.36 -29.83
CA TYR B 247 4.51 0.92 -29.41
C TYR B 247 5.06 2.05 -30.29
N ASN B 248 6.35 2.00 -30.63
CA ASN B 248 6.91 3.01 -31.56
C ASN B 248 6.24 2.92 -32.95
N LYS B 249 6.03 1.72 -33.48
CA LYS B 249 5.32 1.52 -34.76
C LYS B 249 3.94 2.18 -34.71
N TYR B 250 3.18 1.97 -33.62
CA TYR B 250 1.82 2.51 -33.44
C TYR B 250 1.86 4.04 -33.38
N ILE B 251 2.67 4.62 -32.49
CA ILE B 251 2.65 6.10 -32.38
C ILE B 251 3.18 6.72 -33.69
N SER B 252 4.05 6.04 -34.43
CA SER B 252 4.60 6.56 -35.70
C SER B 252 3.47 6.63 -36.75
N ILE B 253 2.61 5.63 -36.81
CA ILE B 253 1.45 5.58 -37.74
C ILE B 253 0.51 6.76 -37.39
N LEU B 254 0.19 6.95 -36.09
CA LEU B 254 -0.66 8.12 -35.74
C LEU B 254 0.03 9.45 -36.13
N LYS B 255 1.32 9.57 -35.81
CA LYS B 255 2.08 10.84 -35.98
C LYS B 255 2.04 11.24 -37.47
N ASN B 256 2.36 10.30 -38.34
CA ASN B 256 2.46 10.57 -39.81
C ASN B 256 1.07 10.96 -40.35
N LYS B 257 0.02 10.29 -39.87
CA LYS B 257 -1.38 10.66 -40.25
C LYS B 257 -1.68 12.10 -39.83
N ILE B 258 -1.35 12.47 -38.60
CA ILE B 258 -1.61 13.83 -38.08
C ILE B 258 -0.86 14.86 -38.94
N ARG B 259 0.38 14.58 -39.29
CA ARG B 259 1.24 15.59 -39.96
C ARG B 259 0.69 15.83 -41.38
N SER B 260 0.01 14.85 -41.98
CA SER B 260 -0.64 14.94 -43.31
C SER B 260 -1.76 16.01 -43.33
N PHE B 261 -2.24 16.52 -42.20
CA PHE B 261 -3.25 17.61 -42.18
C PHE B 261 -2.64 19.02 -42.01
N GLY B 262 -1.33 19.17 -42.15
CA GLY B 262 -0.61 20.42 -41.87
C GLY B 262 -0.68 20.81 -40.41
N ILE B 263 -0.77 19.81 -39.52
CA ILE B 263 -0.69 20.08 -38.07
C ILE B 263 0.79 20.13 -37.70
N ASN B 264 1.29 21.30 -37.33
CA ASN B 264 2.75 21.51 -37.09
C ASN B 264 2.97 21.83 -35.60
N ILE B 265 1.93 21.84 -34.77
CA ILE B 265 2.07 22.12 -33.32
C ILE B 265 2.85 20.98 -32.64
N LYS B 266 3.16 21.20 -31.38
CA LYS B 266 3.93 20.26 -30.54
C LYS B 266 3.05 19.05 -30.25
N LEU B 267 3.60 17.84 -30.42
CA LEU B 267 2.89 16.56 -30.13
C LEU B 267 3.43 16.00 -28.82
N THR B 268 2.52 15.39 -28.03
CA THR B 268 2.84 14.99 -26.64
C THR B 268 2.43 13.54 -26.42
N HIS B 269 2.97 12.96 -25.35
CA HIS B 269 2.43 11.70 -24.78
C HIS B 269 2.54 11.80 -23.27
N ASN B 270 1.97 10.86 -22.54
CA ASN B 270 1.83 10.97 -21.06
C ASN B 270 2.22 9.65 -20.43
N ILE B 271 2.84 9.70 -19.24
CA ILE B 271 3.45 8.50 -18.61
C ILE B 271 2.71 8.23 -17.30
N PRO B 272 2.11 7.04 -17.12
CA PRO B 272 1.47 6.69 -15.86
C PRO B 272 2.46 5.95 -14.96
N GLY B 273 2.01 5.59 -13.78
CA GLY B 273 2.78 4.69 -12.93
C GLY B 273 2.64 4.94 -11.45
N TRP B 274 2.03 6.05 -11.03
CA TRP B 274 1.79 6.20 -9.58
C TRP B 274 0.68 5.20 -9.15
N ILE B 275 0.86 4.66 -7.95
CA ILE B 275 0.01 3.65 -7.27
C ILE B 275 -0.05 4.01 -5.80
N TYR B 276 -1.25 4.27 -5.26
CA TYR B 276 -1.47 4.50 -3.82
C TYR B 276 -0.54 5.59 -3.28
N GLY B 277 -0.20 6.60 -4.12
CA GLY B 277 0.58 7.78 -3.69
C GLY B 277 2.08 7.59 -3.71
N ASN B 278 2.61 6.53 -4.31
CA ASN B 278 4.08 6.49 -4.58
C ASN B 278 4.28 6.01 -6.01
N ALA B 279 5.48 6.19 -6.52
CA ALA B 279 5.76 6.14 -7.98
C ALA B 279 6.93 5.19 -8.29
N SER B 280 7.26 4.27 -7.38
CA SER B 280 8.41 3.36 -7.58
C SER B 280 8.19 2.47 -8.80
N GLU B 281 6.96 2.32 -9.35
CA GLU B 281 6.74 1.57 -10.60
C GLU B 281 6.86 2.49 -11.83
N LEU B 282 6.77 3.80 -11.68
CA LEU B 282 6.71 4.68 -12.88
C LEU B 282 7.95 4.51 -13.74
N PRO B 283 9.17 4.28 -13.21
CA PRO B 283 10.31 4.06 -14.10
C PRO B 283 10.14 2.85 -15.04
N MET B 284 9.42 1.82 -14.61
CA MET B 284 9.10 0.67 -15.50
C MET B 284 8.27 1.19 -16.69
N LEU B 285 7.27 2.04 -16.44
CA LEU B 285 6.43 2.63 -17.53
C LEU B 285 7.30 3.52 -18.42
N ILE B 286 8.19 4.37 -17.87
CA ILE B 286 9.13 5.18 -18.70
C ILE B 286 9.85 4.23 -19.65
N SER B 287 10.31 3.10 -19.13
CA SER B 287 11.14 2.13 -19.88
C SER B 287 10.35 1.57 -21.07
N THR B 288 9.01 1.52 -21.03
CA THR B 288 8.19 0.99 -22.17
C THR B 288 8.26 1.94 -23.37
N TYR B 289 8.71 3.18 -23.15
CA TYR B 289 8.71 4.22 -24.20
C TYR B 289 10.12 4.42 -24.74
N SER B 290 11.07 3.53 -24.40
CA SER B 290 12.50 3.68 -24.78
C SER B 290 12.64 3.89 -26.31
N GLU B 291 11.92 3.13 -27.14
CA GLU B 291 12.08 3.22 -28.60
C GLU B 291 11.38 4.44 -29.15
N ILE B 292 10.25 4.83 -28.57
CA ILE B 292 9.60 6.10 -28.98
C ILE B 292 10.57 7.25 -28.68
N MET B 293 11.14 7.30 -27.47
CA MET B 293 12.00 8.44 -27.09
C MET B 293 13.27 8.49 -27.98
N LYS B 294 13.82 7.36 -28.39
CA LYS B 294 15.02 7.36 -29.27
C LYS B 294 14.66 7.85 -30.67
N ASN B 295 13.45 7.60 -31.17
CA ASN B 295 13.09 7.80 -32.59
C ASN B 295 12.28 9.09 -32.83
N HIS B 296 11.73 9.71 -31.79
CA HIS B 296 10.87 10.92 -31.90
C HIS B 296 11.39 12.00 -30.96
N PRO B 297 12.38 12.78 -31.41
CA PRO B 297 12.87 13.91 -30.62
C PRO B 297 11.75 14.95 -30.46
N ASP B 298 10.78 14.97 -31.38
CA ASP B 298 9.73 16.00 -31.45
C ASP B 298 8.44 15.61 -30.70
N ILE B 299 8.39 14.46 -30.03
CA ILE B 299 7.22 14.13 -29.17
C ILE B 299 7.64 14.32 -27.73
N ILE B 300 7.00 15.25 -27.01
CA ILE B 300 7.37 15.51 -25.59
C ILE B 300 6.51 14.62 -24.68
N PHE B 301 7.15 13.70 -23.96
CA PHE B 301 6.48 12.91 -22.89
C PHE B 301 6.37 13.77 -21.63
N GLY B 302 5.19 13.86 -21.04
CA GLY B 302 5.02 14.45 -19.70
C GLY B 302 4.60 13.42 -18.65
N LEU B 303 4.76 13.74 -17.39
CA LEU B 303 4.47 12.81 -16.28
C LEU B 303 3.03 12.95 -15.77
N ASP B 304 2.41 11.84 -15.39
CA ASP B 304 1.13 11.84 -14.65
C ASP B 304 1.44 11.72 -13.16
N HIS B 305 1.50 12.84 -12.40
CA HIS B 305 1.84 12.80 -10.95
C HIS B 305 0.57 12.68 -10.09
N ILE B 306 0.47 11.63 -9.27
CA ILE B 306 -0.71 11.35 -8.42
C ILE B 306 -0.24 11.05 -7.00
N PRO B 307 0.31 12.05 -6.28
CA PRO B 307 0.83 11.84 -4.93
C PRO B 307 -0.20 11.48 -3.85
N GLU B 308 -1.46 11.95 -4.00
CA GLU B 308 -2.60 11.70 -3.07
C GLU B 308 -2.45 12.43 -1.73
N PHE B 309 -1.25 12.48 -1.17
CA PHE B 309 -0.92 13.20 0.08
C PHE B 309 0.51 13.75 -0.09
N VAL B 310 1.03 14.46 0.91
CA VAL B 310 2.39 14.99 0.82
C VAL B 310 3.10 14.84 2.13
N SER B 311 3.94 13.81 2.24
CA SER B 311 4.64 13.58 3.51
C SER B 311 5.96 12.84 3.26
N PHE B 312 6.66 12.52 4.34
CA PHE B 312 7.93 11.77 4.21
C PHE B 312 7.62 10.40 3.59
N ARG B 313 6.42 9.86 3.79
CA ARG B 313 6.06 8.55 3.17
C ARG B 313 6.24 8.54 1.65
N ASN B 314 6.03 9.67 0.96
CA ASN B 314 6.17 9.67 -0.52
C ASN B 314 7.03 10.83 -1.06
N ALA B 315 7.78 11.49 -0.20
CA ALA B 315 8.51 12.74 -0.57
C ALA B 315 9.45 12.48 -1.74
N HIS B 316 10.02 11.29 -1.82
CA HIS B 316 11.11 10.96 -2.79
C HIS B 316 10.55 10.62 -4.19
N SER B 317 9.26 10.31 -4.31
CA SER B 317 8.71 9.74 -5.55
C SER B 317 8.84 10.77 -6.68
N ASP B 318 8.33 12.00 -6.50
CA ASP B 318 8.29 12.92 -7.65
C ASP B 318 9.70 13.33 -8.11
N LEU B 319 10.63 13.58 -7.21
CA LEU B 319 12.01 13.94 -7.62
C LEU B 319 12.61 12.80 -8.45
N ALA B 320 12.53 11.57 -7.95
CA ALA B 320 13.11 10.43 -8.69
C ALA B 320 12.49 10.30 -10.09
N CYS B 321 11.17 10.47 -10.22
CA CYS B 321 10.53 10.41 -11.55
C CYS B 321 11.04 11.56 -12.47
N ASN B 322 11.10 12.77 -11.98
CA ASN B 322 11.53 13.96 -12.77
C ASN B 322 12.98 13.74 -13.21
N LYS B 323 13.83 13.18 -12.34
CA LYS B 323 15.25 12.96 -12.67
C LYS B 323 15.38 11.87 -13.71
N ILE B 324 14.57 10.81 -13.65
CA ILE B 324 14.68 9.70 -14.62
C ILE B 324 14.14 10.20 -15.95
N LEU B 325 13.06 10.98 -15.94
CA LEU B 325 12.57 11.49 -17.25
C LEU B 325 13.65 12.40 -17.88
N GLU B 326 14.31 13.23 -17.09
CA GLU B 326 15.38 14.12 -17.62
C GLU B 326 16.49 13.25 -18.24
N ALA B 327 16.79 12.10 -17.62
CA ALA B 327 17.83 11.20 -18.14
C ALA B 327 17.43 10.69 -19.53
N MET B 328 16.17 10.32 -19.70
CA MET B 328 15.67 9.62 -20.91
C MET B 328 15.28 10.63 -21.99
N GLN B 329 14.98 11.87 -21.63
CA GLN B 329 14.46 12.94 -22.52
C GLN B 329 15.21 14.24 -22.25
N PRO B 330 16.53 14.26 -22.51
CA PRO B 330 17.35 15.40 -22.11
C PRO B 330 17.12 16.70 -22.88
N GLU B 331 16.48 16.65 -24.02
CA GLU B 331 16.37 17.83 -24.93
C GLU B 331 14.99 18.45 -24.82
N ALA B 332 14.13 18.03 -23.88
CA ALA B 332 12.81 18.66 -23.64
C ALA B 332 12.69 19.00 -22.18
N PRO B 333 11.82 19.97 -21.85
CA PRO B 333 11.58 20.31 -20.46
C PRO B 333 10.88 19.13 -19.77
N VAL B 334 11.17 18.94 -18.48
CA VAL B 334 10.39 17.98 -17.66
C VAL B 334 9.09 18.70 -17.27
N TRP B 335 7.94 18.10 -17.60
CA TRP B 335 6.61 18.69 -17.33
C TRP B 335 5.63 17.59 -16.95
N ALA B 336 4.60 17.98 -16.19
CA ALA B 336 3.54 17.07 -15.74
C ALA B 336 2.31 17.27 -16.62
N ALA B 337 2.06 16.35 -17.53
CA ALA B 337 0.88 16.36 -18.44
C ALA B 337 -0.39 16.18 -17.62
N GLU B 338 -0.30 15.50 -16.45
CA GLU B 338 -1.42 15.32 -15.51
C GLU B 338 -0.88 15.56 -14.10
N PHE B 339 -1.20 16.72 -13.56
CA PHE B 339 -0.60 17.23 -12.32
C PHE B 339 -1.70 17.30 -11.26
N GLN B 340 -1.66 16.40 -10.27
CA GLN B 340 -2.85 16.17 -9.42
C GLN B 340 -3.48 17.48 -8.93
N ALA B 341 -4.76 17.61 -9.20
CA ALA B 341 -5.66 18.64 -8.64
C ALA B 341 -6.98 17.94 -8.26
N GLY B 342 -7.39 17.97 -7.00
CA GLY B 342 -8.48 17.10 -6.52
C GLY B 342 -8.12 15.64 -6.62
N THR B 343 -9.13 14.75 -6.57
CA THR B 343 -8.90 13.30 -6.52
C THR B 343 -9.91 12.60 -7.44
N ARG B 344 -9.42 11.61 -8.17
CA ARG B 344 -10.28 10.77 -9.02
C ARG B 344 -11.21 9.94 -8.10
N GLU B 345 -10.83 9.74 -6.86
CA GLU B 345 -11.51 8.75 -5.97
C GLU B 345 -12.05 9.45 -4.72
N HIS B 346 -13.38 9.47 -4.54
CA HIS B 346 -14.06 10.19 -3.44
C HIS B 346 -13.43 9.82 -2.09
N HIS B 347 -13.12 8.53 -1.88
CA HIS B 347 -12.62 8.00 -0.59
C HIS B 347 -11.12 8.25 -0.43
N VAL B 348 -10.46 8.85 -1.41
CA VAL B 348 -9.00 9.12 -1.31
C VAL B 348 -8.80 10.63 -1.36
N LYS B 349 -8.75 11.26 -0.20
CA LYS B 349 -8.93 12.73 -0.13
C LYS B 349 -7.69 13.41 -0.74
N ALA B 350 -7.93 14.57 -1.36
CA ALA B 350 -6.86 15.45 -1.86
C ALA B 350 -7.01 16.83 -1.23
N TYR B 351 -6.22 17.10 -0.21
CA TYR B 351 -6.33 18.34 0.57
C TYR B 351 -5.59 19.47 -0.17
N ALA B 352 -6.22 20.64 -0.22
CA ALA B 352 -5.59 21.82 -0.84
C ALA B 352 -4.25 22.09 -0.17
N LYS B 353 -4.16 21.96 1.16
CA LYS B 353 -2.92 22.33 1.85
C LYS B 353 -1.82 21.30 1.57
N ASP B 354 -2.16 20.05 1.23
CA ASP B 354 -1.14 19.06 0.80
C ASP B 354 -0.69 19.44 -0.62
N LEU B 355 -1.65 19.58 -1.53
CA LEU B 355 -1.30 19.77 -2.95
C LEU B 355 -0.52 21.10 -3.11
N GLU B 356 -0.83 22.14 -2.36
CA GLU B 356 -0.06 23.41 -2.49
C GLU B 356 1.42 23.11 -2.26
N THR B 357 1.71 22.35 -1.21
CA THR B 357 3.10 22.01 -0.87
C THR B 357 3.67 21.11 -1.98
N PHE B 358 2.91 20.18 -2.53
CA PHE B 358 3.37 19.37 -3.67
C PHE B 358 3.74 20.24 -4.87
N TYR B 359 2.98 21.28 -5.11
CA TYR B 359 3.24 22.16 -6.28
C TYR B 359 4.58 22.88 -6.09
N ILE B 360 4.84 23.40 -4.89
CA ILE B 360 6.11 24.10 -4.60
C ILE B 360 7.28 23.09 -4.60
N ALA B 361 7.11 21.91 -3.99
CA ALA B 361 8.14 20.85 -4.04
C ALA B 361 8.48 20.48 -5.49
N SER B 362 7.50 20.48 -6.39
CA SER B 362 7.68 20.15 -7.82
C SER B 362 8.59 21.18 -8.47
N LEU B 363 8.40 22.46 -8.17
CA LEU B 363 9.35 23.51 -8.60
C LEU B 363 10.76 23.23 -8.06
N ALA B 364 10.90 22.93 -6.76
CA ALA B 364 12.19 22.59 -6.14
C ALA B 364 12.83 21.44 -6.93
N HIS B 365 12.00 20.46 -7.28
CA HIS B 365 12.40 19.21 -7.96
C HIS B 365 12.42 19.32 -9.48
N GLY B 366 12.49 20.53 -10.03
CA GLY B 366 12.85 20.75 -11.45
C GLY B 366 11.72 20.73 -12.44
N ILE B 367 10.48 20.79 -12.02
CA ILE B 367 9.36 20.78 -13.02
C ILE B 367 9.38 22.12 -13.74
N LYS B 368 9.05 22.10 -15.04
CA LYS B 368 9.12 23.30 -15.92
C LYS B 368 7.74 23.67 -16.47
N GLY B 369 6.72 22.90 -16.13
CA GLY B 369 5.36 23.14 -16.64
C GLY B 369 4.43 22.07 -16.15
N PHE B 370 3.14 22.36 -16.07
CA PHE B 370 2.17 21.36 -15.59
C PHE B 370 0.75 21.72 -16.02
N ASN B 371 -0.06 20.68 -15.97
CA ASN B 371 -1.49 20.76 -16.35
C ASN B 371 -2.26 20.18 -15.17
N TYR B 372 -2.93 21.06 -14.42
CA TYR B 372 -3.73 20.68 -13.25
C TYR B 372 -4.82 19.74 -13.71
N TYR B 373 -4.80 18.53 -13.18
CA TYR B 373 -5.68 17.42 -13.63
C TYR B 373 -6.34 16.86 -12.36
N MET B 374 -7.59 17.25 -12.04
CA MET B 374 -8.52 18.05 -12.82
C MET B 374 -8.67 19.44 -12.22
N PHE B 375 -8.49 20.49 -13.03
CA PHE B 375 -8.79 21.85 -12.54
C PHE B 375 -10.31 21.97 -12.27
N SER B 376 -11.11 21.52 -13.22
CA SER B 376 -12.58 21.53 -13.17
C SER B 376 -13.09 20.09 -13.06
N GLN B 377 -13.93 19.85 -12.07
CA GLN B 377 -14.74 18.62 -11.97
C GLN B 377 -15.62 18.46 -13.22
N GLY B 378 -16.05 17.25 -13.52
CA GLY B 378 -17.07 17.01 -14.56
C GLY B 378 -18.24 16.18 -14.08
N ILE B 379 -19.37 16.25 -14.78
CA ILE B 379 -20.52 15.31 -14.63
C ILE B 379 -20.60 14.53 -15.92
N ASN B 380 -20.54 13.22 -15.82
CA ASN B 380 -20.63 12.34 -17.00
C ASN B 380 -22.01 12.53 -17.63
N PRO B 381 -22.08 12.84 -18.94
CA PRO B 381 -23.36 12.87 -19.64
C PRO B 381 -23.89 11.44 -19.75
N GLU B 382 -25.22 11.31 -19.79
CA GLU B 382 -25.91 10.19 -20.48
C GLU B 382 -25.30 8.85 -20.03
N GLY B 383 -24.98 8.67 -18.75
CA GLY B 383 -24.35 7.45 -18.18
C GLY B 383 -23.02 7.04 -18.83
N LYS B 384 -22.28 7.98 -19.44
CA LYS B 384 -21.03 7.69 -20.21
C LYS B 384 -19.83 7.55 -19.26
N GLY B 385 -20.02 7.66 -17.96
CA GLY B 385 -18.92 7.45 -17.00
C GLY B 385 -18.66 5.97 -16.80
N PHE B 386 -17.40 5.54 -16.80
CA PHE B 386 -17.05 4.14 -16.44
C PHE B 386 -17.59 3.87 -15.03
N TYR B 387 -17.51 4.85 -14.15
CA TYR B 387 -17.85 4.70 -12.71
C TYR B 387 -19.17 5.43 -12.48
N GLY B 388 -19.30 6.25 -11.46
CA GLY B 388 -20.55 6.99 -11.14
C GLY B 388 -20.82 8.21 -12.02
N LYS B 389 -21.65 9.10 -11.52
CA LYS B 389 -22.10 10.30 -12.26
C LYS B 389 -20.98 11.34 -12.28
N THR B 390 -20.19 11.44 -11.21
CA THR B 390 -19.26 12.59 -11.03
C THR B 390 -17.85 12.18 -11.42
N PHE B 391 -17.11 13.09 -12.07
CA PHE B 391 -15.71 12.88 -12.50
C PHE B 391 -14.86 13.86 -11.70
N TYR B 392 -14.12 13.30 -10.75
CA TYR B 392 -13.21 13.97 -9.81
C TYR B 392 -13.95 14.75 -8.70
N PHE B 393 -13.20 15.00 -7.59
CA PHE B 393 -13.72 15.64 -6.36
C PHE B 393 -12.62 16.56 -5.82
N GLN B 394 -12.98 17.56 -5.03
CA GLN B 394 -12.00 18.42 -4.33
C GLN B 394 -11.08 19.13 -5.33
N THR B 395 -11.62 19.43 -6.52
CA THR B 395 -10.91 20.11 -7.62
C THR B 395 -10.79 21.61 -7.33
N ALA B 396 -10.35 22.43 -8.29
CA ALA B 396 -10.33 23.90 -8.10
C ALA B 396 -11.74 24.49 -8.27
N LEU B 397 -12.46 24.00 -9.27
CA LEU B 397 -13.89 24.34 -9.52
C LEU B 397 -14.70 23.05 -9.50
N ASP B 398 -15.93 23.09 -8.98
CA ASP B 398 -16.84 21.94 -9.18
C ASP B 398 -17.42 22.03 -10.61
N ALA B 399 -18.25 21.06 -10.98
CA ALA B 399 -18.71 20.93 -12.37
C ALA B 399 -19.54 22.16 -12.74
N ALA B 400 -20.19 22.76 -11.74
CA ALA B 400 -20.99 24.00 -11.92
C ALA B 400 -20.16 25.28 -11.86
N SER B 401 -18.84 25.17 -11.78
CA SER B 401 -17.85 26.28 -11.72
C SER B 401 -17.84 26.96 -10.35
N ASN B 402 -18.44 26.35 -9.32
CA ASN B 402 -18.23 26.83 -7.93
C ASN B 402 -16.73 26.74 -7.62
N LYS B 403 -16.16 27.79 -7.07
CA LYS B 403 -14.80 27.74 -6.46
C LYS B 403 -14.81 26.85 -5.25
N LEU B 404 -13.79 26.00 -5.15
CA LEU B 404 -13.53 25.11 -3.99
C LEU B 404 -12.21 25.53 -3.34
N ALA B 405 -11.83 24.89 -2.22
CA ALA B 405 -10.66 25.28 -1.40
C ALA B 405 -9.39 25.30 -2.29
N LEU B 406 -9.26 24.41 -3.29
CA LEU B 406 -7.98 24.30 -4.04
C LEU B 406 -7.77 25.57 -4.90
N TYR B 407 -8.84 26.27 -5.29
CA TYR B 407 -8.78 27.43 -6.20
C TYR B 407 -7.77 28.45 -5.67
N ASP B 408 -7.90 28.87 -4.42
CA ASP B 408 -7.01 29.94 -3.88
C ASP B 408 -5.57 29.42 -3.76
N SER B 409 -5.34 28.12 -3.54
CA SER B 409 -3.96 27.56 -3.44
C SER B 409 -3.31 27.65 -4.81
N ILE B 410 -4.06 27.32 -5.86
CA ILE B 410 -3.53 27.32 -7.26
C ILE B 410 -3.27 28.78 -7.66
N LYS B 411 -4.16 29.70 -7.29
CA LYS B 411 -3.94 31.13 -7.61
C LYS B 411 -2.65 31.64 -6.93
N LYS B 412 -2.42 31.26 -5.67
CA LYS B 412 -1.22 31.68 -4.91
C LYS B 412 0.07 31.12 -5.56
N VAL B 413 0.11 29.82 -5.86
CA VAL B 413 1.30 29.18 -6.49
C VAL B 413 1.57 29.80 -7.87
N ASN B 414 0.52 30.02 -8.66
CA ASN B 414 0.66 30.57 -10.03
C ASN B 414 1.20 32.00 -9.95
N ARG B 415 0.78 32.77 -8.94
CA ARG B 415 1.27 34.17 -8.76
C ARG B 415 2.79 34.11 -8.51
N PHE B 416 3.24 33.21 -7.64
CA PHE B 416 4.68 33.06 -7.35
C PHE B 416 5.41 32.66 -8.63
N ILE B 417 4.89 31.68 -9.36
CA ILE B 417 5.53 31.17 -10.58
C ILE B 417 5.67 32.31 -11.60
N ARG B 418 4.58 33.06 -11.82
CA ARG B 418 4.67 34.14 -12.84
C ARG B 418 5.70 35.18 -12.43
N LYS B 419 5.77 35.51 -11.14
CA LYS B 419 6.73 36.50 -10.58
C LYS B 419 8.16 35.99 -10.85
N GLU B 420 8.43 34.69 -10.75
CA GLU B 420 9.81 34.16 -10.71
C GLU B 420 10.24 33.45 -12.00
N GLN B 421 9.34 33.17 -12.93
CA GLN B 421 9.59 32.20 -14.03
C GLN B 421 10.85 32.57 -14.84
N LYS B 422 11.08 33.85 -15.15
CA LYS B 422 12.21 34.23 -16.05
C LYS B 422 13.51 33.71 -15.45
N ASP B 423 13.66 33.80 -14.13
CA ASP B 423 14.91 33.40 -13.46
C ASP B 423 14.79 31.92 -13.07
N LEU B 424 13.69 31.55 -12.40
CA LEU B 424 13.57 30.15 -11.86
C LEU B 424 13.76 29.12 -12.99
N LEU B 425 13.19 29.31 -14.16
CA LEU B 425 13.26 28.30 -15.24
C LEU B 425 14.71 28.08 -15.71
N ARG B 426 15.58 29.06 -15.51
CA ARG B 426 17.00 29.04 -15.96
C ARG B 426 17.89 28.54 -14.83
N THR B 427 17.35 28.05 -13.72
CA THR B 427 18.15 27.52 -12.59
C THR B 427 18.33 26.00 -12.70
N ASN B 428 19.44 25.51 -12.17
CA ASN B 428 19.65 24.06 -12.04
C ASN B 428 20.24 23.82 -10.67
N VAL B 429 20.36 22.54 -10.33
CA VAL B 429 21.01 22.17 -9.04
C VAL B 429 22.42 21.73 -9.42
N ASN B 430 23.36 21.89 -8.50
CA ASN B 430 24.75 21.44 -8.73
C ASN B 430 24.91 20.00 -8.25
N SER B 431 24.79 19.03 -9.16
CA SER B 431 24.90 17.59 -8.83
C SER B 431 26.36 17.16 -9.01
N GLU B 432 26.97 16.65 -7.95
CA GLU B 432 28.31 16.04 -8.01
C GLU B 432 28.15 14.52 -7.98
N ILE B 433 26.93 14.03 -7.84
CA ILE B 433 26.59 12.58 -7.80
C ILE B 433 25.78 12.23 -9.02
N CYS B 434 26.17 11.18 -9.73
CA CYS B 434 25.43 10.63 -10.88
C CYS B 434 25.00 9.22 -10.53
N VAL B 435 23.75 8.90 -10.80
CA VAL B 435 23.21 7.55 -10.54
C VAL B 435 22.84 6.92 -11.87
N GLY B 436 23.32 5.70 -12.11
CA GLY B 436 23.07 5.00 -13.38
C GLY B 436 21.67 4.45 -13.50
N PHE B 437 21.01 4.64 -14.66
CA PHE B 437 19.70 4.02 -15.01
C PHE B 437 19.98 2.92 -16.04
N TYR B 438 19.87 1.67 -15.65
CA TYR B 438 20.14 0.50 -16.53
C TYR B 438 18.81 -0.09 -16.96
N LYS B 439 18.36 0.28 -18.16
CA LYS B 439 16.97 0.04 -18.59
C LYS B 439 16.60 -1.44 -18.56
N PRO B 440 17.50 -2.41 -18.91
CA PRO B 440 17.08 -3.82 -18.90
C PRO B 440 16.54 -4.34 -17.57
N TYR B 441 16.91 -3.73 -16.44
CA TYR B 441 16.38 -4.15 -15.14
C TYR B 441 14.89 -3.80 -15.01
N PHE B 442 14.42 -2.86 -15.86
CA PHE B 442 13.06 -2.30 -15.81
C PHE B 442 12.12 -3.02 -16.78
N PHE B 443 12.64 -3.89 -17.64
CA PHE B 443 11.89 -4.45 -18.79
C PHE B 443 11.13 -5.68 -18.28
N THR B 444 10.12 -5.50 -17.41
CA THR B 444 9.49 -6.63 -16.70
C THR B 444 7.97 -6.48 -16.59
N GLU B 445 7.31 -5.54 -17.29
CA GLU B 445 5.83 -5.31 -17.06
C GLU B 445 5.00 -6.59 -17.32
N LEU B 446 5.49 -7.55 -18.12
CA LEU B 446 4.74 -8.80 -18.43
C LEU B 446 5.08 -9.90 -17.41
N ILE B 447 6.07 -9.70 -16.55
CA ILE B 447 6.54 -10.85 -15.72
C ILE B 447 6.75 -10.47 -14.24
N SER B 448 7.02 -9.22 -13.90
CA SER B 448 7.25 -8.82 -12.49
C SER B 448 6.88 -7.36 -12.30
N SER B 449 5.80 -7.08 -11.59
CA SER B 449 5.35 -5.71 -11.31
C SER B 449 4.58 -5.62 -9.99
N GLN B 450 4.33 -4.40 -9.53
CA GLN B 450 3.45 -4.18 -8.35
C GLN B 450 2.01 -4.57 -8.71
N LEU B 451 1.63 -4.53 -9.99
CA LEU B 451 0.22 -4.80 -10.40
C LEU B 451 -0.01 -6.27 -10.77
N LEU B 452 1.04 -6.96 -11.18
CA LEU B 452 0.98 -8.38 -11.62
C LEU B 452 0.88 -9.21 -10.33
N LYS B 453 -0.29 -9.75 -10.00
CA LYS B 453 -0.47 -10.45 -8.69
C LYS B 453 0.36 -11.75 -8.72
N GLU B 454 0.31 -12.49 -9.82
CA GLU B 454 0.97 -13.82 -9.97
C GLU B 454 2.25 -13.64 -10.80
N LYS B 455 3.37 -13.46 -10.10
CA LYS B 455 4.78 -13.28 -10.55
C LYS B 455 5.23 -14.41 -11.48
N LYS B 456 5.69 -14.07 -12.68
CA LYS B 456 6.23 -15.04 -13.64
C LYS B 456 7.75 -15.11 -13.56
N LEU B 457 8.42 -14.14 -12.95
CA LEU B 457 9.89 -14.15 -12.77
C LEU B 457 10.23 -14.51 -11.32
N ASN B 458 10.93 -15.63 -11.15
CA ASN B 458 11.44 -16.14 -9.85
C ASN B 458 12.91 -16.45 -10.06
N VAL B 459 13.79 -15.52 -9.72
CA VAL B 459 15.20 -15.60 -10.18
C VAL B 459 15.89 -16.82 -9.54
N GLU B 460 15.46 -17.29 -8.38
CA GLU B 460 16.10 -18.45 -7.70
C GLU B 460 16.00 -19.70 -8.60
N GLU B 461 14.95 -19.82 -9.40
CA GLU B 461 14.79 -20.98 -10.34
C GLU B 461 15.82 -20.90 -11.45
N LEU B 462 16.41 -19.72 -11.70
CA LEU B 462 17.42 -19.49 -12.73
C LEU B 462 18.86 -19.54 -12.18
N GLY B 463 19.06 -19.89 -10.91
CA GLY B 463 20.39 -19.90 -10.29
C GLY B 463 20.90 -18.49 -10.00
N LEU B 464 20.01 -17.52 -9.79
CA LEU B 464 20.32 -16.11 -9.49
C LEU B 464 19.74 -15.82 -8.10
N TYR B 465 20.17 -14.76 -7.44
CA TYR B 465 19.58 -14.36 -6.14
C TYR B 465 19.18 -12.87 -6.12
N ILE B 466 19.63 -12.06 -7.08
CA ILE B 466 19.25 -10.62 -7.08
C ILE B 466 18.18 -10.41 -8.15
N ASP B 467 16.95 -10.17 -7.68
CA ASP B 467 15.79 -9.90 -8.55
C ASP B 467 15.86 -8.45 -9.01
N PRO B 468 15.74 -8.19 -10.34
CA PRO B 468 15.90 -6.83 -10.87
C PRO B 468 14.84 -5.85 -10.37
N ARG B 469 13.60 -6.33 -10.17
CA ARG B 469 12.53 -5.41 -9.66
C ARG B 469 12.84 -5.08 -8.19
N PHE B 470 13.25 -6.06 -7.37
CA PHE B 470 13.61 -5.77 -5.95
C PHE B 470 14.72 -4.70 -5.94
N LEU B 471 15.74 -4.93 -6.77
CA LEU B 471 16.90 -4.02 -6.84
C LEU B 471 16.41 -2.61 -7.19
N ARG B 472 15.62 -2.49 -8.25
CA ARG B 472 15.31 -1.16 -8.84
C ARG B 472 14.31 -0.44 -7.92
N GLU B 473 13.46 -1.15 -7.20
CA GLU B 473 12.45 -0.54 -6.29
C GLU B 473 13.02 -0.27 -4.90
N GLU B 474 13.65 -1.26 -4.28
CA GLU B 474 14.04 -1.15 -2.86
C GLU B 474 15.46 -0.64 -2.72
N ILE B 475 16.40 -1.09 -3.55
CA ILE B 475 17.82 -0.71 -3.37
C ILE B 475 18.04 0.65 -4.04
N LEU B 476 17.49 0.85 -5.25
CA LEU B 476 17.60 2.15 -5.96
C LEU B 476 16.52 3.17 -5.54
N PHE B 477 15.25 2.94 -5.90
CA PHE B 477 14.22 4.02 -5.83
C PHE B 477 13.93 4.40 -4.39
N ASN B 478 13.55 3.43 -3.55
CA ASN B 478 13.19 3.67 -2.13
C ASN B 478 14.43 3.62 -1.22
N GLY B 479 15.61 3.31 -1.75
CA GLY B 479 16.84 3.24 -0.95
C GLY B 479 17.78 4.35 -1.26
N LEU B 480 18.59 4.23 -2.30
CA LEU B 480 19.63 5.22 -2.62
C LEU B 480 19.00 6.59 -2.92
N LEU B 481 18.01 6.64 -3.80
CA LEU B 481 17.44 7.94 -4.22
C LEU B 481 16.72 8.56 -3.03
N ARG B 482 15.93 7.80 -2.30
CA ARG B 482 15.29 8.34 -1.07
C ARG B 482 16.35 8.83 -0.08
N GLY B 483 17.41 8.04 0.12
CA GLY B 483 18.46 8.41 1.07
C GLY B 483 19.15 9.71 0.67
N LEU B 484 19.53 9.85 -0.61
CA LEU B 484 20.26 11.07 -1.05
C LEU B 484 19.36 12.29 -0.84
N GLN B 485 18.08 12.18 -1.23
CA GLN B 485 17.12 13.29 -1.10
C GLN B 485 16.94 13.62 0.39
N THR B 486 16.84 12.61 1.25
CA THR B 486 16.67 12.84 2.71
C THR B 486 17.89 13.57 3.29
N LEU B 487 19.10 13.21 2.83
CA LEU B 487 20.39 13.76 3.28
C LEU B 487 20.67 15.10 2.61
N ASN B 488 19.83 15.55 1.68
CA ASN B 488 19.96 16.84 0.95
C ASN B 488 21.26 16.82 0.12
N TYR B 489 21.56 15.69 -0.53
CA TYR B 489 22.60 15.64 -1.58
C TYR B 489 21.93 15.63 -2.96
N ASN B 490 22.33 16.55 -3.81
CA ASN B 490 21.87 16.59 -5.22
C ASN B 490 22.37 15.35 -5.96
N TYR B 491 21.54 14.75 -6.79
CA TYR B 491 21.99 13.72 -7.75
C TYR B 491 21.41 14.03 -9.11
N ASP B 492 22.07 13.52 -10.15
CA ASP B 492 21.51 13.43 -11.50
C ASP B 492 21.38 11.95 -11.83
N VAL B 493 20.48 11.60 -12.73
CA VAL B 493 20.39 10.24 -13.30
C VAL B 493 20.91 10.29 -14.74
N VAL B 494 21.60 9.24 -15.19
CA VAL B 494 22.10 9.10 -16.59
C VAL B 494 21.63 7.76 -17.16
N ASP B 495 21.06 7.75 -18.38
CA ASP B 495 20.76 6.54 -19.16
C ASP B 495 22.09 5.92 -19.58
N LEU B 496 22.38 4.72 -19.10
CA LEU B 496 23.69 4.08 -19.40
C LEU B 496 23.74 3.66 -20.87
N GLU B 497 22.60 3.57 -21.55
CA GLU B 497 22.54 3.10 -22.97
C GLU B 497 23.15 4.14 -23.92
N ASN B 498 24.14 3.72 -24.71
CA ASN B 498 24.83 4.60 -25.69
C ASN B 498 25.32 5.86 -24.98
N CYS B 499 25.73 5.73 -23.71
CA CYS B 499 26.12 6.84 -22.79
C CYS B 499 27.49 7.38 -23.19
N ASP B 500 27.61 8.71 -23.26
CA ASP B 500 28.85 9.45 -23.59
C ASP B 500 29.79 9.47 -22.37
N LEU B 501 30.97 8.84 -22.46
CA LEU B 501 31.99 8.90 -21.38
C LEU B 501 32.24 10.34 -20.95
N LYS B 502 32.31 11.28 -21.89
CA LYS B 502 32.64 12.70 -21.57
C LYS B 502 31.60 13.28 -20.62
N SER B 503 30.32 12.93 -20.75
CA SER B 503 29.22 13.42 -19.87
C SER B 503 29.44 12.94 -18.42
N LEU B 504 29.97 11.73 -18.20
CA LEU B 504 30.20 11.18 -16.82
C LEU B 504 31.35 11.90 -16.09
N THR B 505 32.30 12.58 -16.76
CA THR B 505 33.50 13.13 -16.08
C THR B 505 33.18 14.43 -15.33
N ALA B 506 32.07 15.12 -15.59
CA ALA B 506 31.63 16.27 -14.76
C ALA B 506 31.48 15.83 -13.28
N TYR B 507 31.09 14.58 -13.00
CA TYR B 507 30.65 14.14 -11.64
C TYR B 507 31.83 13.65 -10.78
N LYS B 508 31.74 13.79 -9.45
CA LYS B 508 32.75 13.26 -8.52
C LYS B 508 32.48 11.78 -8.21
N GLN B 509 31.24 11.34 -8.27
CA GLN B 509 30.92 9.89 -8.11
C GLN B 509 29.85 9.45 -9.10
N LEU B 510 29.99 8.21 -9.56
CA LEU B 510 28.95 7.47 -10.30
C LEU B 510 28.52 6.27 -9.47
N TRP B 511 27.25 6.18 -9.16
CA TRP B 511 26.67 5.06 -8.37
C TRP B 511 25.93 4.11 -9.28
N ILE B 512 26.34 2.86 -9.25
CA ILE B 512 25.70 1.80 -10.07
C ILE B 512 25.11 0.72 -9.14
N THR B 513 23.79 0.54 -9.18
CA THR B 513 23.11 -0.55 -8.47
C THR B 513 23.01 -1.69 -9.48
N SER B 514 23.76 -2.77 -9.24
CA SER B 514 23.99 -3.84 -10.24
C SER B 514 23.43 -5.16 -9.71
N ALA B 515 22.73 -5.86 -10.58
CA ALA B 515 22.36 -7.28 -10.36
C ALA B 515 23.53 -8.16 -10.87
N GLU B 516 23.27 -9.44 -11.09
CA GLU B 516 24.35 -10.37 -11.46
C GLU B 516 24.55 -10.29 -12.99
N PHE B 517 23.71 -9.55 -13.70
CA PHE B 517 23.71 -9.47 -15.19
C PHE B 517 23.78 -8.01 -15.64
N MET B 518 24.56 -7.78 -16.70
CA MET B 518 24.82 -6.44 -17.26
C MET B 518 25.44 -6.65 -18.64
N ASP B 519 24.96 -5.94 -19.67
CA ASP B 519 25.48 -6.16 -21.04
C ASP B 519 26.94 -5.67 -21.19
N ALA B 520 27.61 -6.24 -22.20
CA ALA B 520 29.04 -5.99 -22.46
C ALA B 520 29.30 -4.50 -22.67
N GLU B 521 28.39 -3.80 -23.37
CA GLU B 521 28.56 -2.37 -23.68
C GLU B 521 28.61 -1.58 -22.34
N THR B 522 27.73 -1.90 -21.38
CA THR B 522 27.73 -1.17 -20.08
C THR B 522 28.92 -1.62 -19.23
N GLN B 523 29.31 -2.89 -19.28
CA GLN B 523 30.51 -3.34 -18.54
C GLN B 523 31.73 -2.58 -19.06
N ASN B 524 31.86 -2.48 -20.39
CA ASN B 524 32.98 -1.75 -21.03
C ASN B 524 32.91 -0.27 -20.65
N LEU B 525 31.72 0.34 -20.67
CA LEU B 525 31.57 1.76 -20.32
C LEU B 525 32.09 1.99 -18.91
N LEU B 526 31.65 1.18 -17.94
CA LEU B 526 32.06 1.42 -16.55
C LEU B 526 33.57 1.16 -16.40
N SER B 527 34.11 0.19 -17.14
CA SER B 527 35.57 -0.12 -17.15
C SER B 527 36.36 1.14 -17.53
N GLU B 528 35.98 1.75 -18.65
CA GLU B 528 36.66 2.95 -19.23
C GLU B 528 36.50 4.14 -18.30
N PHE B 529 35.29 4.29 -17.72
CA PHE B 529 35.02 5.38 -16.75
C PHE B 529 36.05 5.38 -15.62
N VAL B 530 36.29 4.24 -14.97
CA VAL B 530 37.21 4.18 -13.80
C VAL B 530 38.66 4.33 -14.31
N LEU B 531 39.02 3.62 -15.39
CA LEU B 531 40.45 3.60 -15.86
C LEU B 531 40.85 5.03 -16.22
N ASN B 532 39.91 5.84 -16.72
CA ASN B 532 40.18 7.24 -17.16
C ASN B 532 40.17 8.24 -15.99
N GLY B 533 39.85 7.87 -14.75
CA GLY B 533 39.88 8.79 -13.60
C GLY B 533 38.57 8.88 -12.83
N GLY B 534 37.54 8.14 -13.21
CA GLY B 534 36.27 8.16 -12.48
C GLY B 534 36.28 7.39 -11.17
N ASN B 535 35.39 7.79 -10.25
CA ASN B 535 35.14 7.19 -8.93
C ASN B 535 33.79 6.46 -9.02
N LEU B 536 33.84 5.14 -8.97
CA LEU B 536 32.67 4.27 -9.14
C LEU B 536 32.31 3.62 -7.81
N ILE B 537 31.03 3.71 -7.46
CA ILE B 537 30.46 2.97 -6.31
C ILE B 537 29.53 1.90 -6.90
N LEU B 538 29.79 0.60 -6.65
CA LEU B 538 29.07 -0.50 -7.31
C LEU B 538 28.63 -1.51 -6.27
N TYR B 539 27.33 -1.82 -6.24
CA TYR B 539 26.74 -2.76 -5.26
C TYR B 539 25.38 -3.15 -5.78
N PRO B 540 24.74 -4.24 -5.31
CA PRO B 540 25.32 -5.24 -4.41
C PRO B 540 26.14 -6.36 -5.05
N ALA B 541 26.33 -6.32 -6.37
CA ALA B 541 27.06 -7.43 -7.04
C ALA B 541 27.92 -6.88 -8.17
N VAL B 542 29.14 -7.37 -8.26
CA VAL B 542 29.86 -7.38 -9.55
C VAL B 542 29.12 -8.33 -10.47
N PRO B 543 28.64 -7.87 -11.65
CA PRO B 543 27.92 -8.73 -12.57
C PRO B 543 28.88 -9.72 -13.25
N THR B 544 28.39 -10.90 -13.65
CA THR B 544 29.21 -11.94 -14.34
C THR B 544 28.42 -12.53 -15.51
N LEU B 545 27.27 -11.97 -15.85
CA LEU B 545 26.39 -12.45 -16.94
C LEU B 545 25.96 -11.25 -17.78
N ASP B 546 25.55 -11.51 -19.01
CA ASP B 546 24.97 -10.49 -19.93
C ASP B 546 23.44 -10.50 -19.82
N ASN B 547 22.73 -9.78 -20.67
CA ASN B 547 21.25 -9.67 -20.58
C ASN B 547 20.55 -10.99 -20.87
N TYR B 548 21.24 -11.98 -21.46
CA TYR B 548 20.69 -13.30 -21.82
C TYR B 548 21.25 -14.35 -20.87
N LEU B 549 21.88 -13.87 -19.78
CA LEU B 549 22.41 -14.71 -18.68
C LEU B 549 23.50 -15.64 -19.20
N ASN B 550 24.21 -15.19 -20.22
CA ASN B 550 25.42 -15.88 -20.74
C ASN B 550 26.64 -15.20 -20.12
N ARG B 551 27.72 -15.93 -19.96
CA ARG B 551 28.91 -15.41 -19.24
C ARG B 551 29.38 -14.07 -19.82
N CYS B 552 29.61 -13.07 -18.94
CA CYS B 552 30.21 -11.79 -19.36
C CYS B 552 30.88 -11.15 -18.14
N GLU B 553 32.21 -11.21 -18.11
CA GLU B 553 32.98 -10.89 -16.89
C GLU B 553 33.96 -9.79 -17.21
N ILE B 554 33.64 -8.94 -18.20
CA ILE B 554 34.51 -7.81 -18.62
C ILE B 554 34.87 -6.94 -17.42
N LEU B 555 33.88 -6.43 -16.69
CA LEU B 555 34.16 -5.48 -15.58
C LEU B 555 34.98 -6.18 -14.49
N LYS B 556 34.59 -7.39 -14.12
CA LYS B 556 35.28 -8.23 -13.09
C LYS B 556 36.76 -8.36 -13.49
N ASN B 557 37.01 -8.77 -14.74
CA ASN B 557 38.41 -9.04 -15.21
C ASN B 557 39.20 -7.74 -15.33
N ASN B 558 38.63 -6.68 -15.89
CA ASN B 558 39.33 -5.39 -16.09
C ASN B 558 39.70 -4.79 -14.74
N PHE B 559 38.92 -5.06 -13.69
CA PHE B 559 39.17 -4.52 -12.33
C PHE B 559 39.96 -5.51 -11.44
N GLY B 560 40.35 -6.66 -11.96
CA GLY B 560 41.16 -7.61 -11.17
C GLY B 560 40.44 -8.12 -9.93
N ILE B 561 39.12 -8.33 -10.06
CA ILE B 561 38.24 -8.77 -8.96
C ILE B 561 38.12 -10.28 -9.00
N GLU B 562 38.25 -10.90 -7.82
CA GLU B 562 37.86 -12.30 -7.59
C GLU B 562 36.94 -12.34 -6.38
N PHE B 563 35.98 -13.26 -6.40
CA PHE B 563 34.99 -13.39 -5.29
C PHE B 563 34.42 -14.80 -5.31
N ILE B 564 33.92 -15.20 -4.14
CA ILE B 564 33.08 -16.40 -3.95
C ILE B 564 31.78 -15.88 -3.33
N THR B 565 30.66 -16.39 -3.77
CA THR B 565 29.34 -16.08 -3.14
C THR B 565 29.13 -17.06 -1.97
N LYS B 566 28.96 -16.51 -0.78
CA LYS B 566 28.80 -17.29 0.48
C LYS B 566 27.67 -16.73 1.32
N ASP B 567 27.01 -17.61 2.05
CA ASP B 567 25.89 -17.29 2.98
C ASP B 567 26.45 -16.80 4.32
N SER B 568 25.89 -15.75 4.92
CA SER B 568 26.23 -15.23 6.27
C SER B 568 25.01 -14.48 6.83
N SER B 569 25.08 -14.06 8.09
CA SER B 569 24.08 -13.20 8.77
C SER B 569 23.72 -12.07 7.84
N HIS B 570 22.47 -11.59 7.88
CA HIS B 570 22.04 -10.39 7.13
C HIS B 570 22.88 -9.14 7.53
N LYS B 571 23.31 -9.01 8.79
CA LYS B 571 24.02 -7.80 9.25
C LYS B 571 25.51 -7.88 8.86
N VAL B 572 26.06 -6.77 8.41
CA VAL B 572 27.52 -6.60 8.14
C VAL B 572 27.99 -5.38 8.89
N SER B 573 29.30 -5.16 8.92
CA SER B 573 29.86 -3.86 9.30
C SER B 573 30.46 -3.25 8.05
N ALA B 574 30.38 -1.93 7.91
CA ALA B 574 30.93 -1.22 6.73
C ALA B 574 31.42 0.15 7.14
N PHE B 575 32.69 0.45 6.86
CA PHE B 575 33.33 1.76 7.17
C PHE B 575 33.17 2.05 8.67
N GLY B 576 33.24 0.97 9.47
CA GLY B 576 33.16 1.02 10.95
C GLY B 576 31.75 1.25 11.45
N ILE B 577 30.75 1.23 10.57
CA ILE B 577 29.34 1.23 11.01
C ILE B 577 28.97 -0.23 11.33
N GLU B 578 28.63 -0.52 12.58
CA GLU B 578 28.19 -1.88 12.97
C GLU B 578 26.71 -2.10 12.69
N ASP B 579 26.30 -3.34 12.48
CA ASP B 579 24.88 -3.74 12.42
C ASP B 579 24.17 -3.03 11.24
N VAL B 580 24.79 -3.06 10.07
CA VAL B 580 24.16 -2.63 8.80
C VAL B 580 23.33 -3.83 8.28
N PHE B 581 22.01 -3.75 8.30
CA PHE B 581 21.13 -4.85 7.86
C PHE B 581 21.12 -4.91 6.34
N THR B 582 21.38 -6.08 5.77
CA THR B 582 21.46 -6.25 4.30
C THR B 582 20.36 -7.22 3.87
N ALA B 583 19.98 -7.21 2.60
CA ALA B 583 18.78 -7.89 2.13
C ALA B 583 18.98 -9.39 2.00
N PHE B 584 20.22 -9.87 1.74
CA PHE B 584 20.49 -11.28 1.36
C PHE B 584 21.50 -11.92 2.30
N SER B 585 21.23 -13.19 2.62
CA SER B 585 22.23 -14.09 3.23
C SER B 585 23.45 -14.24 2.31
N LYS B 586 23.24 -14.49 1.02
CA LYS B 586 24.35 -14.63 0.02
C LYS B 586 25.00 -13.25 -0.15
N LYS B 587 26.33 -13.21 -0.11
CA LYS B 587 27.12 -11.98 -0.30
C LYS B 587 28.33 -12.34 -1.15
N GLN B 588 28.90 -11.36 -1.85
CA GLN B 588 30.20 -11.56 -2.55
C GLN B 588 31.32 -11.32 -1.55
N ILE B 589 32.21 -12.31 -1.42
CA ILE B 589 33.40 -12.25 -0.55
C ILE B 589 34.62 -12.07 -1.45
N TYR B 590 35.33 -10.96 -1.32
CA TYR B 590 36.33 -10.50 -2.30
C TYR B 590 37.73 -10.87 -1.85
N ASN B 591 38.53 -11.38 -2.79
CA ASN B 591 40.00 -11.41 -2.63
C ASN B 591 40.46 -9.97 -2.45
N ASP B 592 41.35 -9.66 -1.49
CA ASP B 592 41.73 -8.24 -1.22
C ASP B 592 43.17 -7.94 -1.65
N THR B 593 43.75 -8.81 -2.47
CA THR B 593 45.06 -8.42 -3.05
C THR B 593 44.93 -7.06 -3.73
N ASN B 594 45.87 -6.14 -3.47
CA ASN B 594 45.95 -4.82 -4.18
C ASN B 594 44.71 -4.00 -3.83
N SER B 595 44.05 -4.33 -2.72
CA SER B 595 42.75 -3.73 -2.33
C SER B 595 42.75 -3.39 -0.83
N LYS B 596 41.83 -2.53 -0.42
CA LYS B 596 41.62 -2.22 1.01
C LYS B 596 40.26 -2.75 1.43
N PRO B 597 40.20 -3.69 2.39
CA PRO B 597 38.92 -4.22 2.89
C PRO B 597 38.20 -3.14 3.70
N ILE B 598 36.93 -2.90 3.39
CA ILE B 598 36.15 -1.85 4.11
C ILE B 598 34.80 -2.36 4.61
N ALA B 599 34.44 -3.61 4.39
CA ALA B 599 33.17 -4.19 4.93
C ALA B 599 33.38 -5.66 5.24
N PHE B 600 32.71 -6.13 6.30
CA PHE B 600 32.96 -7.44 6.93
C PHE B 600 31.66 -8.12 7.33
N THR B 601 31.61 -9.42 7.13
CA THR B 601 30.52 -10.30 7.59
C THR B 601 30.67 -10.53 9.10
N GLN B 602 29.65 -11.14 9.70
CA GLN B 602 29.64 -11.39 11.16
C GLN B 602 30.90 -12.20 11.51
N GLU B 603 31.41 -13.02 10.59
CA GLU B 603 32.64 -13.82 10.85
C GLU B 603 33.89 -13.18 10.23
N ASN B 604 33.84 -11.90 9.89
CA ASN B 604 34.97 -11.05 9.47
C ASN B 604 35.47 -11.47 8.06
N GLU B 605 34.61 -12.06 7.24
CA GLU B 605 34.94 -12.26 5.82
C GLU B 605 34.78 -10.92 5.09
N ILE B 606 35.55 -10.70 4.04
CA ILE B 606 35.60 -9.39 3.32
C ILE B 606 34.47 -9.32 2.30
N CYS B 607 33.46 -8.46 2.57
CA CYS B 607 32.29 -8.28 1.67
C CYS B 607 32.28 -6.84 1.09
N GLY B 608 33.39 -6.12 1.15
CA GLY B 608 33.53 -4.84 0.46
C GLY B 608 34.96 -4.40 0.39
N ILE B 609 35.37 -3.84 -0.73
CA ILE B 609 36.77 -3.37 -0.92
C ILE B 609 36.80 -2.04 -1.64
N ARG B 610 37.88 -1.29 -1.44
CA ARG B 610 38.22 -0.12 -2.26
C ARG B 610 39.51 -0.43 -2.99
N LYS B 611 39.66 0.12 -4.16
CA LYS B 611 40.80 -0.18 -5.05
C LYS B 611 41.11 0.97 -5.98
N LYS B 612 42.37 1.17 -6.31
CA LYS B 612 42.76 2.10 -7.38
C LYS B 612 42.91 1.30 -8.66
N ILE B 613 42.28 1.74 -9.74
CA ILE B 613 42.33 1.12 -11.08
C ILE B 613 42.66 2.23 -12.07
N GLY B 614 43.79 2.13 -12.79
CA GLY B 614 44.27 3.24 -13.63
C GLY B 614 44.30 4.54 -12.86
N LYS B 615 43.70 5.60 -13.41
CA LYS B 615 43.62 6.93 -12.77
C LYS B 615 42.43 7.00 -11.80
N GLY B 616 41.55 5.99 -11.76
CA GLY B 616 40.29 6.08 -11.00
C GLY B 616 40.23 5.24 -9.74
N GLU B 617 39.03 5.19 -9.15
CA GLU B 617 38.77 4.61 -7.81
C GLU B 617 37.53 3.71 -7.93
N LEU B 618 37.58 2.56 -7.28
CA LEU B 618 36.47 1.60 -7.23
C LEU B 618 36.09 1.32 -5.76
N THR B 619 34.80 1.42 -5.43
CA THR B 619 34.25 0.96 -4.15
C THR B 619 33.20 -0.08 -4.49
N ILE B 620 33.44 -1.34 -4.11
CA ILE B 620 32.49 -2.45 -4.40
C ILE B 620 31.97 -2.99 -3.06
N LEU B 621 30.65 -3.00 -2.91
CA LEU B 621 29.98 -3.63 -1.75
C LEU B 621 29.24 -4.89 -2.23
N GLY B 622 29.57 -6.04 -1.67
CA GLY B 622 28.97 -7.32 -2.05
C GLY B 622 27.74 -7.66 -1.26
N PHE B 623 26.96 -6.64 -0.90
CA PHE B 623 25.73 -6.76 -0.09
C PHE B 623 24.77 -5.67 -0.53
N ALA B 624 23.47 -5.90 -0.25
CA ALA B 624 22.40 -5.00 -0.69
C ALA B 624 21.81 -4.28 0.54
N PHE B 625 21.72 -2.96 0.46
CA PHE B 625 21.02 -2.18 1.51
C PHE B 625 20.20 -1.15 0.80
N GLY B 626 19.09 -0.80 1.41
CA GLY B 626 18.27 0.30 0.94
C GLY B 626 18.27 1.39 1.97
N TYR B 627 17.07 1.87 2.32
CA TYR B 627 16.94 2.81 3.44
C TYR B 627 15.83 2.28 4.37
N THR B 628 16.20 1.44 5.31
CA THR B 628 15.24 0.87 6.29
C THR B 628 15.80 0.93 7.72
N SER B 629 16.89 1.66 7.95
CA SER B 629 17.49 1.92 9.27
C SER B 629 18.31 3.19 9.24
N ASP B 630 18.61 3.76 10.39
CA ASP B 630 19.54 4.92 10.48
C ASP B 630 20.95 4.52 10.00
N GLU B 631 21.38 3.28 10.20
CA GLU B 631 22.73 2.87 9.71
C GLU B 631 22.79 3.03 8.18
N HIS B 632 21.71 2.82 7.48
CA HIS B 632 21.71 2.95 6.01
C HIS B 632 22.00 4.42 5.60
N LEU B 633 21.37 5.40 6.27
CA LEU B 633 21.68 6.82 6.01
C LEU B 633 23.13 7.09 6.41
N GLU B 634 23.60 6.57 7.54
CA GLU B 634 25.01 6.75 7.92
C GLU B 634 25.93 6.21 6.80
N LEU B 635 25.63 5.05 6.24
CA LEU B 635 26.49 4.40 5.19
C LEU B 635 26.46 5.24 3.90
N ILE B 636 25.28 5.69 3.47
CA ILE B 636 25.21 6.56 2.25
C ILE B 636 26.06 7.80 2.51
N ASP B 637 25.92 8.41 3.69
CA ASP B 637 26.64 9.66 4.01
C ASP B 637 28.15 9.41 3.95
N LYS B 638 28.62 8.32 4.52
CA LYS B 638 30.06 7.94 4.47
C LYS B 638 30.53 7.74 3.03
N LEU B 639 29.76 7.06 2.20
CA LEU B 639 30.13 6.79 0.79
C LEU B 639 30.26 8.12 0.03
N VAL B 640 29.31 9.04 0.20
CA VAL B 640 29.36 10.37 -0.48
C VAL B 640 30.64 11.10 -0.05
N LYS B 641 30.99 10.99 1.23
CA LYS B 641 32.13 11.73 1.84
C LYS B 641 33.46 11.11 1.43
N LEU B 642 33.49 9.89 0.90
CA LEU B 642 34.74 9.31 0.34
C LEU B 642 35.31 10.27 -0.71
N ASN B 643 34.49 10.99 -1.48
CA ASN B 643 35.06 11.91 -2.52
C ASN B 643 34.75 13.37 -2.18
N LYS B 644 34.54 13.66 -0.90
CA LYS B 644 34.62 15.05 -0.35
C LYS B 644 33.51 15.88 -0.96
N ILE B 645 32.37 15.25 -1.21
CA ILE B 645 31.14 15.95 -1.66
C ILE B 645 30.47 16.56 -0.42
N LYS B 646 30.01 17.79 -0.55
CA LYS B 646 29.46 18.57 0.58
C LYS B 646 28.05 18.98 0.20
N ARG B 647 27.14 19.04 1.18
CA ARG B 647 25.79 19.66 0.98
C ARG B 647 25.99 21.17 0.77
N GLU B 648 25.06 21.86 0.12
CA GLU B 648 25.26 23.33 -0.13
C GLU B 648 25.08 24.11 1.19
N LEU B 649 24.19 23.65 2.07
CA LEU B 649 23.82 24.39 3.30
C LEU B 649 24.06 23.50 4.51
N PHE B 650 24.36 24.14 5.64
CA PHE B 650 24.21 23.60 7.01
C PHE B 650 22.84 24.07 7.48
N VAL B 651 21.95 23.11 7.72
CA VAL B 651 20.59 23.38 8.24
C VAL B 651 20.49 22.66 9.59
N SER B 652 20.08 23.35 10.63
CA SER B 652 20.23 22.88 12.02
C SER B 652 19.30 21.69 12.26
N ASP B 653 18.21 21.54 11.50
CA ASP B 653 17.24 20.43 11.66
C ASP B 653 17.45 19.47 10.49
N LYS B 654 17.96 18.26 10.75
CA LYS B 654 18.31 17.29 9.66
C LYS B 654 17.05 16.84 8.93
N ASP B 655 15.86 17.02 9.51
CA ASP B 655 14.60 16.49 8.92
C ASP B 655 13.91 17.56 8.06
N ILE B 656 14.52 18.74 7.93
CA ILE B 656 14.15 19.71 6.87
C ILE B 656 14.85 19.34 5.57
N GLN B 657 14.08 19.25 4.49
CA GLN B 657 14.62 19.01 3.14
C GLN B 657 14.85 20.38 2.50
N PHE B 658 15.95 20.51 1.76
CA PHE B 658 16.15 21.77 0.99
C PHE B 658 16.62 21.41 -0.40
N VAL B 659 16.38 22.35 -1.31
CA VAL B 659 16.94 22.32 -2.66
C VAL B 659 17.47 23.72 -2.97
N VAL B 660 18.75 23.80 -3.32
CA VAL B 660 19.34 25.07 -3.83
C VAL B 660 19.35 25.04 -5.36
N ARG B 661 18.62 25.95 -5.96
CA ARG B 661 18.61 26.12 -7.45
C ARG B 661 19.28 27.43 -7.77
N GLU B 662 20.21 27.43 -8.72
CA GLU B 662 21.08 28.58 -9.02
C GLU B 662 21.23 28.76 -10.51
N ASN B 663 21.51 30.01 -10.92
CA ASN B 663 22.21 30.31 -12.20
C ASN B 663 23.32 31.33 -11.87
N ASN B 664 23.89 32.02 -12.86
CA ASN B 664 25.01 32.96 -12.58
C ASN B 664 24.54 34.11 -11.66
N LYS B 665 23.29 34.52 -11.74
CA LYS B 665 22.78 35.76 -11.07
C LYS B 665 21.94 35.47 -9.81
N SER B 666 21.17 34.38 -9.81
CA SER B 666 19.99 34.15 -8.94
C SER B 666 20.20 32.83 -8.18
N ARG B 667 19.78 32.82 -6.93
CA ARG B 667 19.71 31.56 -6.15
C ARG B 667 18.33 31.50 -5.50
N TYR B 668 17.71 30.33 -5.55
CA TYR B 668 16.47 30.00 -4.86
C TYR B 668 16.81 28.89 -3.86
N ILE B 669 16.40 29.10 -2.62
CA ILE B 669 16.47 28.02 -1.61
C ILE B 669 15.04 27.58 -1.32
N PHE B 670 14.71 26.33 -1.62
CA PHE B 670 13.42 25.71 -1.30
C PHE B 670 13.56 24.89 -0.02
N PHE B 671 12.84 25.27 1.03
CA PHE B 671 12.77 24.50 2.31
C PHE B 671 11.44 23.78 2.35
N LEU B 672 11.46 22.48 2.59
CA LEU B 672 10.27 21.60 2.52
C LEU B 672 10.20 20.86 3.86
N ASN B 673 9.06 20.96 4.53
CA ASN B 673 8.78 20.24 5.79
C ASN B 673 7.75 19.15 5.49
N TYR B 674 8.21 17.92 5.33
CA TYR B 674 7.37 16.76 4.96
C TYR B 674 6.82 16.05 6.21
N HIS B 675 6.80 16.71 7.37
CA HIS B 675 6.55 16.09 8.69
C HIS B 675 5.36 16.78 9.39
N ASN B 676 4.61 16.05 10.22
CA ASN B 676 3.52 16.67 11.01
C ASN B 676 4.08 17.27 12.29
N GLU B 677 4.85 18.35 12.13
CA GLU B 677 5.53 19.02 13.25
C GLU B 677 5.86 20.43 12.79
N ARG B 678 5.51 21.42 13.60
CA ARG B 678 6.02 22.79 13.32
C ARG B 678 7.50 22.81 13.65
N LYS B 679 8.36 23.14 12.67
CA LYS B 679 9.82 23.08 12.86
C LYS B 679 10.40 24.49 12.79
N THR B 680 11.35 24.74 13.68
CA THR B 680 12.14 25.99 13.75
C THR B 680 13.60 25.63 13.56
N PHE B 681 14.27 26.32 12.65
CA PHE B 681 15.66 25.99 12.29
C PHE B 681 16.38 27.24 11.81
N ASN B 682 17.68 27.11 11.67
CA ASN B 682 18.54 28.12 11.00
C ASN B 682 19.39 27.45 9.91
N TYR B 683 19.91 28.24 9.01
CA TYR B 683 20.74 27.77 7.88
C TYR B 683 21.89 28.75 7.61
N ARG B 684 22.91 28.26 6.92
CA ARG B 684 24.07 29.06 6.41
C ARG B 684 24.69 28.25 5.28
N LYS B 685 25.61 28.82 4.50
CA LYS B 685 26.30 28.13 3.38
C LYS B 685 27.26 27.03 3.85
N GLU B 695 18.87 34.24 10.66
CA GLU B 695 18.81 33.20 9.60
C GLU B 695 18.01 32.01 10.17
N GLU B 696 16.90 32.32 10.91
CA GLU B 696 16.11 31.50 11.88
C GLU B 696 14.61 31.46 11.50
N ILE B 697 14.07 30.31 11.16
CA ILE B 697 12.82 30.26 10.34
C ILE B 697 11.90 29.16 10.89
N SER B 698 10.58 29.37 10.84
CA SER B 698 9.57 28.39 11.35
C SER B 698 8.73 27.98 10.16
N ILE B 699 8.52 26.68 9.99
CA ILE B 699 7.70 26.16 8.87
C ILE B 699 6.63 25.24 9.49
N ALA B 700 5.39 25.47 9.09
CA ALA B 700 4.23 24.69 9.51
C ALA B 700 4.38 23.23 9.11
N PRO B 701 3.61 22.30 9.73
CA PRO B 701 3.54 20.93 9.19
C PRO B 701 3.22 20.88 7.69
N PHE B 702 3.85 19.96 6.95
CA PHE B 702 3.50 19.64 5.56
C PHE B 702 3.49 20.93 4.72
N SER B 703 4.52 21.73 4.89
CA SER B 703 4.59 23.11 4.35
C SER B 703 6.00 23.42 3.81
N TYR B 704 6.19 24.69 3.43
CA TYR B 704 7.34 25.10 2.62
C TYR B 704 7.68 26.55 2.92
N LYS B 705 8.88 26.91 2.54
CA LYS B 705 9.34 28.33 2.52
C LYS B 705 10.36 28.46 1.41
N VAL B 706 10.27 29.53 0.62
CA VAL B 706 11.23 29.77 -0.48
C VAL B 706 11.96 31.11 -0.19
N ILE B 707 13.27 31.06 -0.24
CA ILE B 707 14.21 32.20 0.00
C ILE B 707 14.94 32.50 -1.31
N LYS B 708 15.02 33.78 -1.68
CA LYS B 708 15.82 34.29 -2.83
C LYS B 708 17.11 34.93 -2.33
N GLU B 709 18.21 34.60 -2.98
CA GLU B 709 19.54 35.21 -2.70
C GLU B 709 20.11 35.71 -4.03
N ASN B 710 20.57 36.96 -4.09
CA ASN B 710 21.25 37.49 -5.30
C ASN B 710 22.71 37.06 -5.16
N LYS B 711 23.39 36.71 -6.24
CA LYS B 711 24.75 36.11 -6.10
C LYS B 711 25.86 37.17 -6.22
C1 GYP C . 5.19 -7.43 13.37
C2 GYP C . 4.20 -6.97 14.43
C3 GYP C . 2.74 -7.23 14.01
C4 GYP C . 2.50 -6.65 12.59
C5 GYP C . 3.55 -7.23 11.63
C6 GYP C . 3.44 -6.65 10.20
C7 GYP C . 6.41 -9.41 12.71
O1 GYP C . 5.17 -8.88 13.25
O2 GYP C . 4.42 -7.59 15.73
O3 GYP C . 1.79 -6.69 14.95
O4 GYP C . 1.15 -6.94 12.14
O5 GYP C . 4.88 -6.90 12.07
O6 GYP C . 3.39 -5.20 10.25
CA CA D . 42.90 -9.63 -8.13
#